data_4U3H
# 
_entry.id   4U3H 
# 
_audit_conform.dict_name       mmcif_pdbx.dic 
_audit_conform.dict_version    5.379 
_audit_conform.dict_location   http://mmcif.pdb.org/dictionaries/ascii/mmcif_pdbx.dic 
# 
loop_
_database_2.database_id 
_database_2.database_code 
_database_2.pdbx_database_accession 
_database_2.pdbx_DOI 
PDB   4U3H         pdb_00004u3h 10.2210/pdb4u3h/pdb 
WWPDB D_1000201221 ?            ?                   
# 
_pdbx_database_status.status_code                     REL 
_pdbx_database_status.status_code_sf                  REL 
_pdbx_database_status.status_code_mr                  ? 
_pdbx_database_status.entry_id                        4U3H 
_pdbx_database_status.recvd_initial_deposition_date   2014-07-21 
_pdbx_database_status.SG_entry                        N 
_pdbx_database_status.deposit_site                    RCSB 
_pdbx_database_status.process_site                    RCSB 
_pdbx_database_status.status_code_cs                  ? 
_pdbx_database_status.methods_development_category    ? 
_pdbx_database_status.status_code_nmr_data            ? 
_pdbx_database_status.pdb_format_compatible           Y 
# 
loop_
_audit_author.name 
_audit_author.pdbx_ordinal 
'Porebski, B.T.' 1 
'McGowan, S.'    2 
'Buckle, A.M.'   3 
# 
_citation.abstract                  ? 
_citation.abstract_id_CAS           ? 
_citation.book_id_ISBN              ? 
_citation.book_publisher            ? 
_citation.book_publisher_city       ? 
_citation.book_title                ? 
_citation.coordinate_linkage        ? 
_citation.country                   UK 
_citation.database_id_Medline       ? 
_citation.details                   ? 
_citation.id                        primary 
_citation.journal_abbrev            'Protein Eng.Des.Sel.' 
_citation.journal_id_ASTM           ? 
_citation.journal_id_CSD            ? 
_citation.journal_id_ISSN           1741-0134 
_citation.journal_full              ? 
_citation.journal_issue             ? 
_citation.journal_volume            28 
_citation.language                  ? 
_citation.page_first                67 
_citation.page_last                 78 
_citation.title                     
'Structural and dynamic properties that govern the stability of an engineered fibronectin type III domain.' 
_citation.year                      2015 
_citation.database_id_CSD           ? 
_citation.pdbx_database_id_DOI      10.1093/protein/gzv002 
_citation.pdbx_database_id_PubMed   25691761 
_citation.unpublished_flag          ? 
# 
loop_
_citation_author.citation_id 
_citation_author.name 
_citation_author.ordinal 
_citation_author.identifier_ORCID 
primary 'Porebski, B.T.' 1 ? 
primary 'Nickson, A.A.'  2 ? 
primary 'Hoke, D.E.'     3 ? 
primary 'Hunter, M.R.'   4 ? 
primary 'Zhu, L.'        5 ? 
primary 'McGowan, S.'    6 ? 
primary 'Webb, G.I.'     7 ? 
primary 'Buckle, A.M.'   8 ? 
# 
_cell.entry_id           4U3H 
_cell.length_a           86.100 
_cell.length_b           86.100 
_cell.length_c           86.100 
_cell.angle_alpha        90.00 
_cell.angle_beta         90.00 
_cell.angle_gamma        90.00 
_cell.Z_PDB              24 
_cell.pdbx_unique_axis   ? 
# 
_symmetry.entry_id                         4U3H 
_symmetry.cell_setting                     ? 
_symmetry.Int_Tables_number                213 
_symmetry.space_group_name_Hall            ? 
_symmetry.space_group_name_H-M             'P 41 3 2' 
_symmetry.pdbx_full_space_group_name_H-M   ? 
# 
loop_
_entity.id 
_entity.type 
_entity.src_method 
_entity.pdbx_description 
_entity.formula_weight 
_entity.pdbx_number_of_molecules 
_entity.pdbx_ec 
_entity.pdbx_mutation 
_entity.pdbx_fragment 
_entity.details 
1 polymer syn FN3con 10759.838 1  ? ? ? ? 
2 water   nat water  18.015    61 ? ? ? ? 
# 
_entity_poly.entity_id                      1 
_entity_poly.type                           'polypeptide(L)' 
_entity_poly.nstd_linkage                   no 
_entity_poly.nstd_monomer                   no 
_entity_poly.pdbx_seq_one_letter_code       
;MHHHHHHLVPRGSPSPPGNLRVTDVTSTSVTLSWEPPPGPITGYRVEYREAGGEWKEVTVPGSETSYTVTGLKPGTEYEF
RVRAVNGAGEGPPSSVSVTT
;
_entity_poly.pdbx_seq_one_letter_code_can   
;MHHHHHHLVPRGSPSPPGNLRVTDVTSTSVTLSWEPPPGPITGYRVEYREAGGEWKEVTVPGSETSYTVTGLKPGTEYEF
RVRAVNGAGEGPPSSVSVTT
;
_entity_poly.pdbx_strand_id                 A 
_entity_poly.pdbx_target_identifier         ? 
# 
loop_
_entity_poly_seq.entity_id 
_entity_poly_seq.num 
_entity_poly_seq.mon_id 
_entity_poly_seq.hetero 
1 1   MET n 
1 2   HIS n 
1 3   HIS n 
1 4   HIS n 
1 5   HIS n 
1 6   HIS n 
1 7   HIS n 
1 8   LEU n 
1 9   VAL n 
1 10  PRO n 
1 11  ARG n 
1 12  GLY n 
1 13  SER n 
1 14  PRO n 
1 15  SER n 
1 16  PRO n 
1 17  PRO n 
1 18  GLY n 
1 19  ASN n 
1 20  LEU n 
1 21  ARG n 
1 22  VAL n 
1 23  THR n 
1 24  ASP n 
1 25  VAL n 
1 26  THR n 
1 27  SER n 
1 28  THR n 
1 29  SER n 
1 30  VAL n 
1 31  THR n 
1 32  LEU n 
1 33  SER n 
1 34  TRP n 
1 35  GLU n 
1 36  PRO n 
1 37  PRO n 
1 38  PRO n 
1 39  GLY n 
1 40  PRO n 
1 41  ILE n 
1 42  THR n 
1 43  GLY n 
1 44  TYR n 
1 45  ARG n 
1 46  VAL n 
1 47  GLU n 
1 48  TYR n 
1 49  ARG n 
1 50  GLU n 
1 51  ALA n 
1 52  GLY n 
1 53  GLY n 
1 54  GLU n 
1 55  TRP n 
1 56  LYS n 
1 57  GLU n 
1 58  VAL n 
1 59  THR n 
1 60  VAL n 
1 61  PRO n 
1 62  GLY n 
1 63  SER n 
1 64  GLU n 
1 65  THR n 
1 66  SER n 
1 67  TYR n 
1 68  THR n 
1 69  VAL n 
1 70  THR n 
1 71  GLY n 
1 72  LEU n 
1 73  LYS n 
1 74  PRO n 
1 75  GLY n 
1 76  THR n 
1 77  GLU n 
1 78  TYR n 
1 79  GLU n 
1 80  PHE n 
1 81  ARG n 
1 82  VAL n 
1 83  ARG n 
1 84  ALA n 
1 85  VAL n 
1 86  ASN n 
1 87  GLY n 
1 88  ALA n 
1 89  GLY n 
1 90  GLU n 
1 91  GLY n 
1 92  PRO n 
1 93  PRO n 
1 94  SER n 
1 95  SER n 
1 96  VAL n 
1 97  SER n 
1 98  VAL n 
1 99  THR n 
1 100 THR n 
# 
_pdbx_entity_src_syn.entity_id              1 
_pdbx_entity_src_syn.pdbx_src_id            1 
_pdbx_entity_src_syn.pdbx_alt_source_flag   sample 
_pdbx_entity_src_syn.pdbx_beg_seq_num       1 
_pdbx_entity_src_syn.pdbx_end_seq_num       100 
_pdbx_entity_src_syn.organism_scientific    'synthetic construct' 
_pdbx_entity_src_syn.organism_common_name   ? 
_pdbx_entity_src_syn.ncbi_taxonomy_id       32630 
_pdbx_entity_src_syn.details                'This sequence was generated through consensus design' 
# 
_struct_ref.id                         1 
_struct_ref.db_name                    PDB 
_struct_ref.db_code                    4U3H 
_struct_ref.pdbx_db_accession          4U3H 
_struct_ref.entity_id                  1 
_struct_ref.pdbx_seq_one_letter_code   ? 
_struct_ref.pdbx_align_begin           1 
_struct_ref.pdbx_db_isoform            ? 
# 
_struct_ref_seq.align_id                      1 
_struct_ref_seq.ref_id                        1 
_struct_ref_seq.pdbx_PDB_id_code              4U3H 
_struct_ref_seq.pdbx_strand_id                A 
_struct_ref_seq.seq_align_beg                 1 
_struct_ref_seq.pdbx_seq_align_beg_ins_code   ? 
_struct_ref_seq.seq_align_end                 100 
_struct_ref_seq.pdbx_seq_align_end_ins_code   ? 
_struct_ref_seq.pdbx_db_accession             4U3H 
_struct_ref_seq.db_align_beg                  1 
_struct_ref_seq.pdbx_db_align_beg_ins_code    ? 
_struct_ref_seq.db_align_end                  100 
_struct_ref_seq.pdbx_db_align_end_ins_code    ? 
_struct_ref_seq.pdbx_auth_seq_align_beg       1 
_struct_ref_seq.pdbx_auth_seq_align_end       100 
# 
loop_
_chem_comp.id 
_chem_comp.type 
_chem_comp.mon_nstd_flag 
_chem_comp.name 
_chem_comp.pdbx_synonyms 
_chem_comp.formula 
_chem_comp.formula_weight 
ALA 'L-peptide linking' y ALANINE         ? 'C3 H7 N O2'     89.093  
ARG 'L-peptide linking' y ARGININE        ? 'C6 H15 N4 O2 1' 175.209 
ASN 'L-peptide linking' y ASPARAGINE      ? 'C4 H8 N2 O3'    132.118 
ASP 'L-peptide linking' y 'ASPARTIC ACID' ? 'C4 H7 N O4'     133.103 
GLU 'L-peptide linking' y 'GLUTAMIC ACID' ? 'C5 H9 N O4'     147.129 
GLY 'peptide linking'   y GLYCINE         ? 'C2 H5 N O2'     75.067  
HIS 'L-peptide linking' y HISTIDINE       ? 'C6 H10 N3 O2 1' 156.162 
HOH non-polymer         . WATER           ? 'H2 O'           18.015  
ILE 'L-peptide linking' y ISOLEUCINE      ? 'C6 H13 N O2'    131.173 
LEU 'L-peptide linking' y LEUCINE         ? 'C6 H13 N O2'    131.173 
LYS 'L-peptide linking' y LYSINE          ? 'C6 H15 N2 O2 1' 147.195 
MET 'L-peptide linking' y METHIONINE      ? 'C5 H11 N O2 S'  149.211 
PHE 'L-peptide linking' y PHENYLALANINE   ? 'C9 H11 N O2'    165.189 
PRO 'L-peptide linking' y PROLINE         ? 'C5 H9 N O2'     115.130 
SER 'L-peptide linking' y SERINE          ? 'C3 H7 N O3'     105.093 
THR 'L-peptide linking' y THREONINE       ? 'C4 H9 N O3'     119.119 
TRP 'L-peptide linking' y TRYPTOPHAN      ? 'C11 H12 N2 O2'  204.225 
TYR 'L-peptide linking' y TYROSINE        ? 'C9 H11 N O3'    181.189 
VAL 'L-peptide linking' y VALINE          ? 'C5 H11 N O2'    117.146 
# 
_exptl.absorpt_coefficient_mu     ? 
_exptl.absorpt_correction_T_max   ? 
_exptl.absorpt_correction_T_min   ? 
_exptl.absorpt_correction_type    ? 
_exptl.absorpt_process_details    ? 
_exptl.entry_id                   4U3H 
_exptl.crystals_number            1 
_exptl.details                    ? 
_exptl.method                     'X-RAY DIFFRACTION' 
_exptl.method_details             ? 
# 
_exptl_crystal.colour                      ? 
_exptl_crystal.density_diffrn              ? 
_exptl_crystal.density_Matthews            2.47 
_exptl_crystal.density_method              ? 
_exptl_crystal.density_percent_sol         50.27 
_exptl_crystal.description                 'Small hexagonal or cubical crystals' 
_exptl_crystal.F_000                       ? 
_exptl_crystal.id                          1 
_exptl_crystal.preparation                 ? 
_exptl_crystal.size_max                    ? 
_exptl_crystal.size_mid                    ? 
_exptl_crystal.size_min                    ? 
_exptl_crystal.size_rad                    ? 
_exptl_crystal.colour_lustre               ? 
_exptl_crystal.colour_modifier             ? 
_exptl_crystal.colour_primary              ? 
_exptl_crystal.density_meas                ? 
_exptl_crystal.density_meas_esd            ? 
_exptl_crystal.density_meas_gt             ? 
_exptl_crystal.density_meas_lt             ? 
_exptl_crystal.density_meas_temp           ? 
_exptl_crystal.density_meas_temp_esd       ? 
_exptl_crystal.density_meas_temp_gt        ? 
_exptl_crystal.density_meas_temp_lt        ? 
_exptl_crystal.pdbx_crystal_image_url      ? 
_exptl_crystal.pdbx_crystal_image_format   ? 
_exptl_crystal.pdbx_mosaicity              ? 
_exptl_crystal.pdbx_mosaicity_esd          ? 
# 
_exptl_crystal_grow.apparatus       ? 
_exptl_crystal_grow.atmosphere      ? 
_exptl_crystal_grow.crystal_id      1 
_exptl_crystal_grow.details         ? 
_exptl_crystal_grow.method          'VAPOR DIFFUSION, HANGING DROP' 
_exptl_crystal_grow.method_ref      ? 
_exptl_crystal_grow.pH              4.2 
_exptl_crystal_grow.pressure        ? 
_exptl_crystal_grow.pressure_esd    ? 
_exptl_crystal_grow.seeding         ? 
_exptl_crystal_grow.seeding_ref     ? 
_exptl_crystal_grow.temp            288 
_exptl_crystal_grow.temp_details    ? 
_exptl_crystal_grow.temp_esd        ? 
_exptl_crystal_grow.time            ? 
_exptl_crystal_grow.pdbx_details    '0.1M phosphate-citrate pH 4.2 and 40% PEG 300' 
_exptl_crystal_grow.pdbx_pH_range   ? 
# 
_diffrn.ambient_environment    ? 
_diffrn.ambient_temp           100 
_diffrn.ambient_temp_details   ? 
_diffrn.ambient_temp_esd       ? 
_diffrn.crystal_id             1 
_diffrn.crystal_support        ? 
_diffrn.crystal_treatment      ? 
_diffrn.details                ? 
_diffrn.id                     1 
_diffrn.ambient_pressure       ? 
_diffrn.ambient_pressure_esd   ? 
_diffrn.ambient_pressure_gt    ? 
_diffrn.ambient_pressure_lt    ? 
_diffrn.ambient_temp_gt        ? 
_diffrn.ambient_temp_lt        ? 
# 
_diffrn_detector.details                      ? 
_diffrn_detector.detector                     CCD 
_diffrn_detector.diffrn_id                    1 
_diffrn_detector.type                         'ADSC QUANTUM 210r' 
_diffrn_detector.area_resol_mean              ? 
_diffrn_detector.dtime                        ? 
_diffrn_detector.pdbx_frames_total            ? 
_diffrn_detector.pdbx_collection_time_total   ? 
_diffrn_detector.pdbx_collection_date         2013-12-04 
# 
_diffrn_radiation.collimation                      ? 
_diffrn_radiation.diffrn_id                        1 
_diffrn_radiation.filter_edge                      ? 
_diffrn_radiation.inhomogeneity                    ? 
_diffrn_radiation.monochromator                    'Silicon Double Crystal' 
_diffrn_radiation.polarisn_norm                    ? 
_diffrn_radiation.polarisn_ratio                   ? 
_diffrn_radiation.probe                            ? 
_diffrn_radiation.type                             ? 
_diffrn_radiation.xray_symbol                      ? 
_diffrn_radiation.wavelength_id                    1 
_diffrn_radiation.pdbx_monochromatic_or_laue_m_l   M 
_diffrn_radiation.pdbx_wavelength_list             ? 
_diffrn_radiation.pdbx_wavelength                  ? 
_diffrn_radiation.pdbx_diffrn_protocol             'SINGLE WAVELENGTH' 
_diffrn_radiation.pdbx_analyzer                    ? 
_diffrn_radiation.pdbx_scattering_type             x-ray 
# 
_diffrn_radiation_wavelength.id           1 
_diffrn_radiation_wavelength.wavelength   0.9537 
_diffrn_radiation_wavelength.wt           1.0 
# 
_diffrn_source.current                     ? 
_diffrn_source.details                     ? 
_diffrn_source.diffrn_id                   1 
_diffrn_source.power                       ? 
_diffrn_source.size                        ? 
_diffrn_source.source                      SYNCHROTRON 
_diffrn_source.target                      ? 
_diffrn_source.type                        'AUSTRALIAN SYNCHROTRON BEAMLINE MX1' 
_diffrn_source.voltage                     ? 
_diffrn_source.take-off_angle              ? 
_diffrn_source.pdbx_wavelength_list        0.9537 
_diffrn_source.pdbx_wavelength             ? 
_diffrn_source.pdbx_synchrotron_beamline   MX1 
_diffrn_source.pdbx_synchrotron_site       'Australian Synchrotron' 
# 
_reflns.B_iso_Wilson_estimate            ? 
_reflns.entry_id                         4U3H 
_reflns.data_reduction_details           ? 
_reflns.data_reduction_method            ? 
_reflns.d_resolution_high                1.98 
_reflns.d_resolution_low                 35.15 
_reflns.details                          ? 
_reflns.limit_h_max                      ? 
_reflns.limit_h_min                      ? 
_reflns.limit_k_max                      ? 
_reflns.limit_k_min                      ? 
_reflns.limit_l_max                      ? 
_reflns.limit_l_min                      ? 
_reflns.number_all                       ? 
_reflns.number_obs                       8078 
_reflns.observed_criterion               ? 
_reflns.observed_criterion_F_max         ? 
_reflns.observed_criterion_F_min         ? 
_reflns.observed_criterion_I_max         ? 
_reflns.observed_criterion_I_min         ? 
_reflns.observed_criterion_sigma_F       ? 
_reflns.observed_criterion_sigma_I       ? 
_reflns.percent_possible_obs             100.00 
_reflns.R_free_details                   ? 
_reflns.Rmerge_F_all                     ? 
_reflns.Rmerge_F_obs                     ? 
_reflns.Friedel_coverage                 ? 
_reflns.number_gt                        ? 
_reflns.threshold_expression             ? 
_reflns.pdbx_redundancy                  2.0 
_reflns.pdbx_Rmerge_I_obs                0.108 
_reflns.pdbx_Rmerge_I_all                ? 
_reflns.pdbx_Rsym_value                  ? 
_reflns.pdbx_netI_over_av_sigmaI         5.33 
_reflns.pdbx_netI_over_sigmaI            28.5 
_reflns.pdbx_res_netI_over_av_sigmaI_2   ? 
_reflns.pdbx_res_netI_over_sigmaI_2      ? 
_reflns.pdbx_chi_squared                 ? 
_reflns.pdbx_scaling_rejects             ? 
_reflns.pdbx_d_res_high_opt              ? 
_reflns.pdbx_d_res_low_opt               ? 
_reflns.pdbx_d_res_opt_method            ? 
_reflns.phase_calculation_details        ? 
_reflns.pdbx_Rrim_I_all                  ? 
_reflns.pdbx_Rpim_I_all                  ? 
_reflns.pdbx_d_opt                       ? 
_reflns.pdbx_number_measured_all         ? 
_reflns.pdbx_diffrn_id                   1 
_reflns.pdbx_ordinal                     1 
_reflns.pdbx_CC_half                     ? 
_reflns.pdbx_R_split                     ? 
# 
_reflns_shell.Rmerge_F_all                ? 
_reflns_shell.Rmerge_F_gt                 ? 
_reflns_shell.Rmerge_F_obs                ? 
_reflns_shell.Rmerge_I_all                ? 
_reflns_shell.Rmerge_I_gt                 ? 
_reflns_shell.Rmerge_I_obs                0.792 
_reflns_shell.d_res_high                  1.98 
_reflns_shell.d_res_low                   2.03 
_reflns_shell.meanI_over_sigI_all         ? 
_reflns_shell.meanI_over_sigI_gt          ? 
_reflns_shell.meanI_over_sigI_obs         5.8 
_reflns_shell.meanI_over_uI_all           ? 
_reflns_shell.meanI_over_uI_gt            ? 
_reflns_shell.number_measured_all         ? 
_reflns_shell.number_measured_gt          ? 
_reflns_shell.number_measured_obs         ? 
_reflns_shell.number_possible             ? 
_reflns_shell.number_unique_all           ? 
_reflns_shell.number_unique_gt            ? 
_reflns_shell.number_unique_obs           ? 
_reflns_shell.pdbx_CC_half                ? 
_reflns_shell.pdbx_R_split                ? 
_reflns_shell.pdbx_Rpim_I_all             ? 
_reflns_shell.pdbx_Rrim_I_all             ? 
_reflns_shell.pdbx_Rsym_value             ? 
_reflns_shell.pdbx_chi_squared            ? 
_reflns_shell.pdbx_diffrn_id              ? 
_reflns_shell.pdbx_netI_over_sigmaI_all   ? 
_reflns_shell.pdbx_netI_over_sigmaI_obs   ? 
_reflns_shell.pdbx_ordinal                1 
_reflns_shell.pdbx_redundancy             2.0 
_reflns_shell.pdbx_rejects                ? 
_reflns_shell.percent_possible_all        100 
_reflns_shell.percent_possible_gt         ? 
_reflns_shell.percent_possible_obs        ? 
# 
_refine.aniso_B[1][1]                            ? 
_refine.aniso_B[1][2]                            ? 
_refine.aniso_B[1][3]                            ? 
_refine.aniso_B[2][2]                            ? 
_refine.aniso_B[2][3]                            ? 
_refine.aniso_B[3][3]                            ? 
_refine.B_iso_max                                ? 
_refine.B_iso_mean                               ? 
_refine.B_iso_min                                ? 
_refine.correlation_coeff_Fo_to_Fc               ? 
_refine.correlation_coeff_Fo_to_Fc_free          ? 
_refine.details                                  ? 
_refine.diff_density_max                         ? 
_refine.diff_density_max_esd                     ? 
_refine.diff_density_min                         ? 
_refine.diff_density_min_esd                     ? 
_refine.diff_density_rms                         ? 
_refine.diff_density_rms_esd                     ? 
_refine.entry_id                                 4U3H 
_refine.pdbx_refine_id                           'X-RAY DIFFRACTION' 
_refine.ls_abs_structure_details                 ? 
_refine.ls_abs_structure_Flack                   ? 
_refine.ls_abs_structure_Flack_esd               ? 
_refine.ls_abs_structure_Rogers                  ? 
_refine.ls_abs_structure_Rogers_esd              ? 
_refine.ls_d_res_high                            1.980 
_refine.ls_d_res_low                             35.150 
_refine.ls_extinction_coef                       ? 
_refine.ls_extinction_coef_esd                   ? 
_refine.ls_extinction_expression                 ? 
_refine.ls_extinction_method                     ? 
_refine.ls_goodness_of_fit_all                   ? 
_refine.ls_goodness_of_fit_all_esd               ? 
_refine.ls_goodness_of_fit_obs                   ? 
_refine.ls_goodness_of_fit_obs_esd               ? 
_refine.ls_hydrogen_treatment                    ? 
_refine.ls_matrix_type                           ? 
_refine.ls_number_constraints                    ? 
_refine.ls_number_parameters                     ? 
_refine.ls_number_reflns_all                     ? 
_refine.ls_number_reflns_obs                     8078 
_refine.ls_number_reflns_R_free                  372 
_refine.ls_number_reflns_R_work                  ? 
_refine.ls_number_restraints                     ? 
_refine.ls_percent_reflns_obs                    100.00 
_refine.ls_percent_reflns_R_free                 4.61 
_refine.ls_R_factor_all                          ? 
_refine.ls_R_factor_obs                          0.1992 
_refine.ls_R_factor_R_free                       0.2432 
_refine.ls_R_factor_R_free_error                 ? 
_refine.ls_R_factor_R_free_error_details         ? 
_refine.ls_R_factor_R_work                       0.1970 
_refine.ls_R_Fsqd_factor_obs                     ? 
_refine.ls_R_I_factor_obs                        ? 
_refine.ls_redundancy_reflns_all                 ? 
_refine.ls_redundancy_reflns_obs                 ? 
_refine.ls_restrained_S_all                      ? 
_refine.ls_restrained_S_obs                      ? 
_refine.ls_shift_over_esd_max                    ? 
_refine.ls_shift_over_esd_mean                   ? 
_refine.ls_structure_factor_coef                 ? 
_refine.ls_weighting_details                     ? 
_refine.ls_weighting_scheme                      ? 
_refine.ls_wR_factor_all                         ? 
_refine.ls_wR_factor_obs                         ? 
_refine.ls_wR_factor_R_free                      ? 
_refine.ls_wR_factor_R_work                      ? 
_refine.occupancy_max                            ? 
_refine.occupancy_min                            ? 
_refine.solvent_model_details                    'FLAT BULK SOLVENT MODEL' 
_refine.solvent_model_param_bsol                 ? 
_refine.solvent_model_param_ksol                 ? 
_refine.ls_R_factor_gt                           ? 
_refine.ls_goodness_of_fit_gt                    ? 
_refine.ls_goodness_of_fit_ref                   ? 
_refine.ls_shift_over_su_max                     ? 
_refine.ls_shift_over_su_max_lt                  ? 
_refine.ls_shift_over_su_mean                    ? 
_refine.ls_shift_over_su_mean_lt                 ? 
_refine.pdbx_ls_sigma_I                          ? 
_refine.pdbx_ls_sigma_F                          1.38 
_refine.pdbx_ls_sigma_Fsqd                       ? 
_refine.pdbx_data_cutoff_high_absF               ? 
_refine.pdbx_data_cutoff_high_rms_absF           ? 
_refine.pdbx_data_cutoff_low_absF                ? 
_refine.pdbx_isotropic_thermal_model             ? 
_refine.pdbx_ls_cross_valid_method               'FREE R-VALUE' 
_refine.pdbx_method_to_determine_struct          'MOLECULAR REPLACEMENT' 
_refine.pdbx_starting_model                      2CK2 
_refine.pdbx_stereochemistry_target_values       ML 
_refine.pdbx_R_Free_selection_details            'Random selection' 
_refine.pdbx_stereochem_target_val_spec_case     ? 
_refine.pdbx_overall_ESU_R                       ? 
_refine.pdbx_overall_ESU_R_Free                  ? 
_refine.pdbx_solvent_vdw_probe_radii             1.11 
_refine.pdbx_solvent_ion_probe_radii             ? 
_refine.pdbx_solvent_shrinkage_radii             0.90 
_refine.pdbx_real_space_R                        ? 
_refine.pdbx_density_correlation                 ? 
_refine.pdbx_pd_number_of_powder_patterns        ? 
_refine.pdbx_pd_number_of_points                 ? 
_refine.pdbx_pd_meas_number_of_points            ? 
_refine.pdbx_pd_proc_ls_prof_R_factor            ? 
_refine.pdbx_pd_proc_ls_prof_wR_factor           ? 
_refine.pdbx_pd_Marquardt_correlation_coeff      ? 
_refine.pdbx_pd_Fsqrd_R_factor                   ? 
_refine.pdbx_pd_ls_matrix_band_width             ? 
_refine.pdbx_overall_phase_error                 23.59 
_refine.pdbx_overall_SU_R_free_Cruickshank_DPI   ? 
_refine.pdbx_overall_SU_R_free_Blow_DPI          ? 
_refine.pdbx_overall_SU_R_Blow_DPI               ? 
_refine.pdbx_TLS_residual_ADP_flag               ? 
_refine.pdbx_diffrn_id                           1 
_refine.overall_SU_B                             ? 
_refine.overall_SU_ML                            0.21 
_refine.overall_SU_R_Cruickshank_DPI             ? 
_refine.overall_SU_R_free                        ? 
_refine.overall_FOM_free_R_set                   ? 
_refine.overall_FOM_work_R_set                   ? 
# 
_refine_hist.pdbx_refine_id                   'X-RAY DIFFRACTION' 
_refine_hist.cycle_id                         LAST 
_refine_hist.pdbx_number_atoms_protein        740 
_refine_hist.pdbx_number_atoms_nucleic_acid   0 
_refine_hist.pdbx_number_atoms_ligand         0 
_refine_hist.number_atoms_solvent             61 
_refine_hist.number_atoms_total               801 
_refine_hist.d_res_high                       1.980 
_refine_hist.d_res_low                        35.150 
# 
loop_
_refine_ls_restr.pdbx_refine_id 
_refine_ls_restr.criterion 
_refine_ls_restr.dev_ideal 
_refine_ls_restr.dev_ideal_target 
_refine_ls_restr.number 
_refine_ls_restr.rejects 
_refine_ls_restr.type 
_refine_ls_restr.weight 
_refine_ls_restr.pdbx_restraint_function 
'X-RAY DIFFRACTION' ? 0.013  ? 766  ? f_bond_d           ? ? 
'X-RAY DIFFRACTION' ? 1.366  ? 1056 ? f_angle_d          ? ? 
'X-RAY DIFFRACTION' ? 12.411 ? 268  ? f_dihedral_angle_d ? ? 
'X-RAY DIFFRACTION' ? 0.060  ? 116  ? f_chiral_restr     ? ? 
'X-RAY DIFFRACTION' ? 0.007  ? 140  ? f_plane_restr      ? ? 
# 
loop_
_refine_ls_shell.pdbx_refine_id 
_refine_ls_shell.d_res_high 
_refine_ls_shell.d_res_low 
_refine_ls_shell.number_reflns_all 
_refine_ls_shell.number_reflns_obs 
_refine_ls_shell.number_reflns_R_free 
_refine_ls_shell.number_reflns_R_work 
_refine_ls_shell.percent_reflns_obs 
_refine_ls_shell.percent_reflns_R_free 
_refine_ls_shell.R_factor_all 
_refine_ls_shell.R_factor_obs 
_refine_ls_shell.R_factor_R_free 
_refine_ls_shell.R_factor_R_free_error 
_refine_ls_shell.R_factor_R_work 
_refine_ls_shell.redundancy_reflns_all 
_refine_ls_shell.redundancy_reflns_obs 
_refine_ls_shell.wR_factor_all 
_refine_ls_shell.wR_factor_obs 
_refine_ls_shell.wR_factor_R_free 
_refine_ls_shell.wR_factor_R_work 
_refine_ls_shell.pdbx_total_number_of_bins_used 
_refine_ls_shell.pdbx_phase_error 
'X-RAY DIFFRACTION' 1.9805 2.2670  . . 117 2508 100.00 . . . 0.2400 . 0.1647 . . . . . . . . 
'X-RAY DIFFRACTION' 2.2670 2.8560  . . 129 2509 100.00 . . . 0.2337 . 0.2106 . . . . . . . . 
'X-RAY DIFFRACTION' 2.8560 35.1557 . . 126 2689 100.00 . . . 0.2473 . 0.2002 . . . . . . . . 
# 
_struct.entry_id                     4U3H 
_struct.title                        'Crystal structure of FN3con' 
_struct.pdbx_model_details           ? 
_struct.pdbx_formula_weight          ? 
_struct.pdbx_formula_weight_method   ? 
_struct.pdbx_model_type_details      ? 
_struct.pdbx_CASP_flag               ? 
# 
_struct_keywords.entry_id        4U3H 
_struct_keywords.text            'Fibronectin type III, FN3, consensus design, protein stability, DE NOVO PROTEIN' 
_struct_keywords.pdbx_keywords   'DE NOVO PROTEIN' 
# 
loop_
_struct_asym.id 
_struct_asym.pdbx_blank_PDB_chainid_flag 
_struct_asym.pdbx_modified 
_struct_asym.entity_id 
_struct_asym.details 
A N N 1 ? 
B N N 2 ? 
# 
loop_
_struct_sheet.id 
_struct_sheet.type 
_struct_sheet.number_strands 
_struct_sheet.details 
AA1 ? 3 ? 
AA2 ? 4 ? 
AA3 ? 4 ? 
# 
loop_
_struct_sheet_order.sheet_id 
_struct_sheet_order.range_id_1 
_struct_sheet_order.range_id_2 
_struct_sheet_order.offset 
_struct_sheet_order.sense 
AA1 1 2 ? anti-parallel 
AA1 2 3 ? anti-parallel 
AA2 1 2 ? anti-parallel 
AA2 2 3 ? anti-parallel 
AA2 3 4 ? anti-parallel 
AA3 1 2 ? anti-parallel 
AA3 2 3 ? anti-parallel 
AA3 3 4 ? anti-parallel 
# 
loop_
_struct_sheet_range.sheet_id 
_struct_sheet_range.id 
_struct_sheet_range.beg_label_comp_id 
_struct_sheet_range.beg_label_asym_id 
_struct_sheet_range.beg_label_seq_id 
_struct_sheet_range.pdbx_beg_PDB_ins_code 
_struct_sheet_range.end_label_comp_id 
_struct_sheet_range.end_label_asym_id 
_struct_sheet_range.end_label_seq_id 
_struct_sheet_range.pdbx_end_PDB_ins_code 
_struct_sheet_range.beg_auth_comp_id 
_struct_sheet_range.beg_auth_asym_id 
_struct_sheet_range.beg_auth_seq_id 
_struct_sheet_range.end_auth_comp_id 
_struct_sheet_range.end_auth_asym_id 
_struct_sheet_range.end_auth_seq_id 
AA1 1 GLY A 18 ? THR A 26 ? GLY A 18 THR A 26 
AA1 2 SER A 29 ? GLU A 35 ? SER A 29 GLU A 35 
AA1 3 SER A 66 ? VAL A 69 ? SER A 66 VAL A 69 
AA2 1 LYS A 56 ? PRO A 61 ? LYS A 56 PRO A 61 
AA2 2 GLY A 43 ? GLU A 50 ? GLY A 43 GLU A 50 
AA2 3 GLU A 77 ? ASN A 86 ? GLU A 77 ASN A 86 
AA2 4 GLY A 89 ? GLU A 90 ? GLY A 89 GLU A 90 
AA3 1 LYS A 56 ? PRO A 61 ? LYS A 56 PRO A 61 
AA3 2 GLY A 43 ? GLU A 50 ? GLY A 43 GLU A 50 
AA3 3 GLU A 77 ? ASN A 86 ? GLU A 77 ASN A 86 
AA3 4 SER A 94 ? THR A 99 ? SER A 94 THR A 99 
# 
loop_
_pdbx_struct_sheet_hbond.sheet_id 
_pdbx_struct_sheet_hbond.range_id_1 
_pdbx_struct_sheet_hbond.range_id_2 
_pdbx_struct_sheet_hbond.range_1_label_atom_id 
_pdbx_struct_sheet_hbond.range_1_label_comp_id 
_pdbx_struct_sheet_hbond.range_1_label_asym_id 
_pdbx_struct_sheet_hbond.range_1_label_seq_id 
_pdbx_struct_sheet_hbond.range_1_PDB_ins_code 
_pdbx_struct_sheet_hbond.range_1_auth_atom_id 
_pdbx_struct_sheet_hbond.range_1_auth_comp_id 
_pdbx_struct_sheet_hbond.range_1_auth_asym_id 
_pdbx_struct_sheet_hbond.range_1_auth_seq_id 
_pdbx_struct_sheet_hbond.range_2_label_atom_id 
_pdbx_struct_sheet_hbond.range_2_label_comp_id 
_pdbx_struct_sheet_hbond.range_2_label_asym_id 
_pdbx_struct_sheet_hbond.range_2_label_seq_id 
_pdbx_struct_sheet_hbond.range_2_PDB_ins_code 
_pdbx_struct_sheet_hbond.range_2_auth_atom_id 
_pdbx_struct_sheet_hbond.range_2_auth_comp_id 
_pdbx_struct_sheet_hbond.range_2_auth_asym_id 
_pdbx_struct_sheet_hbond.range_2_auth_seq_id 
AA1 1 2 N ASP A 24 ? N ASP A 24 O THR A 31 ? O THR A 31 
AA1 2 3 N VAL A 30 ? N VAL A 30 O VAL A 69 ? O VAL A 69 
AA2 1 2 O LYS A 56 ? O LYS A 56 N TYR A 48 ? N TYR A 48 
AA2 2 3 N GLU A 47 ? N GLU A 47 O ARG A 81 ? O ARG A 81 
AA2 3 4 N ASN A 86 ? N ASN A 86 O GLY A 89 ? O GLY A 89 
AA3 1 2 O LYS A 56 ? O LYS A 56 N TYR A 48 ? N TYR A 48 
AA3 2 3 N GLU A 47 ? N GLU A 47 O ARG A 81 ? O ARG A 81 
AA3 3 4 N TYR A 78 ? N TYR A 78 O VAL A 98 ? O VAL A 98 
# 
_atom_sites.entry_id                    4U3H 
_atom_sites.fract_transf_matrix[1][1]   0.00527930 
_atom_sites.fract_transf_matrix[1][2]   0.01028293 
_atom_sites.fract_transf_matrix[1][3]   0.00112937 
_atom_sites.fract_transf_matrix[2][1]   -0.00277062 
_atom_sites.fract_transf_matrix[2][2]   0.00018388 
_atom_sites.fract_transf_matrix[2][3]   0.01127718 
_atom_sites.fract_transf_matrix[3][1]   0.00996683 
_atom_sites.fract_transf_matrix[3][2]   -0.00539561 
_atom_sites.fract_transf_matrix[3][3]   0.00253667 
_atom_sites.fract_transf_vector[1]      0.681108 
_atom_sites.fract_transf_vector[2]      0.491784 
_atom_sites.fract_transf_vector[3]      0.406411 
# 
loop_
_atom_type.symbol 
C 
N 
O 
S 
# 
loop_
_atom_site.group_PDB 
_atom_site.id 
_atom_site.type_symbol 
_atom_site.label_atom_id 
_atom_site.label_alt_id 
_atom_site.label_comp_id 
_atom_site.label_asym_id 
_atom_site.label_entity_id 
_atom_site.label_seq_id 
_atom_site.pdbx_PDB_ins_code 
_atom_site.Cartn_x 
_atom_site.Cartn_y 
_atom_site.Cartn_z 
_atom_site.occupancy 
_atom_site.B_iso_or_equiv 
_atom_site.pdbx_formal_charge 
_atom_site.auth_seq_id 
_atom_site.auth_comp_id 
_atom_site.auth_asym_id 
_atom_site.auth_atom_id 
_atom_site.pdbx_PDB_model_num 
ATOM   1   N N   . MET A 1 1   ? 5.582   -16.133 23.316  1.00 55.96 ?  1   MET A N   1 
ATOM   2   C CA  . MET A 1 1   ? 5.197   -15.467 22.076  1.00 47.70 ?  1   MET A CA  1 
ATOM   3   C C   . MET A 1 1   ? 3.685   -15.617 21.893  1.00 37.72 ?  1   MET A C   1 
ATOM   4   O O   . MET A 1 1   ? 3.080   -16.570 22.411  1.00 39.32 ?  1   MET A O   1 
ATOM   5   C CB  . MET A 1 1   ? 5.971   -16.064 20.886  1.00 44.14 ?  1   MET A CB  1 
ATOM   6   C CG  . MET A 1 1   ? 5.992   -15.217 19.623  1.00 47.55 ?  1   MET A CG  1 
ATOM   7   S SD  . MET A 1 1   ? 7.259   -15.834 18.499  1.00 65.94 ?  1   MET A SD  1 
ATOM   8   N N   . HIS A 1 2   ? 3.079   -14.668 21.182  1.00 26.01 ?  2   HIS A N   1 
ATOM   9   C CA  . HIS A 1 2   ? 1.690   -14.791 20.745  1.00 25.85 ?  2   HIS A CA  1 
ATOM   10  C C   . HIS A 1 2   ? 1.654   -14.926 19.224  1.00 26.84 ?  2   HIS A C   1 
ATOM   11  O O   . HIS A 1 2   ? 2.592   -14.507 18.557  1.00 25.66 ?  2   HIS A O   1 
ATOM   12  C CB  . HIS A 1 2   ? 0.867   -13.570 21.158  1.00 24.76 ?  2   HIS A CB  1 
ATOM   13  C CG  . HIS A 1 2   ? 0.708   -13.411 22.636  1.00 24.80 ?  2   HIS A CG  1 
ATOM   14  N ND1 . HIS A 1 2   ? 1.122   -12.284 23.304  1.00 24.04 ?  2   HIS A ND1 1 
ATOM   15  C CD2 . HIS A 1 2   ? 0.148   -14.221 23.568  1.00 25.98 ?  2   HIS A CD2 1 
ATOM   16  C CE1 . HIS A 1 2   ? 0.847   -12.412 24.591  1.00 32.29 ?  2   HIS A CE1 1 
ATOM   17  N NE2 . HIS A 1 2   ? 0.259   -13.580 24.777  1.00 27.78 ?  2   HIS A NE2 1 
ATOM   18  N N   . HIS A 1 3   ? 0.568   -15.459 18.671  1.00 25.94 ?  3   HIS A N   1 
ATOM   19  C CA  . HIS A 1 3   ? 0.467   -15.545 17.213  1.00 25.86 ?  3   HIS A CA  1 
ATOM   20  C C   . HIS A 1 3   ? 0.281   -14.190 16.528  1.00 26.60 ?  3   HIS A C   1 
ATOM   21  O O   . HIS A 1 3   ? -0.088  -13.208 17.163  1.00 24.05 ?  3   HIS A O   1 
ATOM   22  C CB  . HIS A 1 3   ? -0.659  -16.488 16.822  1.00 26.50 ?  3   HIS A CB  1 
ATOM   23  C CG  . HIS A 1 3   ? -0.332  -17.900 17.140  1.00 31.18 ?  3   HIS A CG  1 
ATOM   24  N ND1 . HIS A 1 3   ? 0.422   -18.685 16.302  1.00 34.93 ?  3   HIS A ND1 1 
ATOM   25  C CD2 . HIS A 1 3   ? -0.558  -18.636 18.252  1.00 28.36 ?  3   HIS A CD2 1 
ATOM   26  C CE1 . HIS A 1 3   ? 0.599   -19.870 16.859  1.00 35.66 ?  3   HIS A CE1 1 
ATOM   27  N NE2 . HIS A 1 3   ? 0.020   -19.864 18.046  1.00 33.95 ?  3   HIS A NE2 1 
ATOM   28  N N   . HIS A 1 4   ? 0.548   -14.154 15.225  1.00 26.73 ?  4   HIS A N   1 
ATOM   29  C CA  . HIS A 1 4   ? 0.420   -12.901 14.485  1.00 27.43 ?  4   HIS A CA  1 
ATOM   30  C C   . HIS A 1 4   ? -1.026  -12.544 14.247  1.00 28.59 ?  4   HIS A C   1 
ATOM   31  O O   . HIS A 1 4   ? -1.866  -13.415 14.087  1.00 23.90 ?  4   HIS A O   1 
ATOM   32  C CB  . HIS A 1 4   ? 1.153   -12.980 13.140  1.00 30.99 ?  4   HIS A CB  1 
ATOM   33  C CG  . HIS A 1 4   ? 2.639   -12.995 13.274  1.00 38.65 ?  4   HIS A CG  1 
ATOM   34  N ND1 . HIS A 1 4   ? 3.359   -14.158 13.442  1.00 48.24 ?  4   HIS A ND1 1 
ATOM   35  C CD2 . HIS A 1 4   ? 3.540   -11.985 13.303  1.00 37.75 ?  4   HIS A CD2 1 
ATOM   36  C CE1 . HIS A 1 4   ? 4.643   -13.864 13.555  1.00 45.83 ?  4   HIS A CE1 1 
ATOM   37  N NE2 . HIS A 1 4   ? 4.778   -12.552 13.474  1.00 43.80 ?  4   HIS A NE2 1 
ATOM   38  N N   . HIS A 1 5   ? -1.294  -11.241 14.208  1.00 22.86 ?  5   HIS A N   1 
ATOM   39  C CA  . HIS A 1 5   ? -2.600  -10.686 13.853  1.00 26.05 ?  5   HIS A CA  1 
ATOM   40  C C   . HIS A 1 5   ? -3.031  -11.116 12.452  1.00 29.05 ?  5   HIS A C   1 
ATOM   41  O O   . HIS A 1 5   ? -2.246  -11.013 11.533  1.00 31.05 ?  5   HIS A O   1 
ATOM   42  C CB  . HIS A 1 5   ? -2.520  -9.161  13.915  1.00 35.65 ?  5   HIS A CB  1 
ATOM   43  C CG  . HIS A 1 5   ? -3.752  -8.458  13.446  1.00 50.32 ?  5   HIS A CG  1 
ATOM   44  N ND1 . HIS A 1 5   ? -4.939  -8.483  14.147  1.00 59.57 ?  5   HIS A ND1 1 
ATOM   45  C CD2 . HIS A 1 5   ? -3.970  -7.667  12.367  1.00 55.02 ?  5   HIS A CD2 1 
ATOM   46  C CE1 . HIS A 1 5   ? -5.842  -7.759  13.509  1.00 64.60 ?  5   HIS A CE1 1 
ATOM   47  N NE2 . HIS A 1 5   ? -5.278  -7.246  12.428  1.00 62.35 ?  5   HIS A NE2 1 
ATOM   48  N N   . HIS A 1 6   ? -4.261  -11.596 12.305  1.00 32.33 ?  6   HIS A N   1 
ATOM   49  C CA  . HIS A 1 6   ? -4.832  -11.903 10.992  1.00 36.79 ?  6   HIS A CA  1 
ATOM   50  C C   . HIS A 1 6   ? -5.501  -10.677 10.426  1.00 37.36 ?  6   HIS A C   1 
ATOM   51  O O   . HIS A 1 6   ? -6.218  -9.998  11.137  1.00 39.56 ?  6   HIS A O   1 
ATOM   52  C CB  . HIS A 1 6   ? -5.880  -13.008 11.079  1.00 38.98 ?  6   HIS A CB  1 
ATOM   53  C CG  . HIS A 1 6   ? -5.354  -14.309 11.573  1.00 40.61 ?  6   HIS A CG  1 
ATOM   54  N ND1 . HIS A 1 6   ? -6.156  -15.235 12.203  1.00 41.69 ?  6   HIS A ND1 1 
ATOM   55  C CD2 . HIS A 1 6   ? -4.117  -14.853 11.517  1.00 40.28 ?  6   HIS A CD2 1 
ATOM   56  C CE1 . HIS A 1 6   ? -5.430  -16.288 12.528  1.00 37.98 ?  6   HIS A CE1 1 
ATOM   57  N NE2 . HIS A 1 6   ? -4.190  -16.086 12.118  1.00 39.60 ?  6   HIS A NE2 1 
ATOM   58  N N   . HIS A 1 7   ? -5.296  -10.397 9.148   1.00 39.03 ?  7   HIS A N   1 
ATOM   59  C CA  . HIS A 1 7   ? -6.068  -9.344  8.508   1.00 31.75 ?  7   HIS A CA  1 
ATOM   60  C C   . HIS A 1 7   ? -7.456  -9.886  8.183   1.00 33.04 ?  7   HIS A C   1 
ATOM   61  O O   . HIS A 1 7   ? -7.608  -10.800 7.375   1.00 39.69 ?  7   HIS A O   1 
ATOM   62  C CB  . HIS A 1 7   ? -5.372  -8.841  7.242   1.00 35.65 ?  7   HIS A CB  1 
ATOM   63  C CG  . HIS A 1 7   ? -3.992  -8.310  7.485   1.00 42.29 ?  7   HIS A CG  1 
ATOM   64  N ND1 . HIS A 1 7   ? -3.758  -7.051  7.997   1.00 43.18 ?  7   HIS A ND1 1 
ATOM   65  C CD2 . HIS A 1 7   ? -2.773  -8.875  7.295   1.00 39.53 ?  7   HIS A CD2 1 
ATOM   66  C CE1 . HIS A 1 7   ? -2.453  -6.860  8.103   1.00 44.49 ?  7   HIS A CE1 1 
ATOM   67  N NE2 . HIS A 1 7   ? -1.834  -7.950  7.682   1.00 45.26 ?  7   HIS A NE2 1 
ATOM   68  N N   . LEU A 1 8   ? -8.470  -9.342  8.832   1.00 28.47 ?  8   LEU A N   1 
ATOM   69  C CA  . LEU A 1 8   ? -9.824  -9.790  8.575   1.00 32.10 ?  8   LEU A CA  1 
ATOM   70  C C   . LEU A 1 8   ? -10.282 -9.088  7.310   1.00 34.14 ?  8   LEU A C   1 
ATOM   71  O O   . LEU A 1 8   ? -10.143 -7.874  7.193   1.00 38.14 ?  8   LEU A O   1 
ATOM   72  C CB  . LEU A 1 8   ? -10.738 -9.492  9.769   1.00 36.38 ?  8   LEU A CB  1 
ATOM   73  C CG  . LEU A 1 8   ? -10.223 -10.097 11.095  1.00 42.04 ?  8   LEU A CG  1 
ATOM   74  C CD1 . LEU A 1 8   ? -11.227 -9.954  12.240  1.00 44.55 ?  8   LEU A CD1 1 
ATOM   75  C CD2 . LEU A 1 8   ? -9.829  -11.567 10.931  1.00 39.90 ?  8   LEU A CD2 1 
ATOM   76  N N   . VAL A 1 9   ? -10.785 -9.837  6.341   1.00 26.54 ?  9   VAL A N   1 
ATOM   77  C CA  . VAL A 1 9   ? -11.267 -9.198  5.118   1.00 34.72 ?  9   VAL A CA  1 
ATOM   78  C C   . VAL A 1 9   ? -12.542 -9.847  4.613   1.00 31.45 ?  9   VAL A C   1 
ATOM   79  O O   . VAL A 1 9   ? -12.775 -11.045 4.814   1.00 34.73 ?  9   VAL A O   1 
ATOM   80  C CB  . VAL A 1 9   ? -10.209 -9.241  3.987   1.00 31.74 ?  9   VAL A CB  1 
ATOM   81  C CG1 . VAL A 1 9   ? -8.981  -8.434  4.352   1.00 36.29 ?  9   VAL A CG1 1 
ATOM   82  C CG2 . VAL A 1 9   ? -9.854  -10.656 3.658   1.00 35.47 ?  9   VAL A CG2 1 
ATOM   83  N N   . PRO A 1 10  ? -13.381 -9.061  3.938   1.00 32.51 ?  10  PRO A N   1 
ATOM   84  C CA  . PRO A 1 10  ? -14.633 -9.616  3.427   1.00 32.26 ?  10  PRO A CA  1 
ATOM   85  C C   . PRO A 1 10  ? -14.391 -10.704 2.400   1.00 32.60 ?  10  PRO A C   1 
ATOM   86  O O   . PRO A 1 10  ? -13.518 -10.522 1.549   1.00 33.25 ?  10  PRO A O   1 
ATOM   87  C CB  . PRO A 1 10  ? -15.306 -8.408  2.775   1.00 36.92 ?  10  PRO A CB  1 
ATOM   88  C CG  . PRO A 1 10  ? -14.665 -7.208  3.432   1.00 34.18 ?  10  PRO A CG  1 
ATOM   89  C CD  . PRO A 1 10  ? -13.277 -7.604  3.734   1.00 33.78 ?  10  PRO A CD  1 
ATOM   90  N N   . ARG A 1 11  ? -15.148 -11.799 2.456   1.00 23.21 ?  11  ARG A N   1 
ATOM   91  C CA  . ARG A 1 11  ? -15.057 -12.799 1.396   1.00 32.47 ?  11  ARG A CA  1 
ATOM   92  C C   . ARG A 1 11  ? -15.408 -12.175 0.041   1.00 31.93 ?  11  ARG A C   1 
ATOM   93  O O   . ARG A 1 11  ? -16.390 -11.451 -0.073  1.00 37.49 ?  11  ARG A O   1 
ATOM   94  N N   . GLY A 1 12  ? -14.597 -12.441 -0.979  1.00 29.41 ?  12  GLY A N   1 
ATOM   95  C CA  . GLY A 1 12  ? -14.792 -11.837 -2.286  1.00 28.31 ?  12  GLY A CA  1 
ATOM   96  C C   . GLY A 1 12  ? -13.870 -10.652 -2.541  1.00 30.42 ?  12  GLY A C   1 
ATOM   97  O O   . GLY A 1 12  ? -13.733 -10.204 -3.674  1.00 29.79 ?  12  GLY A O   1 
ATOM   98  N N   . SER A 1 13  ? -13.232 -10.142 -1.488  1.00 26.38 ?  13  SER A N   1 
ATOM   99  C CA  . SER A 1 13  ? -12.285 -9.020  -1.629  1.00 22.89 ?  13  SER A CA  1 
ATOM   100 C C   . SER A 1 13  ? -11.012 -9.537  -2.297  1.00 27.17 ?  13  SER A C   1 
ATOM   101 O O   . SER A 1 13  ? -10.781 -10.743 -2.326  1.00 30.02 ?  13  SER A O   1 
ATOM   102 C CB  . SER A 1 13  ? -11.977 -8.387  -0.269  1.00 28.90 ?  13  SER A CB  1 
ATOM   103 O OG  . SER A 1 13  ? -11.305 -9.297  0.576   1.00 40.35 ?  13  SER A OG  1 
ATOM   104 N N   . PRO A 1 14  ? -10.186 -8.640  -2.852  1.00 23.30 ?  14  PRO A N   1 
ATOM   105 C CA  . PRO A 1 14  ? -9.060  -9.139  -3.645  1.00 24.83 ?  14  PRO A CA  1 
ATOM   106 C C   . PRO A 1 14  ? -7.915  -9.657  -2.789  1.00 25.58 ?  14  PRO A C   1 
ATOM   107 O O   . PRO A 1 14  ? -7.849  -9.356  -1.607  1.00 26.34 ?  14  PRO A O   1 
ATOM   108 C CB  . PRO A 1 14  ? -8.614  -7.900  -4.450  1.00 24.54 ?  14  PRO A CB  1 
ATOM   109 C CG  . PRO A 1 14  ? -9.749  -6.948  -4.364  1.00 25.39 ?  14  PRO A CG  1 
ATOM   110 C CD  . PRO A 1 14  ? -10.341 -7.186  -2.995  1.00 22.33 ?  14  PRO A CD  1 
ATOM   111 N N   . SER A 1 15  ? -7.047  -10.441 -3.414  1.00 27.02 ?  15  SER A N   1 
ATOM   112 C CA  . SER A 1 15  ? -5.759  -10.817 -2.869  1.00 23.79 ?  15  SER A CA  1 
ATOM   113 C C   . SER A 1 15  ? -4.901  -9.587  -2.750  1.00 26.01 ?  15  SER A C   1 
ATOM   114 O O   . SER A 1 15  ? -5.265  -8.535  -3.291  1.00 23.00 ?  15  SER A O   1 
ATOM   115 C CB  . SER A 1 15  ? -5.090  -11.844 -3.779  1.00 34.43 ?  15  SER A CB  1 
ATOM   116 O OG  . SER A 1 15  ? -5.743  -13.084 -3.669  1.00 41.54 ?  15  SER A OG  1 
ATOM   117 N N   . PRO A 1 16  ? -3.764  -9.689  -2.045  1.00 25.99 ?  16  PRO A N   1 
ATOM   118 C CA  . PRO A 1 16  ? -2.892  -8.507  -2.013  1.00 20.21 ?  16  PRO A CA  1 
ATOM   119 C C   . PRO A 1 16  ? -2.363  -8.170  -3.415  1.00 25.34 ?  16  PRO A C   1 
ATOM   120 O O   . PRO A 1 16  ? -2.372  -9.041  -4.302  1.00 24.32 ?  16  PRO A O   1 
ATOM   121 C CB  . PRO A 1 16  ? -1.745  -8.933  -1.083  1.00 20.50 ?  16  PRO A CB  1 
ATOM   122 C CG  . PRO A 1 16  ? -2.307  -10.056 -0.263  1.00 29.43 ?  16  PRO A CG  1 
ATOM   123 C CD  . PRO A 1 16  ? -3.256  -10.773 -1.184  1.00 28.22 ?  16  PRO A CD  1 
ATOM   124 N N   . PRO A 1 17  ? -1.913  -6.929  -3.621  1.00 24.54 ?  17  PRO A N   1 
ATOM   125 C CA  . PRO A 1 17  ? -1.264  -6.587  -4.892  1.00 22.28 ?  17  PRO A CA  1 
ATOM   126 C C   . PRO A 1 17  ? -0.015  -7.408  -5.041  1.00 24.33 ?  17  PRO A C   1 
ATOM   127 O O   . PRO A 1 17  ? 0.594   -7.743  -4.031  1.00 26.87 ?  17  PRO A O   1 
ATOM   128 C CB  . PRO A 1 17  ? -0.908  -5.108  -4.730  1.00 28.23 ?  17  PRO A CB  1 
ATOM   129 C CG  . PRO A 1 17  ? -1.809  -4.612  -3.616  1.00 27.56 ?  17  PRO A CG  1 
ATOM   130 C CD  . PRO A 1 17  ? -1.961  -5.784  -2.700  1.00 28.65 ?  17  PRO A CD  1 
ATOM   131 N N   . GLY A 1 18  ? 0.377   -7.710  -6.264  1.00 21.98 ?  18  GLY A N   1 
ATOM   132 C CA  . GLY A 1 18  ? 1.535   -8.564  -6.472  1.00 27.85 ?  18  GLY A CA  1 
ATOM   133 C C   . GLY A 1 18  ? 2.740   -7.733  -6.823  1.00 22.62 ?  18  GLY A C   1 
ATOM   134 O O   . GLY A 1 18  ? 2.598   -6.614  -7.358  1.00 28.74 ?  18  GLY A O   1 
ATOM   135 N N   . ASN A 1 19  ? 3.910   -8.251  -6.479  1.00 20.89 ?  19  ASN A N   1 
ATOM   136 C CA  . ASN A 1 19  ? 5.165   -7.610  -6.823  1.00 25.90 ?  19  ASN A CA  1 
ATOM   137 C C   . ASN A 1 19  ? 5.217   -6.143  -6.371  1.00 27.28 ?  19  ASN A C   1 
ATOM   138 O O   . ASN A 1 19  ? 5.728   -5.306  -7.095  1.00 24.81 ?  19  ASN A O   1 
ATOM   139 C CB  . ASN A 1 19  ? 5.406   -7.708  -8.345  1.00 20.94 ?  19  ASN A CB  1 
ATOM   140 C CG  . ASN A 1 19  ? 5.706   -9.140  -8.792  1.00 24.55 ?  19  ASN A CG  1 
ATOM   141 O OD1 . ASN A 1 19  ? 6.158   -9.954  -7.993  1.00 27.20 ?  19  ASN A OD1 1 
ATOM   142 N ND2 . ASN A 1 19  ? 5.472   -9.440  -10.067 1.00 29.17 ?  19  ASN A ND2 1 
ATOM   143 N N   . LEU A 1 20  ? 4.700   -5.837  -5.179  1.00 21.47 ?  20  LEU A N   1 
ATOM   144 C CA  . LEU A 1 20  ? 4.808   -4.462  -4.664  1.00 19.62 ?  20  LEU A CA  1 
ATOM   145 C C   . LEU A 1 20  ? 6.272   -4.140  -4.436  1.00 23.00 ?  20  LEU A C   1 
ATOM   146 O O   . LEU A 1 20  ? 6.978   -4.894  -3.779  1.00 24.23 ?  20  LEU A O   1 
ATOM   147 C CB  . LEU A 1 20  ? 4.041   -4.272  -3.372  1.00 24.09 ?  20  LEU A CB  1 
ATOM   148 C CG  . LEU A 1 20  ? 4.081   -2.865  -2.732  1.00 23.78 ?  20  LEU A CG  1 
ATOM   149 C CD1 . LEU A 1 20  ? 3.534   -1.774  -3.649  1.00 16.78 ?  20  LEU A CD1 1 
ATOM   150 C CD2 . LEU A 1 20  ? 3.297   -2.876  -1.425  1.00 19.75 ?  20  LEU A CD2 1 
ATOM   151 N N   . ARG A 1 21  ? 6.725   -3.009  -4.959  1.00 18.56 ?  21  ARG A N   1 
ATOM   152 C CA  . ARG A 1 21  ? 8.122   -2.645  -4.794  1.00 22.81 ?  21  ARG A CA  1 
ATOM   153 C C   . ARG A 1 21  ? 8.271   -1.148  -4.907  1.00 24.35 ?  21  ARG A C   1 
ATOM   154 O O   . ARG A 1 21  ? 7.468   -0.461  -5.559  1.00 20.14 ?  21  ARG A O   1 
ATOM   155 C CB  . ARG A 1 21  ? 8.981   -3.356  -5.845  1.00 22.53 ?  21  ARG A CB  1 
ATOM   156 C CG  . ARG A 1 21  ? 8.648   -2.878  -7.262  1.00 30.40 ?  21  ARG A CG  1 
ATOM   157 C CD  . ARG A 1 21  ? 9.007   -3.910  -8.288  1.00 38.91 ?  21  ARG A CD  1 
ATOM   158 N NE  . ARG A 1 21  ? 8.758   -3.428  -9.639  1.00 35.88 ?  21  ARG A NE  1 
ATOM   159 C CZ  . ARG A 1 21  ? 7.580   -3.490  -10.251 1.00 39.81 ?  21  ARG A CZ  1 
ATOM   160 N NH1 . ARG A 1 21  ? 6.528   -4.013  -9.625  1.00 35.50 1  21  ARG A NH1 1 
ATOM   161 N NH2 . ARG A 1 21  ? 7.455   -3.029  -11.489 1.00 42.06 ?  21  ARG A NH2 1 
ATOM   162 N N   . VAL A 1 22  ? 9.288   -0.625  -4.248  1.00 20.80 ?  22  VAL A N   1 
ATOM   163 C CA  . VAL A 1 22  ? 9.645   0.772   -4.431  1.00 18.49 ?  22  VAL A CA  1 
ATOM   164 C C   . VAL A 1 22  ? 10.522  0.907   -5.668  1.00 18.92 ?  22  VAL A C   1 
ATOM   165 O O   . VAL A 1 22  ? 11.594  0.317   -5.731  1.00 20.06 ?  22  VAL A O   1 
ATOM   166 C CB  . VAL A 1 22  ? 10.398  1.309   -3.230  1.00 27.96 ?  22  VAL A CB  1 
ATOM   167 C CG1 . VAL A 1 22  ? 10.684  2.769   -3.452  1.00 23.59 ?  22  VAL A CG1 1 
ATOM   168 C CG2 . VAL A 1 22  ? 9.576   1.104   -1.981  1.00 26.88 ?  22  VAL A CG2 1 
ATOM   169 N N   . THR A 1 23  ? 10.075  1.685   -6.635  1.00 20.33 ?  23  THR A N   1 
ATOM   170 C CA  . THR A 1 23  ? 10.809  1.826   -7.866  1.00 19.98 ?  23  THR A CA  1 
ATOM   171 C C   . THR A 1 23  ? 11.553  3.157   -7.992  1.00 24.35 ?  23  THR A C   1 
ATOM   172 O O   . THR A 1 23  ? 12.369  3.332   -8.907  1.00 21.53 ?  23  THR A O   1 
ATOM   173 C CB  . THR A 1 23  ? 9.875   1.661   -9.060  1.00 23.74 ?  23  THR A CB  1 
ATOM   174 O OG1 . THR A 1 23  ? 8.774   2.555   -8.925  1.00 19.12 ?  23  THR A OG1 1 
ATOM   175 C CG2 . THR A 1 23  ? 9.375   0.208   -9.132  1.00 28.12 ?  23  THR A CG2 1 
ATOM   176 N N   . ASP A 1 24  ? 11.301  4.083   -7.068  1.00 18.78 ?  24  ASP A N   1 
ATOM   177 C CA  . ASP A 1 24  ? 12.066  5.345   -7.008  1.00 19.38 ?  24  ASP A CA  1 
ATOM   178 C C   . ASP A 1 24  ? 11.924  5.957   -5.638  1.00 19.53 ?  24  ASP A C   1 
ATOM   179 O O   . ASP A 1 24  ? 10.810  5.966   -5.088  1.00 21.77 ?  24  ASP A O   1 
ATOM   180 C CB  . ASP A 1 24  ? 11.586  6.362   -8.038  1.00 23.48 ?  24  ASP A CB  1 
ATOM   181 C CG  . ASP A 1 24  ? 12.537  7.560   -8.153  1.00 35.60 ?  24  ASP A CG  1 
ATOM   182 O OD1 . ASP A 1 24  ? 12.429  8.520   -7.364  1.00 33.29 ?  24  ASP A OD1 1 
ATOM   183 O OD2 . ASP A 1 24  ? 13.408  7.536   -9.032  1.00 35.00 -1 24  ASP A OD2 1 
ATOM   184 N N   . VAL A 1 25  ? 13.030  6.452   -5.087  1.00 19.52 ?  25  VAL A N   1 
ATOM   185 C CA  . VAL A 1 25  ? 12.999  7.172   -3.804  1.00 19.32 ?  25  VAL A CA  1 
ATOM   186 C C   . VAL A 1 25  ? 13.868  8.403   -3.851  1.00 19.59 ?  25  VAL A C   1 
ATOM   187 O O   . VAL A 1 25  ? 15.024  8.292   -4.195  1.00 22.09 ?  25  VAL A O   1 
ATOM   188 C CB  . VAL A 1 25  ? 13.530  6.351   -2.620  1.00 17.40 ?  25  VAL A CB  1 
ATOM   189 C CG1 . VAL A 1 25  ? 13.307  7.142   -1.300  1.00 17.25 ?  25  VAL A CG1 1 
ATOM   190 C CG2 . VAL A 1 25  ? 12.877  5.042   -2.524  1.00 30.79 ?  25  VAL A CG2 1 
ATOM   191 N N   . THR A 1 26  ? 13.334  9.562   -3.472  1.00 23.10 ?  26  THR A N   1 
ATOM   192 C CA  . THR A 1 26  ? 14.169  10.756  -3.345  1.00 25.31 ?  26  THR A CA  1 
ATOM   193 C C   . THR A 1 26  ? 14.092  11.212  -1.900  1.00 29.31 ?  26  THR A C   1 
ATOM   194 O O   . THR A 1 26  ? 13.460  10.545  -1.077  1.00 24.93 ?  26  THR A O   1 
ATOM   195 C CB  . THR A 1 26  ? 13.723  11.883  -4.283  1.00 24.80 ?  26  THR A CB  1 
ATOM   196 O OG1 . THR A 1 26  ? 12.420  12.302  -3.906  1.00 21.97 ?  26  THR A OG1 1 
ATOM   197 C CG2 . THR A 1 26  ? 13.668  11.386  -5.720  1.00 25.17 ?  26  THR A CG2 1 
ATOM   198 N N   . SER A 1 27  ? 14.704  12.347  -1.566  1.00 23.77 ?  27  SER A N   1 
ATOM   199 C CA  . SER A 1 27  ? 14.642  12.760  -0.168  1.00 25.95 ?  27  SER A CA  1 
ATOM   200 C C   . SER A 1 27  ? 13.254  13.266  0.236   1.00 25.68 ?  27  SER A C   1 
ATOM   201 O O   . SER A 1 27  ? 13.014  13.487  1.415   1.00 31.60 ?  27  SER A O   1 
ATOM   202 C CB  . SER A 1 27  ? 15.696  13.816  0.131   1.00 29.90 ?  27  SER A CB  1 
ATOM   203 O OG  . SER A 1 27  ? 15.458  14.917  -0.693  1.00 34.81 ?  27  SER A OG  1 
ATOM   204 N N   . THR A 1 28  ? 12.333  13.434  -0.714  1.00 23.71 ?  28  THR A N   1 
ATOM   205 C CA  . THR A 1 28  ? 10.967  13.876  -0.368  1.00 24.33 ?  28  THR A CA  1 
ATOM   206 C C   . THR A 1 28  ? 9.874   13.140  -1.113  1.00 24.07 ?  28  THR A C   1 
ATOM   207 O O   . THR A 1 28  ? 8.725   13.595  -1.126  1.00 21.26 ?  28  THR A O   1 
ATOM   208 C CB  . THR A 1 28  ? 10.748  15.352  -0.656  1.00 31.81 ?  28  THR A CB  1 
ATOM   209 O OG1 . THR A 1 28  ? 10.777  15.556  -2.073  1.00 32.74 ?  28  THR A OG1 1 
ATOM   210 C CG2 . THR A 1 28  ? 11.803  16.197  -0.001  1.00 31.81 ?  28  THR A CG2 1 
ATOM   211 N N   . SER A 1 29  ? 10.218  12.028  -1.768  1.00 22.19 ?  29  SER A N   1 
ATOM   212 C CA  . SER A 1 29  ? 9.221   11.301  -2.536  1.00 23.06 ?  29  SER A CA  1 
ATOM   213 C C   . SER A 1 29  ? 9.509   9.805   -2.595  1.00 22.02 ?  29  SER A C   1 
ATOM   214 O O   . SER A 1 29  ? 10.660  9.379   -2.551  1.00 24.40 ?  29  SER A O   1 
ATOM   215 C CB  . SER A 1 29  ? 9.121   11.860  -3.964  1.00 20.90 ?  29  SER A CB  1 
ATOM   216 O OG  . SER A 1 29  ? 10.284  11.524  -4.704  1.00 21.66 ?  29  SER A OG  1 
ATOM   217 N N   . VAL A 1 30  ? 8.439   9.022   -2.683  1.00 19.26 ?  30  VAL A N   1 
ATOM   218 C CA  . VAL A 1 30  ? 8.515   7.568   -2.856  1.00 19.77 ?  30  VAL A CA  1 
ATOM   219 C C   . VAL A 1 30  ? 7.562   7.099   -3.945  1.00 23.26 ?  30  VAL A C   1 
ATOM   220 O O   . VAL A 1 30  ? 6.367   7.388   -3.882  1.00 22.73 ?  30  VAL A O   1 
ATOM   221 C CB  . VAL A 1 30  ? 8.159   6.850   -1.551  1.00 20.25 ?  30  VAL A CB  1 
ATOM   222 C CG1 . VAL A 1 30  ? 7.940   5.326   -1.782  1.00 17.66 ?  30  VAL A CG1 1 
ATOM   223 C CG2 . VAL A 1 30  ? 9.241   7.121   -0.519  1.00 20.60 ?  30  VAL A CG2 1 
ATOM   224 N N   . THR A 1 31  ? 8.076   6.362   -4.923  1.00 17.39 ?  31  THR A N   1 
ATOM   225 C CA  . THR A 1 31  ? 7.250   5.795   -5.977  1.00 17.29 ?  31  THR A CA  1 
ATOM   226 C C   . THR A 1 31  ? 7.076   4.299   -5.719  1.00 22.46 ?  31  THR A C   1 
ATOM   227 O O   . THR A 1 31  ? 8.051   3.600   -5.504  1.00 21.00 ?  31  THR A O   1 
ATOM   228 C CB  . THR A 1 31  ? 7.889   5.977   -7.370  1.00 19.27 ?  31  THR A CB  1 
ATOM   229 O OG1 . THR A 1 31  ? 8.157   7.363   -7.590  1.00 22.45 ?  31  THR A OG1 1 
ATOM   230 C CG2 . THR A 1 31  ? 6.951   5.428   -8.493  1.00 19.39 ?  31  THR A CG2 1 
ATOM   231 N N   . LEU A 1 32  ? 5.836   3.827   -5.739  1.00 16.64 ?  32  LEU A N   1 
ATOM   232 C CA  . LEU A 1 32  ? 5.514   2.426   -5.593  1.00 16.43 ?  32  LEU A CA  1 
ATOM   233 C C   . LEU A 1 32  ? 5.067   1.868   -6.922  1.00 22.43 ?  32  LEU A C   1 
ATOM   234 O O   . LEU A 1 32  ? 4.434   2.580   -7.698  1.00 23.68 ?  32  LEU A O   1 
ATOM   235 C CB  . LEU A 1 32  ? 4.385   2.252   -4.572  1.00 16.24 ?  32  LEU A CB  1 
ATOM   236 C CG  . LEU A 1 32  ? 4.728   2.768   -3.178  1.00 19.16 ?  32  LEU A CG  1 
ATOM   237 C CD1 . LEU A 1 32  ? 3.479   2.664   -2.270  1.00 26.03 ?  32  LEU A CD1 1 
ATOM   238 C CD2 . LEU A 1 32  ? 5.861   1.949   -2.636  1.00 22.96 ?  32  LEU A CD2 1 
ATOM   239 N N   . SER A 1 33  ? 5.356   0.592   -7.173  1.00 23.04 ?  33  SER A N   1 
ATOM   240 C CA  . SER A 1 33  ? 4.788   -0.098  -8.327  1.00 23.53 ?  33  SER A CA  1 
ATOM   241 C C   . SER A 1 33  ? 4.330   -1.479  -7.943  1.00 22.08 ?  33  SER A C   1 
ATOM   242 O O   . SER A 1 33  ? 4.919   -2.115  -7.078  1.00 20.77 ?  33  SER A O   1 
ATOM   243 C CB  . SER A 1 33  ? 5.801   -0.198  -9.473  1.00 26.60 ?  33  SER A CB  1 
ATOM   244 O OG  . SER A 1 33  ? 6.230   1.093   -9.874  1.00 28.56 ?  33  SER A OG  1 
ATOM   245 N N   . TRP A 1 34  ? 3.292   -1.955  -8.616  1.00 21.01 ?  34  TRP A N   1 
ATOM   246 C CA  . TRP A 1 34  ? 2.711   -3.251  -8.281  1.00 21.66 ?  34  TRP A CA  1 
ATOM   247 C C   . TRP A 1 34  ? 1.938   -3.819  -9.469  1.00 24.10 ?  34  TRP A C   1 
ATOM   248 O O   . TRP A 1 34  ? 1.831   -3.184  -10.510 1.00 29.58 ?  34  TRP A O   1 
ATOM   249 C CB  . TRP A 1 34  ? 1.786   -3.134  -7.066  1.00 16.97 ?  34  TRP A CB  1 
ATOM   250 C CG  . TRP A 1 34  ? 0.617   -2.210  -7.313  1.00 18.01 ?  34  TRP A CG  1 
ATOM   251 C CD1 . TRP A 1 34  ? -0.613  -2.553  -7.808  1.00 18.38 ?  34  TRP A CD1 1 
ATOM   252 C CD2 . TRP A 1 34  ? 0.581   -0.796  -7.102  1.00 19.87 ?  34  TRP A CD2 1 
ATOM   253 N NE1 . TRP A 1 34  ? -1.412  -1.432  -7.914  1.00 20.55 ?  34  TRP A NE1 1 
ATOM   254 C CE2 . TRP A 1 34  ? -0.701  -0.345  -7.488  1.00 19.03 ?  34  TRP A CE2 1 
ATOM   255 C CE3 . TRP A 1 34  ? 1.498   0.126   -6.610  1.00 22.62 ?  34  TRP A CE3 1 
ATOM   256 C CZ2 . TRP A 1 34  ? -1.080  0.984   -7.393  1.00 18.66 ?  34  TRP A CZ2 1 
ATOM   257 C CZ3 . TRP A 1 34  ? 1.129   1.451   -6.521  1.00 24.21 ?  34  TRP A CZ3 1 
ATOM   258 C CH2 . TRP A 1 34  ? -0.150  1.874   -6.914  1.00 25.24 ?  34  TRP A CH2 1 
ATOM   259 N N   . GLU A 1 35  ? 1.424   -5.025  -9.302  1.00 23.81 ?  35  GLU A N   1 
ATOM   260 C CA  . GLU A 1 35  ? 0.557   -5.639  -10.296 1.00 29.67 ?  35  GLU A CA  1 
ATOM   261 C C   . GLU A 1 35  ? -0.795  -5.958  -9.717  1.00 26.43 ?  35  GLU A C   1 
ATOM   262 O O   . GLU A 1 35  ? -0.900  -6.305  -8.540  1.00 30.51 ?  35  GLU A O   1 
ATOM   263 C CB  . GLU A 1 35  ? 1.182   -6.917  -10.832 1.00 37.70 ?  35  GLU A CB  1 
ATOM   264 C CG  . GLU A 1 35  ? 2.353   -6.658  -11.695 1.00 40.44 ?  35  GLU A CG  1 
ATOM   265 C CD  . GLU A 1 35  ? 2.961   -7.923  -12.140 1.00 42.33 ?  35  GLU A CD  1 
ATOM   266 O OE1 . GLU A 1 35  ? 2.197   -8.814  -12.577 1.00 42.85 ?  35  GLU A OE1 1 
ATOM   267 O OE2 . GLU A 1 35  ? 4.196   -8.032  -12.012 1.00 47.25 -1 35  GLU A OE2 1 
ATOM   268 N N   . PRO A 1 36  ? -1.849  -5.853  -10.541 1.00 28.35 ?  36  PRO A N   1 
ATOM   269 C CA  . PRO A 1 36  ? -3.203  -6.134  -10.047 1.00 28.16 ?  36  PRO A CA  1 
ATOM   270 C C   . PRO A 1 36  ? -3.406  -7.593  -9.613  1.00 28.08 ?  36  PRO A C   1 
ATOM   271 O O   . PRO A 1 36  ? -3.006  -8.500  -10.332 1.00 28.39 ?  36  PRO A O   1 
ATOM   272 C CB  . PRO A 1 36  ? -4.081  -5.796  -11.257 1.00 28.98 ?  36  PRO A CB  1 
ATOM   273 C CG  . PRO A 1 36  ? -3.157  -5.955  -12.437 1.00 33.84 ?  36  PRO A CG  1 
ATOM   274 C CD  . PRO A 1 36  ? -1.850  -5.441  -11.956 1.00 27.43 ?  36  PRO A CD  1 
ATOM   275 N N   . PRO A 1 37  ? -4.025  -7.820  -8.442  1.00 25.51 ?  37  PRO A N   1 
ATOM   276 C CA  . PRO A 1 37  ? -4.438  -9.202  -8.172  1.00 28.24 ?  37  PRO A CA  1 
ATOM   277 C C   . PRO A 1 37  ? -5.589  -9.586  -9.093  1.00 33.37 ?  37  PRO A C   1 
ATOM   278 O O   . PRO A 1 37  ? -6.154  -8.715  -9.760  1.00 36.63 ?  37  PRO A O   1 
ATOM   279 C CB  . PRO A 1 37  ? -4.887  -9.162  -6.706  1.00 26.35 ?  37  PRO A CB  1 
ATOM   280 C CG  . PRO A 1 37  ? -5.381  -7.754  -6.530  1.00 26.61 ?  37  PRO A CG  1 
ATOM   281 C CD  . PRO A 1 37  ? -4.469  -6.898  -7.384  1.00 23.68 ?  37  PRO A CD  1 
ATOM   282 N N   . PRO A 1 38  ? -5.922  -10.883 -9.145  1.00 35.84 ?  38  PRO A N   1 
ATOM   283 C CA  . PRO A 1 38  ? -6.982  -11.357 -10.041 1.00 40.22 ?  38  PRO A CA  1 
ATOM   284 C C   . PRO A 1 38  ? -8.354  -10.807 -9.662  1.00 39.13 ?  38  PRO A C   1 
ATOM   285 O O   . PRO A 1 38  ? -8.585  -10.422 -8.514  1.00 34.30 ?  38  PRO A O   1 
ATOM   286 C CB  . PRO A 1 38  ? -6.931  -12.886 -9.874  1.00 37.11 ?  38  PRO A CB  1 
ATOM   287 C CG  . PRO A 1 38  ? -6.205  -13.120 -8.594  1.00 38.75 ?  38  PRO A CG  1 
ATOM   288 C CD  . PRO A 1 38  ? -5.238  -11.987 -8.454  1.00 34.73 ?  38  PRO A CD  1 
ATOM   289 N N   . GLY A 1 39  ? -9.255  -10.759 -10.632 1.00 38.12 ?  39  GLY A N   1 
ATOM   290 C CA  . GLY A 1 39  ? -10.631 -10.410 -10.345 1.00 36.40 ?  39  GLY A CA  1 
ATOM   291 C C   . GLY A 1 39  ? -10.873 -8.930  -10.490 1.00 36.28 ?  39  GLY A C   1 
ATOM   292 O O   . GLY A 1 39  ? -10.008 -8.200  -10.971 1.00 32.01 ?  39  GLY A O   1 
ATOM   293 N N   . PRO A 1 40  ? -12.069 -8.476  -10.095 1.00 38.83 ?  40  PRO A N   1 
ATOM   294 C CA  . PRO A 1 40  ? -12.397 -7.055  -10.239 1.00 37.69 ?  40  PRO A CA  1 
ATOM   295 C C   . PRO A 1 40  ? -11.659 -6.210  -9.203  1.00 25.41 ?  40  PRO A C   1 
ATOM   296 O O   . PRO A 1 40  ? -11.536 -6.591  -8.037  1.00 30.90 ?  40  PRO A O   1 
ATOM   297 C CB  . PRO A 1 40  ? -13.911 -7.021  -10.022 1.00 40.02 ?  40  PRO A CB  1 
ATOM   298 C CG  . PRO A 1 40  ? -14.176 -8.176  -9.121  1.00 43.33 ?  40  PRO A CG  1 
ATOM   299 C CD  . PRO A 1 40  ? -13.170 -9.247  -9.491  1.00 46.14 ?  40  PRO A CD  1 
ATOM   300 N N   . ILE A 1 41  ? -11.122 -5.088  -9.659  1.00 28.90 ?  41  ILE A N   1 
ATOM   301 C CA  . ILE A 1 41  ? -10.436 -4.136  -8.790  1.00 22.04 ?  41  ILE A CA  1 
ATOM   302 C C   . ILE A 1 41  ? -11.127 -2.789  -8.984  1.00 24.41 ?  41  ILE A C   1 
ATOM   303 O O   . ILE A 1 41  ? -11.283 -2.343  -10.119 1.00 28.79 ?  41  ILE A O   1 
ATOM   304 C CB  . ILE A 1 41  ? -8.929  -4.012  -9.125  1.00 27.52 ?  41  ILE A CB  1 
ATOM   305 C CG1 . ILE A 1 41  ? -8.256  -5.391  -9.239  1.00 28.90 ?  41  ILE A CG1 1 
ATOM   306 C CG2 . ILE A 1 41  ? -8.212  -3.163  -8.052  1.00 22.82 ?  41  ILE A CG2 1 
ATOM   307 C CD1 . ILE A 1 41  ? -8.260  -6.127  -7.948  1.00 32.84 ?  41  ILE A CD1 1 
ATOM   308 N N   . THR A 1 42  ? -11.558 -2.141  -7.908  1.00 23.24 ?  42  THR A N   1 
ATOM   309 C CA  . THR A 1 42  ? -12.187 -0.830  -8.064  1.00 21.99 ?  42  THR A CA  1 
ATOM   310 C C   . THR A 1 42  ? -11.271 0.317   -7.620  1.00 23.65 ?  42  THR A C   1 
ATOM   311 O O   . THR A 1 42  ? -11.618 1.495   -7.764  1.00 18.91 ?  42  THR A O   1 
ATOM   312 C CB  . THR A 1 42  ? -13.494 -0.738  -7.275  1.00 17.22 ?  42  THR A CB  1 
ATOM   313 O OG1 . THR A 1 42  ? -13.218 -0.944  -5.881  1.00 20.18 ?  42  THR A OG1 1 
ATOM   314 C CG2 . THR A 1 42  ? -14.489 -1.786  -7.773  1.00 19.72 ?  42  THR A CG2 1 
ATOM   315 N N   . GLY A 1 43  ? -10.112 -0.035  -7.067  1.00 19.48 ?  43  GLY A N   1 
ATOM   316 C CA  . GLY A 1 43  ? -9.188  0.963   -6.573  1.00 19.94 ?  43  GLY A CA  1 
ATOM   317 C C   . GLY A 1 43  ? -8.122  0.307   -5.712  1.00 20.36 ?  43  GLY A C   1 
ATOM   318 O O   . GLY A 1 43  ? -8.175  -0.907  -5.457  1.00 16.85 ?  43  GLY A O   1 
ATOM   319 N N   . TYR A 1 44  ? -7.150  1.109   -5.277  1.00 16.15 ?  44  TYR A N   1 
ATOM   320 C CA  . TYR A 1 44  ? -6.146  0.663   -4.313  1.00 15.51 ?  44  TYR A CA  1 
ATOM   321 C C   . TYR A 1 44  ? -5.975  1.698   -3.223  1.00 22.31 ?  44  TYR A C   1 
ATOM   322 O O   . TYR A 1 44  ? -5.871  2.885   -3.520  1.00 20.08 ?  44  TYR A O   1 
ATOM   323 C CB  . TYR A 1 44  ? -4.783  0.466   -4.968  1.00 15.62 ?  44  TYR A CB  1 
ATOM   324 C CG  . TYR A 1 44  ? -4.712  -0.578  -6.039  1.00 16.73 ?  44  TYR A CG  1 
ATOM   325 C CD1 . TYR A 1 44  ? -4.907  -0.246  -7.372  1.00 21.99 ?  44  TYR A CD1 1 
ATOM   326 C CD2 . TYR A 1 44  ? -4.388  -1.894  -5.721  1.00 19.19 ?  44  TYR A CD2 1 
ATOM   327 C CE1 . TYR A 1 44  ? -4.833  -1.222  -8.378  1.00 25.93 ?  44  TYR A CE1 1 
ATOM   328 C CE2 . TYR A 1 44  ? -4.303  -2.879  -6.719  1.00 17.10 ?  44  TYR A CE2 1 
ATOM   329 C CZ  . TYR A 1 44  ? -4.522  -2.525  -8.042  1.00 21.05 ?  44  TYR A CZ  1 
ATOM   330 O OH  . TYR A 1 44  ? -4.447  -3.485  -9.033  1.00 24.04 ?  44  TYR A OH  1 
ATOM   331 N N   . ARG A 1 45  ? -5.902  1.258   -1.973  1.00 15.43 ?  45  ARG A N   1 
ATOM   332 C CA  . ARG A 1 45  ? -5.592  2.162   -0.875  1.00 23.55 ?  45  ARG A CA  1 
ATOM   333 C C   . ARG A 1 45  ? -4.098  2.152   -0.688  1.00 27.44 ?  45  ARG A C   1 
ATOM   334 O O   . ARG A 1 45  ? -3.496  1.080   -0.563  1.00 23.91 ?  45  ARG A O   1 
ATOM   335 C CB  . ARG A 1 45  ? -6.286  1.749   0.414   1.00 33.22 ?  45  ARG A CB  1 
ATOM   336 C CG  . ARG A 1 45  ? -7.777  1.647   0.250   1.00 36.83 ?  45  ARG A CG  1 
ATOM   337 C CD  . ARG A 1 45  ? -8.507  2.350   1.341   1.00 36.51 ?  45  ARG A CD  1 
ATOM   338 N NE  . ARG A 1 45  ? -9.874  1.860   1.360   1.00 32.36 ?  45  ARG A NE  1 
ATOM   339 C CZ  . ARG A 1 45  ? -10.792 2.185   0.457   1.00 34.68 ?  45  ARG A CZ  1 
ATOM   340 N NH1 . ARG A 1 45  ? -10.479 3.021   -0.531  1.00 27.78 1  45  ARG A NH1 1 
ATOM   341 N NH2 . ARG A 1 45  ? -12.015 1.662   0.542   1.00 30.09 ?  45  ARG A NH2 1 
ATOM   342 N N   . VAL A 1 46  ? -3.508  3.339   -0.736  1.00 22.90 ?  46  VAL A N   1 
ATOM   343 C CA  . VAL A 1 46  ? -2.078  3.482   -0.493  1.00 26.51 ?  46  VAL A CA  1 
ATOM   344 C C   . VAL A 1 46  ? -1.991  4.164   0.860   1.00 30.19 ?  46  VAL A C   1 
ATOM   345 O O   . VAL A 1 46  ? -2.496  5.266   1.032   1.00 23.69 ?  46  VAL A O   1 
ATOM   346 C CB  . VAL A 1 46  ? -1.368  4.298   -1.608  1.00 20.37 ?  46  VAL A CB  1 
ATOM   347 C CG1 . VAL A 1 46  ? 0.130   4.472   -1.304  1.00 24.73 ?  46  VAL A CG1 1 
ATOM   348 C CG2 . VAL A 1 46  ? -1.526  3.610   -2.959  1.00 18.49 ?  46  VAL A CG2 1 
ATOM   349 N N   . GLU A 1 47  ? -1.413  3.462   1.831   1.00 23.64 ?  47  GLU A N   1 
ATOM   350 C CA  . GLU A 1 47  ? -1.354  3.907   3.209   1.00 23.34 ?  47  GLU A CA  1 
ATOM   351 C C   . GLU A 1 47  ? 0.099   4.018   3.611   1.00 27.47 ?  47  GLU A C   1 
ATOM   352 O O   . GLU A 1 47  ? 0.906   3.187   3.208   1.00 23.33 ?  47  GLU A O   1 
ATOM   353 C CB  . GLU A 1 47  ? -2.071  2.925   4.146   1.00 29.49 ?  47  GLU A CB  1 
ATOM   354 C CG  . GLU A 1 47  ? -3.505  2.597   3.744   1.00 42.35 ?  47  GLU A CG  1 
ATOM   355 C CD  . GLU A 1 47  ? -4.099  1.489   4.598   1.00 51.19 ?  47  GLU A CD  1 
ATOM   356 O OE1 . GLU A 1 47  ? -3.322  0.780   5.267   1.00 60.37 ?  47  GLU A OE1 1 
ATOM   357 O OE2 . GLU A 1 47  ? -5.340  1.328   4.610   1.00 56.92 -1 47  GLU A OE2 1 
ATOM   358 N N   . TYR A 1 48  ? 0.438   5.052   4.366   1.00 20.88 ?  48  TYR A N   1 
ATOM   359 C CA  . TYR A 1 48  ? 1.829   5.232   4.792   1.00 23.06 ?  48  TYR A CA  1 
ATOM   360 C C   . TYR A 1 48  ? 1.910   6.059   6.074   1.00 23.49 ?  48  TYR A C   1 
ATOM   361 O O   . TYR A 1 48  ? 0.997   6.844   6.404   1.00 18.98 ?  48  TYR A O   1 
ATOM   362 C CB  . TYR A 1 48  ? 2.652   5.900   3.687   1.00 17.74 ?  48  TYR A CB  1 
ATOM   363 C CG  . TYR A 1 48  ? 2.140   7.266   3.304   1.00 20.50 ?  48  TYR A CG  1 
ATOM   364 C CD1 . TYR A 1 48  ? 1.054   7.406   2.460   1.00 22.82 ?  48  TYR A CD1 1 
ATOM   365 C CD2 . TYR A 1 48  ? 2.746   8.417   3.784   1.00 17.30 ?  48  TYR A CD2 1 
ATOM   366 C CE1 . TYR A 1 48  ? 0.560   8.678   2.134   1.00 23.42 ?  48  TYR A CE1 1 
ATOM   367 C CE2 . TYR A 1 48  ? 2.287   9.661   3.448   1.00 21.65 ?  48  TYR A CE2 1 
ATOM   368 C CZ  . TYR A 1 48  ? 1.205   9.787   2.607   1.00 26.00 ?  48  TYR A CZ  1 
ATOM   369 O OH  . TYR A 1 48  ? 0.744   11.027  2.273   1.00 24.03 ?  48  TYR A OH  1 
ATOM   370 N N   . ARG A 1 49  ? 2.989   5.851   6.804   1.00 18.84 ?  49  ARG A N   1 
ATOM   371 C CA  . ARG A 1 49  ? 3.248   6.509   8.067   1.00 23.32 ?  49  ARG A CA  1 
ATOM   372 C C   . ARG A 1 49  ? 4.731   6.557   8.393   1.00 27.42 ?  49  ARG A C   1 
ATOM   373 O O   . ARG A 1 49  ? 5.443   5.678   8.028   1.00 21.68 ?  49  ARG A O   1 
ATOM   374 C CB  . ARG A 1 49  ? 2.530   5.791   9.207   1.00 19.57 ?  49  ARG A CB  1 
ATOM   375 C CG  . ARG A 1 49  ? 3.151   4.492   9.645   1.00 24.25 ?  49  ARG A CG  1 
ATOM   376 C CD  . ARG A 1 49  ? 2.854   4.136   11.093  1.00 33.67 ?  49  ARG A CD  1 
ATOM   377 N NE  . ARG A 1 49  ? 3.374   2.832   11.456  1.00 40.08 ?  49  ARG A NE  1 
ATOM   378 C CZ  . ARG A 1 49  ? 3.193   2.207   12.621  1.00 42.60 ?  49  ARG A CZ  1 
ATOM   379 N NH1 . ARG A 1 49  ? 2.489   2.790   13.594  1.00 27.57 1  49  ARG A NH1 1 
ATOM   380 N NH2 . ARG A 1 49  ? 3.700   0.974   12.784  1.00 41.42 ?  49  ARG A NH2 1 
ATOM   381 N N   . GLU A 1 50  ? 5.165   7.586   9.099   1.00 29.28 ?  50  GLU A N   1 
ATOM   382 C CA  . GLU A 1 50  ? 6.482   7.494   9.709   1.00 39.02 ?  50  GLU A CA  1 
ATOM   383 C C   . GLU A 1 50  ? 6.336   6.350   10.660  1.00 39.05 ?  50  GLU A C   1 
ATOM   384 O O   . GLU A 1 50  ? 5.334   6.251   11.409  1.00 34.19 ?  50  GLU A O   1 
ATOM   385 C CB  . GLU A 1 50  ? 6.905   8.757   10.451  1.00 38.31 ?  50  GLU A CB  1 
ATOM   386 C CG  . GLU A 1 50  ? 6.794   10.032  9.639   1.00 50.37 ?  50  GLU A CG  1 
ATOM   387 C CD  . GLU A 1 50  ? 7.279   11.237  10.429  1.00 57.50 ?  50  GLU A CD  1 
ATOM   388 O OE1 . GLU A 1 50  ? 8.027   11.024  11.409  1.00 60.23 ?  50  GLU A OE1 1 
ATOM   389 O OE2 . GLU A 1 50  ? 6.908   12.383  10.076  1.00 65.46 -1 50  GLU A OE2 1 
ATOM   390 N N   . ALA A 1 51  ? 7.304   5.450   10.579  1.00 55.22 ?  51  ALA A N   1 
ATOM   391 C CA  . ALA A 1 51  ? 7.311   4.257   11.386  1.00 52.05 ?  51  ALA A CA  1 
ATOM   392 C C   . ALA A 1 51  ? 6.934   4.608   12.819  1.00 47.86 ?  51  ALA A C   1 
ATOM   393 O O   . ALA A 1 51  ? 7.517   5.506   13.429  1.00 46.86 ?  51  ALA A O   1 
ATOM   394 C CB  . ALA A 1 51  ? 8.687   3.583   11.320  1.00 52.38 ?  51  ALA A CB  1 
ATOM   395 N N   . GLY A 1 52  ? 5.909   3.950   13.330  1.00 40.55 ?  52  GLY A N   1 
ATOM   396 C CA  . GLY A 1 52  ? 5.568   4.125   14.721  1.00 42.09 ?  52  GLY A CA  1 
ATOM   397 C C   . GLY A 1 52  ? 4.436   5.078   15.014  1.00 45.24 ?  52  GLY A C   1 
ATOM   398 O O   . GLY A 1 52  ? 3.884   5.054   16.114  1.00 43.93 ?  52  GLY A O   1 
ATOM   399 N N   . GLY A 1 53  ? 4.079   5.923   14.046  1.00 43.98 ?  53  GLY A N   1 
ATOM   400 C CA  . GLY A 1 53  ? 3.072   6.936   14.270  1.00 40.46 ?  53  GLY A CA  1 
ATOM   401 C C   . GLY A 1 53  ? 1.708   6.711   13.638  1.00 37.20 ?  53  GLY A C   1 
ATOM   402 O O   . GLY A 1 53  ? 1.190   5.596   13.614  1.00 34.37 ?  53  GLY A O   1 
ATOM   403 N N   . GLU A 1 54  ? 1.124   7.790   13.139  1.00 41.53 ?  54  GLU A N   1 
ATOM   404 C CA  . GLU A 1 54  ? -0.230  7.773   12.593  1.00 36.89 ?  54  GLU A CA  1 
ATOM   405 C C   . GLU A 1 54  ? -0.281  7.656   11.046  1.00 37.62 ?  54  GLU A C   1 
ATOM   406 O O   . GLU A 1 54  ? 0.460   8.329   10.325  1.00 42.04 ?  54  GLU A O   1 
ATOM   407 C CB  . GLU A 1 54  ? -0.976  9.039   13.063  1.00 39.84 ?  54  GLU A CB  1 
ATOM   408 C CG  . GLU A 1 54  ? -0.158  10.323  13.027  1.00 45.51 ?  54  GLU A CG  1 
ATOM   409 N N   . TRP A 1 55  ? -1.213  6.841   10.562  1.00 27.76 ?  55  TRP A N   1 
ATOM   410 C CA  . TRP A 1 55  ? -1.291  6.425   9.172   1.00 23.03 ?  55  TRP A CA  1 
ATOM   411 C C   . TRP A 1 55  ? -2.064  7.398   8.265   1.00 29.30 ?  55  TRP A C   1 
ATOM   412 O O   . TRP A 1 55  ? -3.188  7.796   8.574   1.00 26.24 ?  55  TRP A O   1 
ATOM   413 C CB  . TRP A 1 55  ? -1.935  5.045   9.130   1.00 35.09 ?  55  TRP A CB  1 
ATOM   414 C CG  . TRP A 1 55  ? -1.022  3.906   9.630   1.00 38.07 ?  55  TRP A CG  1 
ATOM   415 C CD1 . TRP A 1 55  ? -0.834  3.477   10.928  1.00 43.91 ?  55  TRP A CD1 1 
ATOM   416 C CD2 . TRP A 1 55  ? -0.195  3.073   8.809   1.00 38.38 ?  55  TRP A CD2 1 
ATOM   417 N NE1 . TRP A 1 55  ? 0.069   2.417   10.961  1.00 40.28 ?  55  TRP A NE1 1 
ATOM   418 C CE2 . TRP A 1 55  ? 0.475   2.157   9.671   1.00 44.32 ?  55  TRP A CE2 1 
ATOM   419 C CE3 . TRP A 1 55  ? 0.044   3.005   7.422   1.00 23.55 ?  55  TRP A CE3 1 
ATOM   420 C CZ2 . TRP A 1 55  ? 1.371   1.193   9.181   1.00 41.97 ?  55  TRP A CZ2 1 
ATOM   421 C CZ3 . TRP A 1 55  ? 0.938   2.056   6.945   1.00 27.79 ?  55  TRP A CZ3 1 
ATOM   422 C CH2 . TRP A 1 55  ? 1.582   1.153   7.819   1.00 33.86 ?  55  TRP A CH2 1 
ATOM   423 N N   . LYS A 1 56  ? -1.447  7.785   7.158   1.00 21.25 ?  56  LYS A N   1 
ATOM   424 C CA  . LYS A 1 56  ? -2.103  8.631   6.166   1.00 22.81 ?  56  LYS A CA  1 
ATOM   425 C C   . LYS A 1 56  ? -2.557  7.742   5.032   1.00 17.66 ?  56  LYS A C   1 
ATOM   426 O O   . LYS A 1 56  ? -2.076  6.634   4.909   1.00 22.54 ?  56  LYS A O   1 
ATOM   427 C CB  . LYS A 1 56  ? -1.150  9.708   5.671   1.00 29.27 ?  56  LYS A CB  1 
ATOM   428 C CG  . LYS A 1 56  ? -0.375  10.406  6.786   1.00 35.63 ?  56  LYS A CG  1 
ATOM   429 C CD  . LYS A 1 56  ? -1.274  11.309  7.608   1.00 41.77 ?  56  LYS A CD  1 
ATOM   430 N N   . GLU A 1 57  ? -3.439  8.203   4.180   1.00 18.56 ?  57  GLU A N   1 
ATOM   431 C CA  . GLU A 1 57  ? -4.033  7.347   3.191   1.00 17.15 ?  57  GLU A CA  1 
ATOM   432 C C   . GLU A 1 57  ? -4.461  8.065   1.914   1.00 20.05 ?  57  GLU A C   1 
ATOM   433 O O   . GLU A 1 57  ? -4.999  9.110   1.987   1.00 17.07 ?  57  GLU A O   1 
ATOM   434 C CB  . GLU A 1 57  ? -5.218  6.651   3.802   1.00 21.76 ?  57  GLU A CB  1 
ATOM   435 C CG  . GLU A 1 57  ? -5.984  5.832   2.831   1.00 30.45 ?  57  GLU A CG  1 
ATOM   436 C CD  . GLU A 1 57  ? -7.277  5.299   3.393   1.00 51.55 ?  57  GLU A CD  1 
ATOM   437 O OE1 . GLU A 1 57  ? -7.289  4.666   4.444   1.00 46.15 ?  57  GLU A OE1 1 
ATOM   438 O OE2 . GLU A 1 57  ? -8.297  5.521   2.751   1.00 62.78 -1 57  GLU A OE2 1 
ATOM   439 N N   . VAL A 1 58  ? -4.237  7.455   0.765   1.00 19.48 ?  58  VAL A N   1 
ATOM   440 C CA  . VAL A 1 58  ? -4.816  8.012   -0.462  1.00 20.57 ?  58  VAL A CA  1 
ATOM   441 C C   . VAL A 1 58  ? -5.279  6.826   -1.303  1.00 24.96 ?  58  VAL A C   1 
ATOM   442 O O   . VAL A 1 58  ? -4.622  5.795   -1.335  1.00 21.72 ?  58  VAL A O   1 
ATOM   443 C CB  . VAL A 1 58  ? -3.802  8.883   -1.239  1.00 18.95 ?  58  VAL A CB  1 
ATOM   444 C CG1 . VAL A 1 58  ? -2.523  8.081   -1.522  1.00 16.80 ?  58  VAL A CG1 1 
ATOM   445 C CG2 . VAL A 1 58  ? -4.406  9.432   -2.537  1.00 19.29 ?  58  VAL A CG2 1 
ATOM   446 N N   . THR A 1 59  ? -6.438  6.953   -1.933  1.00 15.12 ?  59  THR A N   1 
ATOM   447 C CA  . THR A 1 59  ? -6.959  5.882   -2.779  1.00 15.71 ?  59  THR A CA  1 
ATOM   448 C C   . THR A 1 59  ? -6.702  6.276   -4.232  1.00 19.29 ?  59  THR A C   1 
ATOM   449 O O   . THR A 1 59  ? -6.862  7.448   -4.624  1.00 19.48 ?  59  THR A O   1 
ATOM   450 C CB  . THR A 1 59  ? -8.454  5.636   -2.515  1.00 16.30 ?  59  THR A CB  1 
ATOM   451 O OG1 . THR A 1 59  ? -8.634  5.338   -1.109  1.00 17.27 ?  59  THR A OG1 1 
ATOM   452 C CG2 . THR A 1 59  ? -8.976  4.418   -3.355  1.00 16.73 ?  59  THR A CG2 1 
ATOM   453 N N   . VAL A 1 60  ? -6.273  5.308   -5.024  1.00 17.39 ?  60  VAL A N   1 
ATOM   454 C CA  . VAL A 1 60  ? -5.870  5.554   -6.406  1.00 18.51 ?  60  VAL A CA  1 
ATOM   455 C C   . VAL A 1 60  ? -6.685  4.634   -7.339  1.00 20.06 ?  60  VAL A C   1 
ATOM   456 O O   . VAL A 1 60  ? -7.347  3.715   -6.873  1.00 17.13 ?  60  VAL A O   1 
ATOM   457 C CB  . VAL A 1 60  ? -4.348  5.334   -6.576  1.00 19.31 ?  60  VAL A CB  1 
ATOM   458 C CG1 . VAL A 1 60  ? -3.587  6.068   -5.479  1.00 25.06 ?  60  VAL A CG1 1 
ATOM   459 C CG2 . VAL A 1 60  ? -3.996  3.875   -6.556  1.00 20.45 ?  60  VAL A CG2 1 
ATOM   460 N N   . PRO A 1 61  ? -6.656  4.900   -8.652  1.00 22.19 ?  61  PRO A N   1 
ATOM   461 C CA  . PRO A 1 61  ? -7.573  4.167   -9.534  1.00 18.77 ?  61  PRO A CA  1 
ATOM   462 C C   . PRO A 1 61  ? -7.326  2.669   -9.624  1.00 23.24 ?  61  PRO A C   1 
ATOM   463 O O   . PRO A 1 61  ? -6.206  2.186   -9.523  1.00 21.89 ?  61  PRO A O   1 
ATOM   464 C CB  . PRO A 1 61  ? -7.348  4.835   -10.903 1.00 24.65 ?  61  PRO A CB  1 
ATOM   465 C CG  . PRO A 1 61  ? -6.879  6.223   -10.583 1.00 20.97 ?  61  PRO A CG  1 
ATOM   466 C CD  . PRO A 1 61  ? -6.013  6.040   -9.345  1.00 21.45 ?  61  PRO A CD  1 
ATOM   467 N N   . GLY A 1 62  ? -8.406  1.928   -9.847  1.00 19.60 ?  62  GLY A N   1 
ATOM   468 C CA  . GLY A 1 62  ? -8.297  0.502   -10.051 1.00 19.57 ?  62  GLY A CA  1 
ATOM   469 C C   . GLY A 1 62  ? -7.384  0.118   -11.187 1.00 24.65 ?  62  GLY A C   1 
ATOM   470 O O   . GLY A 1 62  ? -6.885  -1.003  -11.227 1.00 28.49 ?  62  GLY A O   1 
ATOM   471 N N   . SER A 1 63  ? -7.194  1.026   -12.137 1.00 21.85 ?  63  SER A N   1 
ATOM   472 C CA  . SER A 1 63  ? -6.353  0.753   -13.306 1.00 27.04 ?  63  SER A CA  1 
ATOM   473 C C   . SER A 1 63  ? -4.900  1.154   -13.072 1.00 30.56 ?  63  SER A C   1 
ATOM   474 O O   . SER A 1 63  ? -4.047  0.990   -13.939 1.00 31.52 ?  63  SER A O   1 
ATOM   475 C CB  . SER A 1 63  ? -6.891  1.499   -14.523 1.00 30.46 ?  63  SER A CB  1 
ATOM   476 O OG  . SER A 1 63  ? -6.981  2.891   -14.245 1.00 28.53 ?  63  SER A OG  1 
ATOM   477 N N   . GLU A 1 64  ? -4.627  1.705   -11.901 1.00 31.61 ?  64  GLU A N   1 
ATOM   478 C CA  . GLU A 1 64  ? -3.283  2.189   -11.579 1.00 30.15 ?  64  GLU A CA  1 
ATOM   479 C C   . GLU A 1 64  ? -2.309  1.049   -11.233 1.00 25.49 ?  64  GLU A C   1 
ATOM   480 O O   . GLU A 1 64  ? -2.704  0.058   -10.616 1.00 24.85 ?  64  GLU A O   1 
ATOM   481 C CB  . GLU A 1 64  ? -3.376  3.163   -10.413 1.00 28.39 ?  64  GLU A CB  1 
ATOM   482 C CG  . GLU A 1 64  ? -2.119  3.911   -10.142 1.00 35.18 ?  64  GLU A CG  1 
ATOM   483 C CD  . GLU A 1 64  ? -2.058  5.202   -10.921 1.00 41.97 ?  64  GLU A CD  1 
ATOM   484 O OE1 . GLU A 1 64  ? -1.894  5.146   -12.163 1.00 38.77 ?  64  GLU A OE1 1 
ATOM   485 O OE2 . GLU A 1 64  ? -2.177  6.274   -10.281 1.00 43.94 -1 64  GLU A OE2 1 
ATOM   486 N N   . THR A 1 65  ? -1.042  1.165   -11.641 1.00 24.58 ?  65  THR A N   1 
ATOM   487 C CA  . THR A 1 65  ? -0.048  0.196   -11.197 1.00 23.53 ?  65  THR A CA  1 
ATOM   488 C C   . THR A 1 65  ? 1.231   0.867   -10.682 1.00 23.90 ?  65  THR A C   1 
ATOM   489 O O   . THR A 1 65  ? 2.168   0.183   -10.260 1.00 25.18 ?  65  THR A O   1 
ATOM   490 C CB  . THR A 1 65  ? 0.326   -0.791  -12.304 1.00 26.83 ?  65  THR A CB  1 
ATOM   491 O OG1 . THR A 1 65  ? 0.732   -0.063  -13.464 1.00 30.33 ?  65  THR A OG1 1 
ATOM   492 C CG2 . THR A 1 65  ? -0.860  -1.669  -12.648 1.00 29.27 ?  65  THR A CG2 1 
ATOM   493 N N   . SER A 1 66  ? 1.267   2.197   -10.701 1.00 20.95 ?  66  SER A N   1 
ATOM   494 C CA  . SER A 1 66  ? 2.352   2.934   -10.033 1.00 23.68 ?  66  SER A CA  1 
ATOM   495 C C   . SER A 1 66  ? 1.823   4.224   -9.469  1.00 25.49 ?  66  SER A C   1 
ATOM   496 O O   . SER A 1 66  ? 0.874   4.808   -10.011 1.00 25.51 ?  66  SER A O   1 
ATOM   497 C CB  . SER A 1 66  ? 3.511   3.262   -10.981 1.00 20.88 ?  66  SER A CB  1 
ATOM   498 O OG  . SER A 1 66  ? 4.153   2.118   -11.510 1.00 28.26 ?  66  SER A OG  1 
ATOM   499 N N   . TYR A 1 67  ? 2.427   4.676   -8.382  1.00 18.49 ?  67  TYR A N   1 
ATOM   500 C CA  . TYR A 1 67  ? 1.986   5.926   -7.772  1.00 20.85 ?  67  TYR A CA  1 
ATOM   501 C C   . TYR A 1 67  ? 3.097   6.557   -6.959  1.00 19.62 ?  67  TYR A C   1 
ATOM   502 O O   . TYR A 1 67  ? 3.833   5.847   -6.265  1.00 19.46 ?  67  TYR A O   1 
ATOM   503 C CB  . TYR A 1 67  ? 0.776   5.675   -6.878  1.00 21.20 ?  67  TYR A CB  1 
ATOM   504 C CG  . TYR A 1 67  ? 0.356   6.915   -6.110  1.00 22.53 ?  67  TYR A CG  1 
ATOM   505 C CD1 . TYR A 1 67  ? -0.270  7.976   -6.750  1.00 23.69 ?  67  TYR A CD1 1 
ATOM   506 C CD2 . TYR A 1 67  ? 0.596   7.023   -4.751  1.00 17.75 ?  67  TYR A CD2 1 
ATOM   507 C CE1 . TYR A 1 67  ? -0.660  9.116   -6.037  1.00 25.24 ?  67  TYR A CE1 1 
ATOM   508 C CE2 . TYR A 1 67  ? 0.216   8.165   -4.035  1.00 22.73 ?  67  TYR A CE2 1 
ATOM   509 C CZ  . TYR A 1 67  ? -0.393  9.196   -4.684  1.00 25.15 ?  67  TYR A CZ  1 
ATOM   510 O OH  . TYR A 1 67  ? -0.749  10.314  -3.974  1.00 30.26 ?  67  TYR A OH  1 
ATOM   511 N N   . THR A 1 68  ? 3.235   7.865   -7.049  1.00 18.08 ?  68  THR A N   1 
ATOM   512 C CA  . THR A 1 68  ? 4.285   8.550   -6.311  1.00 21.02 ?  68  THR A CA  1 
ATOM   513 C C   . THR A 1 68  ? 3.735   9.423   -5.194  1.00 22.15 ?  68  THR A C   1 
ATOM   514 O O   . THR A 1 68  ? 2.967   10.356  -5.442  1.00 22.94 ?  68  THR A O   1 
ATOM   515 C CB  . THR A 1 68  ? 5.126   9.438   -7.249  1.00 23.70 ?  68  THR A CB  1 
ATOM   516 O OG1 . THR A 1 68  ? 5.749   8.622   -8.253  1.00 24.70 ?  68  THR A OG1 1 
ATOM   517 C CG2 . THR A 1 68  ? 6.185   10.203  -6.451  1.00 26.60 ?  68  THR A CG2 1 
ATOM   518 N N   . VAL A 1 69  ? 4.145   9.144   -3.971  1.00 22.44 ?  69  VAL A N   1 
ATOM   519 C CA  . VAL A 1 69  ? 3.800   10.002  -2.853  1.00 20.72 ?  69  VAL A CA  1 
ATOM   520 C C   . VAL A 1 69  ? 4.867   11.060  -2.746  1.00 26.35 ?  69  VAL A C   1 
ATOM   521 O O   . VAL A 1 69  ? 6.053   10.730  -2.633  1.00 23.50 ?  69  VAL A O   1 
ATOM   522 C CB  . VAL A 1 69  ? 3.724   9.212   -1.509  1.00 27.10 ?  69  VAL A CB  1 
ATOM   523 C CG1 . VAL A 1 69  ? 3.491   10.177  -0.347  1.00 26.52 ?  69  VAL A CG1 1 
ATOM   524 C CG2 . VAL A 1 69  ? 2.631   8.166   -1.569  1.00 29.31 ?  69  VAL A CG2 1 
ATOM   525 N N   . THR A 1 70  ? 4.461   12.326  -2.794  1.00 25.90 ?  70  THR A N   1 
ATOM   526 C CA  . THR A 1 70  ? 5.395   13.431  -2.655  1.00 30.07 ?  70  THR A CA  1 
ATOM   527 C C   . THR A 1 70  ? 5.172   14.145  -1.340  1.00 29.72 ?  70  THR A C   1 
ATOM   528 O O   . THR A 1 70  ? 4.265   13.792  -0.581  1.00 29.13 ?  70  THR A O   1 
ATOM   529 C CB  . THR A 1 70  ? 5.246   14.437  -3.788  1.00 30.34 ?  70  THR A CB  1 
ATOM   530 O OG1 . THR A 1 70  ? 3.946   15.045  -3.701  1.00 32.42 ?  70  THR A OG1 1 
ATOM   531 C CG2 . THR A 1 70  ? 5.404   13.719  -5.134  1.00 27.42 ?  70  THR A CG2 1 
ATOM   532 N N   . GLY A 1 71  ? 6.018   15.135  -1.080  1.00 30.30 ?  71  GLY A N   1 
ATOM   533 C CA  . GLY A 1 71  ? 5.919   15.963  0.109   1.00 31.54 ?  71  GLY A CA  1 
ATOM   534 C C   . GLY A 1 71  ? 6.341   15.286  1.402   1.00 32.24 ?  71  GLY A C   1 
ATOM   535 O O   . GLY A 1 71  ? 5.874   15.655  2.478   1.00 31.97 ?  71  GLY A O   1 
ATOM   536 N N   . LEU A 1 72  ? 7.225   14.298  1.300   1.00 22.03 ?  72  LEU A N   1 
ATOM   537 C CA  . LEU A 1 72  ? 7.711   13.576  2.470   1.00 24.05 ?  72  LEU A CA  1 
ATOM   538 C C   . LEU A 1 72  ? 8.882   14.304  3.162   1.00 31.82 ?  72  LEU A C   1 
ATOM   539 O O   . LEU A 1 72  ? 9.563   15.093  2.517   1.00 27.56 ?  72  LEU A O   1 
ATOM   540 C CB  . LEU A 1 72  ? 8.166   12.181  2.038   1.00 18.64 ?  72  LEU A CB  1 
ATOM   541 C CG  . LEU A 1 72  ? 7.100   11.323  1.346   1.00 23.68 ?  72  LEU A CG  1 
ATOM   542 C CD1 . LEU A 1 72  ? 7.676   9.978   0.925   1.00 19.83 ?  72  LEU A CD1 1 
ATOM   543 C CD2 . LEU A 1 72  ? 5.907   11.129  2.254   1.00 24.38 ?  72  LEU A CD2 1 
ATOM   544 N N   . LYS A 1 73  ? 9.138   13.998  4.442   1.00 33.13 ?  73  LYS A N   1 
ATOM   545 C CA  . LYS A 1 73  ? 10.265  14.567  5.189   1.00 26.42 ?  73  LYS A CA  1 
ATOM   546 C C   . LYS A 1 73  ? 11.545  13.811  4.871   1.00 30.25 ?  73  LYS A C   1 
ATOM   547 O O   . LYS A 1 73  ? 11.588  12.600  5.023   1.00 32.41 ?  73  LYS A O   1 
ATOM   548 C CB  . LYS A 1 73  ? 10.042  14.499  6.709   1.00 29.37 ?  73  LYS A CB  1 
ATOM   549 C CG  . LYS A 1 73  ? 8.906   15.333  7.247   1.00 38.42 ?  73  LYS A CG  1 
ATOM   550 N N   . PRO A 1 74  ? 12.599  14.522  4.441   1.00 25.96 ?  74  PRO A N   1 
ATOM   551 C CA  . PRO A 1 74  ? 13.938  13.963  4.243   1.00 23.46 ?  74  PRO A CA  1 
ATOM   552 C C   . PRO A 1 74  ? 14.439  13.156  5.423   1.00 26.99 ?  74  PRO A C   1 
ATOM   553 O O   . PRO A 1 74  ? 14.096  13.460  6.561   1.00 33.79 ?  74  PRO A O   1 
ATOM   554 C CB  . PRO A 1 74  ? 14.807  15.209  4.052   1.00 28.81 ?  74  PRO A CB  1 
ATOM   555 C CG  . PRO A 1 74  ? 13.910  16.173  3.462   1.00 30.86 ?  74  PRO A CG  1 
ATOM   556 C CD  . PRO A 1 74  ? 12.570  15.959  4.115   1.00 34.01 ?  74  PRO A CD  1 
ATOM   557 N N   . GLY A 1 75  ? 15.243  12.143  5.132   1.00 20.82 ?  75  GLY A N   1 
ATOM   558 C CA  . GLY A 1 75  ? 15.927  11.333  6.120   1.00 25.04 ?  75  GLY A CA  1 
ATOM   559 C C   . GLY A 1 75  ? 15.014  10.622  7.088   1.00 29.33 ?  75  GLY A C   1 
ATOM   560 O O   . GLY A 1 75  ? 15.375  10.437  8.228   1.00 26.32 ?  75  GLY A O   1 
ATOM   561 N N   . THR A 1 76  ? 13.830  10.228  6.635   1.00 26.14 ?  76  THR A N   1 
ATOM   562 C CA  . THR A 1 76  ? 12.831  9.685   7.529   1.00 19.49 ?  76  THR A CA  1 
ATOM   563 C C   . THR A 1 76  ? 12.444  8.250   7.217   1.00 18.42 ?  76  THR A C   1 
ATOM   564 O O   . THR A 1 76  ? 12.288  7.895   6.056   1.00 19.82 ?  76  THR A O   1 
ATOM   565 C CB  . THR A 1 76  ? 11.555  10.557  7.480   1.00 23.30 ?  76  THR A CB  1 
ATOM   566 O OG1 . THR A 1 76  ? 11.875  11.879  7.950   1.00 28.67 ?  76  THR A OG1 1 
ATOM   567 C CG2 . THR A 1 76  ? 10.468  9.951   8.354   1.00 23.93 ?  76  THR A CG2 1 
ATOM   568 N N   . GLU A 1 77  ? 12.264  7.424   8.244   1.00 18.85 ?  77  GLU A N   1 
ATOM   569 C CA  . GLU A 1 77  ? 11.845  6.043   8.039   1.00 19.03 ?  77  GLU A CA  1 
ATOM   570 C C   . GLU A 1 77  ? 10.337  5.965   7.857   1.00 24.22 ?  77  GLU A C   1 
ATOM   571 O O   . GLU A 1 77  ? 9.557   6.350   8.745   1.00 19.26 ?  77  GLU A O   1 
ATOM   572 C CB  . GLU A 1 77  ? 12.252  5.147   9.208   1.00 24.29 ?  77  GLU A CB  1 
ATOM   573 C CG  . GLU A 1 77  ? 13.771  4.990   9.419   1.00 21.78 ?  77  GLU A CG  1 
ATOM   574 C CD  . GLU A 1 77  ? 14.342  3.781   8.702   1.00 27.15 ?  77  GLU A CD  1 
ATOM   575 O OE1 . GLU A 1 77  ? 13.572  3.006   8.115   1.00 23.06 ?  77  GLU A OE1 1 
ATOM   576 O OE2 . GLU A 1 77  ? 15.573  3.597   8.725   1.00 34.04 -1 77  GLU A OE2 1 
ATOM   577 N N   . TYR A 1 78  ? 9.933   5.429   6.724   1.00 19.04 ?  78  TYR A N   1 
ATOM   578 C CA  . TYR A 1 78  ? 8.524   5.316   6.409   1.00 18.14 ?  78  TYR A CA  1 
ATOM   579 C C   . TYR A 1 78  ? 8.139   3.871   6.214   1.00 20.61 ?  78  TYR A C   1 
ATOM   580 O O   . TYR A 1 78  ? 8.966   3.000   5.908   1.00 18.10 ?  78  TYR A O   1 
ATOM   581 C CB  . TYR A 1 78  ? 8.179   6.114   5.143   1.00 17.80 ?  78  TYR A CB  1 
ATOM   582 C CG  . TYR A 1 78  ? 8.095   7.603   5.312   1.00 21.15 ?  78  TYR A CG  1 
ATOM   583 C CD1 . TYR A 1 78  ? 6.950   8.182   5.804   1.00 22.51 ?  78  TYR A CD1 1 
ATOM   584 C CD2 . TYR A 1 78  ? 9.153   8.450   4.928   1.00 19.14 ?  78  TYR A CD2 1 
ATOM   585 C CE1 . TYR A 1 78  ? 6.841   9.532   5.958   1.00 25.48 ?  78  TYR A CE1 1 
ATOM   586 C CE2 . TYR A 1 78  ? 9.038   9.839   5.072   1.00 18.62 ?  78  TYR A CE2 1 
ATOM   587 C CZ  . TYR A 1 78  ? 7.882   10.357  5.601   1.00 24.48 ?  78  TYR A CZ  1 
ATOM   588 O OH  . TYR A 1 78  ? 7.685   11.707  5.742   1.00 28.54 ?  78  TYR A OH  1 
ATOM   589 N N   . GLU A 1 79  ? 6.854   3.619   6.400   1.00 18.99 ?  79  GLU A N   1 
ATOM   590 C CA  . GLU A 1 79  ? 6.273   2.326   6.140   1.00 17.76 ?  79  GLU A CA  1 
ATOM   591 C C   . GLU A 1 79  ? 5.155   2.573   5.114   1.00 19.85 ?  79  GLU A C   1 
ATOM   592 O O   . GLU A 1 79  ? 4.438   3.558   5.267   1.00 16.43 ?  79  GLU A O   1 
ATOM   593 C CB  . GLU A 1 79  ? 5.738   1.784   7.452   1.00 26.73 ?  79  GLU A CB  1 
ATOM   594 C CG  . GLU A 1 79  ? 5.156   0.476   7.412   1.00 32.44 ?  79  GLU A CG  1 
ATOM   595 C CD  . GLU A 1 79  ? 4.641   0.048   8.787   1.00 28.46 ?  79  GLU A CD  1 
ATOM   596 O OE1 . GLU A 1 79  ? 4.447   0.876   9.723   1.00 28.43 ?  79  GLU A OE1 1 
ATOM   597 O OE2 . GLU A 1 79  ? 4.420   -1.149  8.917   1.00 28.51 -1 79  GLU A OE2 1 
ATOM   598 N N   . PHE A 1 80  ? 5.030   1.744   4.068   1.00 13.31 ?  80  PHE A N   1 
ATOM   599 C CA  . PHE A 1 80  ? 3.942   1.917   3.068   1.00 15.62 ?  80  PHE A CA  1 
ATOM   600 C C   . PHE A 1 80  ? 3.189   0.613   2.975   1.00 23.62 ?  80  PHE A C   1 
ATOM   601 O O   . PHE A 1 80  ? 3.811   -0.444  3.089   1.00 19.00 ?  80  PHE A O   1 
ATOM   602 C CB  . PHE A 1 80  ? 4.476   2.274   1.672   1.00 13.99 ?  80  PHE A CB  1 
ATOM   603 C CG  . PHE A 1 80  ? 4.976   3.661   1.561   1.00 19.90 ?  80  PHE A CG  1 
ATOM   604 C CD1 . PHE A 1 80  ? 6.183   4.018   2.135   1.00 23.55 ?  80  PHE A CD1 1 
ATOM   605 C CD2 . PHE A 1 80  ? 4.251   4.617   0.874   1.00 17.93 ?  80  PHE A CD2 1 
ATOM   606 C CE1 . PHE A 1 80  ? 6.653   5.331   2.041   1.00 23.70 ?  80  PHE A CE1 1 
ATOM   607 C CE2 . PHE A 1 80  ? 4.722   5.940   0.768   1.00 20.77 ?  80  PHE A CE2 1 
ATOM   608 C CZ  . PHE A 1 80  ? 5.919   6.285   1.360   1.00 25.55 ?  80  PHE A CZ  1 
ATOM   609 N N   . ARG A 1 81  ? 1.871   0.651   2.800   1.00 18.43 ?  81  ARG A N   1 
ATOM   610 C CA  . ARG A 1 81  ? 1.188   -0.575  2.452   1.00 17.03 ?  81  ARG A CA  1 
ATOM   611 C C   . ARG A 1 81  ? 0.092   -0.300  1.450   1.00 23.40 ?  81  ARG A C   1 
ATOM   612 O O   . ARG A 1 81  ? -0.481  0.777   1.417   1.00 25.54 ?  81  ARG A O   1 
ATOM   613 C CB  . ARG A 1 81  ? 0.670   -1.301  3.696   1.00 23.64 ?  81  ARG A CB  1 
ATOM   614 C CG  . ARG A 1 81  ? -0.539  -0.783  4.342   1.00 30.80 ?  81  ARG A CG  1 
ATOM   615 C CD  . ARG A 1 81  ? -0.791  -1.644  5.567   1.00 35.27 ?  81  ARG A CD  1 
ATOM   616 N N   . VAL A 1 82  ? -0.087  -1.240  0.546   1.00 14.95 ?  82  VAL A N   1 
ATOM   617 C CA  . VAL A 1 82  ? -1.085  -1.111  -0.499  1.00 17.43 ?  82  VAL A CA  1 
ATOM   618 C C   . VAL A 1 82  ? -2.084  -2.261  -0.380  1.00 23.92 ?  82  VAL A C   1 
ATOM   619 O O   . VAL A 1 82  ? -1.686  -3.432  -0.264  1.00 18.54 ?  82  VAL A O   1 
ATOM   620 C CB  . VAL A 1 82  ? -0.449  -1.114  -1.885  1.00 21.98 ?  82  VAL A CB  1 
ATOM   621 C CG1 . VAL A 1 82  ? -1.493  -0.836  -2.934  1.00 22.16 ?  82  VAL A CG1 1 
ATOM   622 C CG2 . VAL A 1 82  ? 0.681   -0.058  -1.962  1.00 19.46 ?  82  VAL A CG2 1 
ATOM   623 N N   . ARG A 1 83  ? -3.369  -1.902  -0.405  1.00 19.71 ?  83  ARG A N   1 
ATOM   624 C CA  . ARG A 1 83  ? -4.496  -2.828  -0.388  1.00 20.83 ?  83  ARG A CA  1 
ATOM   625 C C   . ARG A 1 83  ? -5.360  -2.636  -1.646  1.00 21.75 ?  83  ARG A C   1 
ATOM   626 O O   . ARG A 1 83  ? -5.698  -1.524  -2.016  1.00 20.42 ?  83  ARG A O   1 
ATOM   627 C CB  . ARG A 1 83  ? -5.374  -2.606  0.855   1.00 22.99 ?  83  ARG A CB  1 
ATOM   628 C CG  . ARG A 1 83  ? -4.592  -2.614  2.182   1.00 25.28 ?  83  ARG A CG  1 
ATOM   629 C CD  . ARG A 1 83  ? -5.509  -2.332  3.355   1.00 37.66 ?  83  ARG A CD  1 
ATOM   630 N NE  . ARG A 1 83  ? -6.302  -3.507  3.662   1.00 50.46 ?  83  ARG A NE  1 
ATOM   631 C CZ  . ARG A 1 83  ? -6.427  -4.021  4.880   1.00 53.29 ?  83  ARG A CZ  1 
ATOM   632 N NH1 . ARG A 1 83  ? -5.824  -3.441  5.912   1.00 51.77 1  83  ARG A NH1 1 
ATOM   633 N NH2 . ARG A 1 83  ? -7.158  -5.111  5.065   1.00 54.84 ?  83  ARG A NH2 1 
ATOM   634 N N   . ALA A 1 84  ? -5.725  -3.731  -2.278  1.00 15.97 ?  84  ALA A N   1 
ATOM   635 C CA  . ALA A 1 84  ? -6.638  -3.661  -3.388  1.00 18.91 ?  84  ALA A CA  1 
ATOM   636 C C   . ALA A 1 84  ? -8.060  -3.613  -2.853  1.00 21.66 ?  84  ALA A C   1 
ATOM   637 O O   . ALA A 1 84  ? -8.346  -4.198  -1.815  1.00 23.04 ?  84  ALA A O   1 
ATOM   638 C CB  . ALA A 1 84  ? -6.416  -4.833  -4.305  1.00 21.59 ?  84  ALA A CB  1 
ATOM   639 N N   . VAL A 1 85  ? -8.946  -2.927  -3.572  1.00 19.91 ?  85  VAL A N   1 
ATOM   640 C CA  . VAL A 1 85  ? -10.347 -2.790  -3.185  1.00 22.16 ?  85  VAL A CA  1 
ATOM   641 C C   . VAL A 1 85  ? -11.243 -3.280  -4.313  1.00 21.45 ?  85  VAL A C   1 
ATOM   642 O O   . VAL A 1 85  ? -10.873 -3.196  -5.477  1.00 25.15 ?  85  VAL A O   1 
ATOM   643 C CB  . VAL A 1 85  ? -10.696 -1.324  -2.836  1.00 27.18 ?  85  VAL A CB  1 
ATOM   644 C CG1 . VAL A 1 85  ? -12.170 -1.172  -2.487  1.00 30.19 ?  85  VAL A CG1 1 
ATOM   645 C CG2 . VAL A 1 85  ? -9.810  -0.850  -1.667  1.00 25.35 ?  85  VAL A CG2 1 
ATOM   646 N N   . ASN A 1 86  ? -12.373 -3.879  -3.960  1.00 27.10 ?  86  ASN A N   1 
ATOM   647 C CA  . ASN A 1 86  ? -13.434 -4.095  -4.928  1.00 25.82 ?  86  ASN A CA  1 
ATOM   648 C C   . ASN A 1 86  ? -14.781 -3.980  -4.236  1.00 26.99 ?  86  ASN A C   1 
ATOM   649 O O   . ASN A 1 86  ? -14.884 -3.471  -3.121  1.00 25.78 ?  86  ASN A O   1 
ATOM   650 C CB  . ASN A 1 86  ? -13.261 -5.437  -5.654  1.00 25.41 ?  86  ASN A CB  1 
ATOM   651 C CG  . ASN A 1 86  ? -13.430 -6.666  -4.751  1.00 21.38 ?  86  ASN A CG  1 
ATOM   652 O OD1 . ASN A 1 86  ? -14.070 -6.624  -3.712  1.00 25.32 ?  86  ASN A OD1 1 
ATOM   653 N ND2 . ASN A 1 86  ? -12.881 -7.778  -5.189  1.00 26.36 ?  86  ASN A ND2 1 
ATOM   654 N N   . GLY A 1 87  ? -15.826 -4.446  -4.899  1.00 29.90 ?  87  GLY A N   1 
ATOM   655 C CA  . GLY A 1 87  ? -17.169 -4.278  -4.381  1.00 24.62 ?  87  GLY A CA  1 
ATOM   656 C C   . GLY A 1 87  ? -17.459 -4.980  -3.074  1.00 25.07 ?  87  GLY A C   1 
ATOM   657 O O   . GLY A 1 87  ? -18.439 -4.647  -2.411  1.00 28.23 ?  87  GLY A O   1 
ATOM   658 N N   . ALA A 1 88  ? -16.640 -5.956  -2.718  1.00 25.52 ?  88  ALA A N   1 
ATOM   659 C CA  . ALA A 1 88  ? -16.832 -6.702  -1.478  1.00 24.29 ?  88  ALA A CA  1 
ATOM   660 C C   . ALA A 1 88  ? -16.096 -6.045  -0.329  1.00 29.62 ?  88  ALA A C   1 
ATOM   661 O O   . ALA A 1 88  ? -16.410 -6.287  0.821   1.00 29.01 ?  88  ALA A O   1 
ATOM   662 C CB  . ALA A 1 88  ? -16.350 -8.128  -1.635  1.00 26.42 ?  88  ALA A CB  1 
ATOM   663 N N   . GLY A 1 89  ? -15.103 -5.220  -0.652  1.00 23.56 ?  89  GLY A N   1 
ATOM   664 C CA  . GLY A 1 89  ? -14.337 -4.506  0.361   1.00 25.61 ?  89  GLY A CA  1 
ATOM   665 C C   . GLY A 1 89  ? -12.845 -4.475  0.050   1.00 24.39 ?  89  GLY A C   1 
ATOM   666 O O   . GLY A 1 89  ? -12.417 -4.733  -1.075  1.00 23.33 ?  89  GLY A O   1 
ATOM   667 N N   . GLU A 1 90  ? -12.027 -4.159  1.039   1.00 26.63 ?  90  GLU A N   1 
ATOM   668 C CA  . GLU A 1 90  ? -10.606 -4.149  0.770   1.00 32.59 ?  90  GLU A CA  1 
ATOM   669 C C   . GLU A 1 90  ? -9.943  -5.450  1.199   1.00 24.23 ?  90  GLU A C   1 
ATOM   670 O O   . GLU A 1 90  ? -10.315 -6.065  2.199   1.00 27.04 ?  90  GLU A O   1 
ATOM   671 C CB  . GLU A 1 90  ? -9.925  -2.952  1.441   1.00 40.85 ?  90  GLU A CB  1 
ATOM   672 C CG  . GLU A 1 90  ? -9.973  -2.921  2.936   1.00 47.52 ?  90  GLU A CG  1 
ATOM   673 C CD  . GLU A 1 90  ? -9.416  -1.609  3.501   1.00 54.78 ?  90  GLU A CD  1 
ATOM   674 O OE1 . GLU A 1 90  ? -9.908  -0.527  3.102   1.00 52.22 ?  90  GLU A OE1 1 
ATOM   675 O OE2 . GLU A 1 90  ? -8.485  -1.666  4.338   1.00 63.01 -1 90  GLU A OE2 1 
ATOM   676 N N   . GLY A 1 91  ? -8.957  -5.864  0.414   1.00 20.66 ?  91  GLY A N   1 
ATOM   677 C CA  . GLY A 1 91  ? -8.225  -7.078  0.671   1.00 16.20 ?  91  GLY A CA  1 
ATOM   678 C C   . GLY A 1 91  ? -7.041  -6.853  1.602   1.00 19.94 ?  91  GLY A C   1 
ATOM   679 O O   . GLY A 1 91  ? -6.860  -5.764  2.109   1.00 22.94 ?  91  GLY A O   1 
ATOM   680 N N   . PRO A 1 92  ? -6.273  -7.885  1.831   1.00 22.23 ?  92  PRO A N   1 
ATOM   681 C CA  . PRO A 1 92  ? -5.120  -7.770  2.700   1.00 24.82 ?  92  PRO A CA  1 
ATOM   682 C C   . PRO A 1 92  ? -4.017  -6.962  2.063   1.00 22.85 ?  92  PRO A C   1 
ATOM   683 O O   . PRO A 1 92  ? -3.893  -6.912  0.897   1.00 22.00 ?  92  PRO A O   1 
ATOM   684 C CB  . PRO A 1 92  ? -4.668  -9.200  2.899   1.00 27.33 ?  92  PRO A CB  1 
ATOM   685 C CG  . PRO A 1 92  ? -5.609  -10.033 2.187   1.00 28.76 ?  92  PRO A CG  1 
ATOM   686 C CD  . PRO A 1 92  ? -6.390  -9.207  1.259   1.00 22.93 ?  92  PRO A CD  1 
ATOM   687 N N   . PRO A 1 93  ? -3.207  -6.325  2.877   1.00 21.97 ?  93  PRO A N   1 
ATOM   688 C CA  . PRO A 1 93  ? -2.182  -5.440  2.370   1.00 23.50 ?  93  PRO A CA  1 
ATOM   689 C C   . PRO A 1 93  ? -0.901  -6.163  2.025   1.00 25.27 ?  93  PRO A C   1 
ATOM   690 O O   . PRO A 1 93  ? -0.673  -7.253  2.474   1.00 25.74 ?  93  PRO A O   1 
ATOM   691 C CB  . PRO A 1 93  ? -1.912  -4.550  3.552   1.00 26.63 ?  93  PRO A CB  1 
ATOM   692 C CG  . PRO A 1 93  ? -2.129  -5.409  4.707   1.00 30.61 ?  93  PRO A CG  1 
ATOM   693 C CD  . PRO A 1 93  ? -3.126  -6.439  4.332   1.00 29.29 ?  93  PRO A CD  1 
ATOM   694 N N   . SER A 1 94  ? -0.104  -5.530  1.207   1.00 20.89 ?  94  SER A N   1 
ATOM   695 C CA  . SER A 1 94  ? 1.274   -5.861  1.052   1.00 22.79 ?  94  SER A CA  1 
ATOM   696 C C   . SER A 1 94  ? 2.037   -4.614  1.457   1.00 19.97 ?  94  SER A C   1 
ATOM   697 O O   . SER A 1 94  ? 1.617   -3.548  1.175   1.00 18.16 ?  94  SER A O   1 
ATOM   698 C CB  . SER A 1 94  ? 1.602   -6.227  -0.365  1.00 28.27 ?  94  SER A CB  1 
ATOM   699 O OG  . SER A 1 94  ? 2.950   -6.521  -0.478  1.00 33.52 ?  94  SER A OG  1 
ATOM   700 N N   . SER A 1 95  ? 3.134   -4.781  2.163   1.00 19.71 ?  95  SER A N   1 
ATOM   701 C CA  . SER A 1 95  ? 3.821   -3.680  2.796   1.00 18.80 ?  95  SER A CA  1 
ATOM   702 C C   . SER A 1 95  ? 5.306   -3.618  2.443   1.00 25.86 ?  95  SER A C   1 
ATOM   703 O O   . SER A 1 95  ? 5.890   -4.621  2.187   1.00 26.13 ?  95  SER A O   1 
ATOM   704 C CB  . SER A 1 95  ? 3.662   -3.758  4.287   1.00 23.61 ?  95  SER A CB  1 
ATOM   705 O OG  . SER A 1 95  ? 2.350   -3.879  4.698   1.00 29.62 ?  95  SER A OG  1 
ATOM   706 N N   . VAL A 1 96  ? 5.877   -2.430  2.442   1.00 18.41 ?  96  VAL A N   1 
ATOM   707 C CA  . VAL A 1 96  ? 7.301   -2.237  2.222   1.00 20.48 ?  96  VAL A CA  1 
ATOM   708 C C   . VAL A 1 96  ? 7.814   -1.130  3.153   1.00 20.43 ?  96  VAL A C   1 
ATOM   709 O O   . VAL A 1 96  ? 7.034   -0.274  3.630   1.00 21.26 ?  96  VAL A O   1 
ATOM   710 C CB  . VAL A 1 96  ? 7.622   -1.857  0.748   1.00 21.72 ?  96  VAL A CB  1 
ATOM   711 C CG1 . VAL A 1 96  ? 7.281   -2.992  -0.183  1.00 24.87 ?  96  VAL A CG1 1 
ATOM   712 C CG2 . VAL A 1 96  ? 6.874   -0.542  0.351   1.00 23.43 ?  96  VAL A CG2 1 
ATOM   713 N N   . SER A 1 97  ? 9.110   -1.166  3.432   1.00 16.34 ?  97  SER A N   1 
ATOM   714 C CA  . SER A 1 97  ? 9.770   -0.122  4.232   1.00 16.55 ?  97  SER A CA  1 
ATOM   715 C C   . SER A 1 97  ? 10.646  0.748   3.326   1.00 19.01 ?  97  SER A C   1 
ATOM   716 O O   . SER A 1 97  ? 11.224  0.247   2.363   1.00 20.77 ?  97  SER A O   1 
ATOM   717 C CB  . SER A 1 97  ? 10.631  -0.762  5.332   1.00 18.35 ?  97  SER A CB  1 
ATOM   718 O OG  . SER A 1 97  ? 9.867   -1.606  6.191   1.00 16.76 ?  97  SER A OG  1 
ATOM   719 N N   . VAL A 1 98  ? 10.728  2.040   3.639   1.00 21.44 ?  98  VAL A N   1 
ATOM   720 C CA  . VAL A 1 98  ? 11.518  2.998   2.876   1.00 17.41 ?  98  VAL A CA  1 
ATOM   721 C C   . VAL A 1 98  ? 12.115  3.994   3.817   1.00 23.74 ?  98  VAL A C   1 
ATOM   722 O O   . VAL A 1 98  ? 11.538  4.269   4.870   1.00 32.59 ?  98  VAL A O   1 
ATOM   723 C CB  . VAL A 1 98  ? 10.666  3.773   1.834   1.00 32.94 ?  98  VAL A CB  1 
ATOM   724 C CG1 . VAL A 1 98  ? 11.462  4.883   1.177   1.00 36.60 ?  98  VAL A CG1 1 
ATOM   725 C CG2 . VAL A 1 98  ? 10.209  2.868   0.792   1.00 28.22 ?  98  VAL A CG2 1 
ATOM   726 N N   . THR A 1 99  ? 13.269  4.539   3.468   1.00 22.30 ?  99  THR A N   1 
ATOM   727 C CA  . THR A 1 99  ? 13.705  5.773   4.110   1.00 16.64 ?  99  THR A CA  1 
ATOM   728 C C   . THR A 1 99  ? 13.967  6.810   3.035   1.00 28.28 ?  99  THR A C   1 
ATOM   729 O O   . THR A 1 99  ? 14.431  6.497   1.936   1.00 24.20 ?  99  THR A O   1 
ATOM   730 C CB  . THR A 1 99  ? 14.971  5.577   4.990   1.00 30.23 ?  99  THR A CB  1 
ATOM   731 O OG1 . THR A 1 99  ? 15.240  6.782   5.709   1.00 29.15 ?  99  THR A OG1 1 
ATOM   732 C CG2 . THR A 1 99  ? 16.159  5.269   4.148   1.00 34.48 ?  99  THR A CG2 1 
ATOM   733 N N   . THR A 1 100 ? 13.590  8.044   3.330   1.00 21.28 ?  100 THR A N   1 
ATOM   734 C CA  . THR A 1 100 ? 13.953  9.163   2.489   1.00 23.16 ?  100 THR A CA  1 
ATOM   735 C C   . THR A 1 100 ? 15.311  9.681   2.957   1.00 29.09 ?  100 THR A C   1 
ATOM   736 O O   . THR A 1 100 ? 16.065  8.973   3.631   1.00 31.43 ?  100 THR A O   1 
ATOM   737 C CB  . THR A 1 100 ? 12.929  10.286  2.570   1.00 21.06 ?  100 THR A CB  1 
ATOM   738 O OG1 . THR A 1 100 ? 12.674  10.559  3.952   1.00 21.84 ?  100 THR A OG1 1 
ATOM   739 C CG2 . THR A 1 100 ? 11.643  9.887   1.902   1.00 20.58 ?  100 THR A CG2 1 
ATOM   740 O OXT . THR A 1 100 ? 15.693  10.821  2.691   1.00 32.28 -1 100 THR A OXT 1 
HETATM 741 O O   . HOH B 2 .   ? 11.315  2.260   7.396   1.00 23.37 ?  201 HOH A O   1 
HETATM 742 O O   . HOH B 2 .   ? -3.790  -14.647 15.294  1.00 32.63 ?  202 HOH A O   1 
HETATM 743 O O   . HOH B 2 .   ? 10.452  -3.315  2.516   1.00 20.94 ?  203 HOH A O   1 
HETATM 744 O O   . HOH B 2 .   ? -8.830  7.468   0.536   1.00 24.50 ?  204 HOH A O   1 
HETATM 745 O O   . HOH B 2 .   ? -5.700  -12.703 14.329  1.00 40.34 ?  205 HOH A O   1 
HETATM 746 O O   . HOH B 2 .   ? 9.066   -0.467  8.527   1.00 35.72 ?  206 HOH A O   1 
HETATM 747 O O   . HOH B 2 .   ? 3.223   -7.600  -3.299  1.00 24.40 ?  207 HOH A O   1 
HETATM 748 O O   . HOH B 2 .   ? 10.598  -2.261  -2.443  1.00 28.51 ?  208 HOH A O   1 
HETATM 749 O O   . HOH B 2 .   ? 16.587  9.321   -6.237  1.00 39.90 ?  209 HOH A O   1 
HETATM 750 O O   . HOH B 2 .   ? 4.634   -9.820  -14.144 1.00 37.09 ?  210 HOH A O   1 
HETATM 751 O O   . HOH B 2 .   ? 1.824   12.698  -3.838  1.00 35.84 ?  211 HOH A O   1 
HETATM 752 O O   . HOH B 2 .   ? 1.945   14.481  1.042   1.00 48.95 ?  212 HOH A O   1 
HETATM 753 O O   . HOH B 2 .   ? 18.578  11.105  2.377   1.00 49.28 ?  213 HOH A O   1 
HETATM 754 O O   . HOH B 2 .   ? -9.694  2.652   -13.174 1.00 48.75 ?  214 HOH A O   1 
HETATM 755 O O   . HOH B 2 .   ? -3.613  7.885   11.976  1.00 45.17 ?  215 HOH A O   1 
HETATM 756 O O   . HOH B 2 .   ? 3.969   -11.116 -5.508  1.00 45.97 ?  216 HOH A O   1 
HETATM 757 O O   . HOH B 2 .   ? 5.778   -1.536  -13.567 1.00 47.38 ?  217 HOH A O   1 
HETATM 758 O O   . HOH B 2 .   ? 13.099  8.150   11.113  1.00 27.52 ?  218 HOH A O   1 
HETATM 759 O O   . HOH B 2 .   ? -9.733  4.105   -14.901 1.00 32.02 ?  219 HOH A O   1 
HETATM 760 O O   . HOH B 2 .   ? -2.046  -18.335 11.589  1.00 33.70 ?  220 HOH A O   1 
HETATM 761 O O   . HOH B 2 .   ? 2.638   -17.230 13.787  1.00 36.03 ?  221 HOH A O   1 
HETATM 762 O O   . HOH B 2 .   ? 1.442   -6.893  5.239   1.00 52.19 ?  222 HOH A O   1 
HETATM 763 O O   . HOH B 2 .   ? 0.709   -17.060 13.437  1.00 42.79 ?  223 HOH A O   1 
HETATM 764 O O   . HOH B 2 .   ? 3.882   -14.390 25.561  1.00 35.27 ?  224 HOH A O   1 
HETATM 765 O O   . HOH B 2 .   ? -14.396 -0.659  1.122   1.00 47.54 ?  225 HOH A O   1 
HETATM 766 O O   . HOH B 2 .   ? 4.687   -10.574 -4.106  1.00 59.45 ?  226 HOH A O   1 
HETATM 767 O O   . HOH B 2 .   ? 2.976   -17.376 25.727  1.00 56.03 ?  227 HOH A O   1 
HETATM 768 O O   . HOH B 2 .   ? -3.794  5.296   -15.041 1.00 49.41 ?  228 HOH A O   1 
HETATM 769 O O   . HOH B 2 .   ? 7.750   -0.180  -13.472 1.00 48.86 ?  229 HOH A O   1 
HETATM 770 O O   . HOH B 2 .   ? -0.380  -10.445 -14.347 1.00 56.41 ?  230 HOH A O   1 
HETATM 771 O O   . HOH B 2 .   ? 0.572   -18.541 23.949  1.00 45.37 ?  231 HOH A O   1 
HETATM 772 O O   . HOH B 2 .   ? 1.467   11.929  -8.447  1.00 47.94 ?  232 HOH A O   1 
HETATM 773 O O   . HOH B 2 .   ? -18.273 -1.497  -0.424  1.00 50.98 ?  233 HOH A O   1 
HETATM 774 O O   . HOH B 2 .   ? 1.099   -11.100 -9.571  1.00 48.88 ?  234 HOH A O   1 
HETATM 775 O O   . HOH B 2 .   ? 10.658  4.830   -12.180 1.00 55.97 ?  235 HOH A O   1 
HETATM 776 O O   . HOH B 2 .   ? 8.360   -11.308 14.907  1.00 47.08 ?  236 HOH A O   1 
HETATM 777 O O   . HOH B 2 .   ? -4.694  -3.733  10.274  1.00 57.57 ?  237 HOH A O   1 
HETATM 778 O O   . HOH B 2 .   ? 18.786  7.031   8.175   1.00 64.09 ?  238 HOH A O   1 
HETATM 779 O O   . HOH B 2 .   ? -5.547  -6.251  -1.246  1.00 22.02 ?  239 HOH A O   1 
HETATM 780 O O   . HOH B 2 .   ? -4.566  -1.852  -11.367 1.00 32.79 ?  240 HOH A O   1 
HETATM 781 O O   . HOH B 2 .   ? -7.565  -8.146  -11.973 1.00 36.62 ?  241 HOH A O   1 
HETATM 782 O O   . HOH B 2 .   ? 9.904   8.930   -5.960  1.00 25.59 ?  242 HOH A O   1 
HETATM 783 O O   . HOH B 2 .   ? -7.685  -11.300 -6.167  1.00 31.40 ?  243 HOH A O   1 
HETATM 784 O O   . HOH B 2 .   ? -10.559 -9.171  -7.227  1.00 31.62 ?  244 HOH A O   1 
HETATM 785 O O   . HOH B 2 .   ? 3.048   9.416   9.902   1.00 33.71 ?  245 HOH A O   1 
HETATM 786 O O   . HOH B 2 .   ? 13.349  15.358  -3.722  1.00 38.29 ?  246 HOH A O   1 
HETATM 787 O O   . HOH B 2 .   ? 4.253   7.774   -10.750 1.00 34.53 ?  247 HOH A O   1 
HETATM 788 O O   . HOH B 2 .   ? 3.332   1.241   -13.507 1.00 35.42 ?  248 HOH A O   1 
HETATM 789 O O   . HOH B 2 .   ? -16.475 -5.508  -7.531  1.00 39.86 ?  249 HOH A O   1 
HETATM 790 O O   . HOH B 2 .   ? -0.187  3.696   -12.917 1.00 35.15 ?  250 HOH A O   1 
HETATM 791 O O   . HOH B 2 .   ? 1.929   9.382   -9.276  1.00 35.87 ?  251 HOH A O   1 
HETATM 792 O O   . HOH B 2 .   ? 9.199   10.370  -10.013 1.00 58.51 ?  252 HOH A O   1 
HETATM 793 O O   . HOH B 2 .   ? 8.768   8.701   -11.570 1.00 42.18 ?  253 HOH A O   1 
HETATM 794 O O   . HOH B 2 .   ? -8.688  -13.163 -0.472  1.00 53.89 ?  254 HOH A O   1 
HETATM 795 O O   . HOH B 2 .   ? -11.221 -12.954 -5.041  1.00 56.67 ?  255 HOH A O   1 
HETATM 796 O O   . HOH B 2 .   ? -20.705 -4.530  -6.603  1.00 62.31 ?  256 HOH A O   1 
HETATM 797 O O   . HOH B 2 .   ? -6.092  -5.815  8.798   1.00 53.76 ?  257 HOH A O   1 
HETATM 798 O O   . HOH B 2 .   ? 7.747   3.917   -12.495 1.00 47.14 ?  258 HOH A O   1 
HETATM 799 O O   . HOH B 2 .   ? -3.062  -2.197  7.344   1.00 45.29 ?  259 HOH A O   1 
HETATM 800 O O   . HOH B 2 .   ? 3.841   12.682  -9.023  1.00 53.92 ?  260 HOH A O   1 
HETATM 801 O O   . HOH B 2 .   ? -13.597 -3.876  3.496   1.00 50.43 ?  261 HOH A O   1 
# 
loop_
_atom_site_anisotrop.id 
_atom_site_anisotrop.type_symbol 
_atom_site_anisotrop.pdbx_label_atom_id 
_atom_site_anisotrop.pdbx_label_alt_id 
_atom_site_anisotrop.pdbx_label_comp_id 
_atom_site_anisotrop.pdbx_label_asym_id 
_atom_site_anisotrop.pdbx_label_seq_id 
_atom_site_anisotrop.pdbx_PDB_ins_code 
_atom_site_anisotrop.U[1][1] 
_atom_site_anisotrop.U[2][2] 
_atom_site_anisotrop.U[3][3] 
_atom_site_anisotrop.U[1][2] 
_atom_site_anisotrop.U[1][3] 
_atom_site_anisotrop.U[2][3] 
_atom_site_anisotrop.pdbx_auth_seq_id 
_atom_site_anisotrop.pdbx_auth_comp_id 
_atom_site_anisotrop.pdbx_auth_asym_id 
_atom_site_anisotrop.pdbx_auth_atom_id 
1   N N   . MET A 1   ? 0.8156 0.5952 0.7153 0.0057  -0.1661 -0.0198 1   MET A N   
2   C CA  . MET A 1   ? 0.6983 0.4978 0.6164 0.0053  -0.1560 -0.0196 1   MET A CA  
3   C C   . MET A 1   ? 0.5760 0.3690 0.4882 -0.0132 -0.1548 -0.0084 1   MET A C   
4   O O   . MET A 1   ? 0.6133 0.3792 0.5015 -0.0224 -0.1655 -0.0025 1   MET A O   
5   C CB  . MET A 1   ? 0.6587 0.4482 0.5700 0.0210  -0.1629 -0.0276 1   MET A CB  
6   C CG  . MET A 1   ? 0.6863 0.5005 0.6199 0.0256  -0.1513 -0.0306 1   MET A CG  
7   S SD  . MET A 1   ? 0.9245 0.7295 0.8517 0.0475  -0.1590 -0.0423 1   MET A SD  
8   N N   . HIS A 2   ? 0.4121 0.2301 0.3458 -0.0186 -0.1418 -0.0058 2   HIS A N   
9   C CA  . HIS A 2   ? 0.4127 0.2268 0.3426 -0.0341 -0.1406 0.0034  2   HIS A CA  
10  C C   . HIS A 2   ? 0.4246 0.2387 0.3564 -0.0275 -0.1408 0.0006  2   HIS A C   
11  O O   . HIS A 2   ? 0.4013 0.2283 0.3454 -0.0130 -0.1366 -0.0077 2   HIS A O   
12  C CB  . HIS A 2   ? 0.3818 0.2246 0.3344 -0.0468 -0.1254 0.0096  2   HIS A CB  
13  C CG  . HIS A 2   ? 0.3828 0.2259 0.3335 -0.0554 -0.1245 0.0138  2   HIS A CG  
14  N ND1 . HIS A 2   ? 0.3572 0.2269 0.3295 -0.0537 -0.1128 0.0117  2   HIS A ND1 
15  C CD2 . HIS A 2   ? 0.4125 0.2325 0.3421 -0.0664 -0.1334 0.0201  2   HIS A CD2 
16  C CE1 . HIS A 2   ? 0.4666 0.3294 0.4311 -0.0626 -0.1148 0.0164  2   HIS A CE1 
17  N NE2 . HIS A 2   ? 0.4281 0.2608 0.3666 -0.0704 -0.1272 0.0216  2   HIS A NE2 
18  N N   . HIS A 3   ? 0.4214 0.2221 0.3419 -0.0384 -0.1451 0.0074  3   HIS A N   
19  C CA  . HIS A 3   ? 0.4196 0.2209 0.3421 -0.0327 -0.1449 0.0050  3   HIS A CA  
20  C C   . HIS A 3   ? 0.4076 0.2435 0.3596 -0.0322 -0.1283 0.0043  3   HIS A C   
21  O O   . HIS A 3   ? 0.3618 0.2205 0.3314 -0.0400 -0.1168 0.0077  3   HIS A O   
22  C CB  . HIS A 3   ? 0.4424 0.2199 0.3448 -0.0448 -0.1543 0.0124  3   HIS A CB  
23  C CG  . HIS A 3   ? 0.5241 0.2649 0.3958 -0.0418 -0.1715 0.0114  3   HIS A CG  
24  N ND1 . HIS A 3   ? 0.5824 0.3046 0.4401 -0.0277 -0.1814 0.0047  3   HIS A ND1 
25  C CD2 . HIS A 3   ? 0.5022 0.2213 0.3541 -0.0501 -0.1805 0.0158  3   HIS A CD2 
26  C CE1 . HIS A 3   ? 0.6117 0.3016 0.4417 -0.0276 -0.1961 0.0052  3   HIS A CE1 
27  N NE2 . HIS A 3   ? 0.5925 0.2794 0.4183 -0.0411 -0.1958 0.0119  3   HIS A NE2 
28  N N   . HIS A 4   ? 0.4071 0.2458 0.3629 -0.0226 -0.1272 -0.0003 4   HIS A N   
29  C CA  . HIS A 4   ? 0.3968 0.2665 0.3789 -0.0211 -0.1117 -0.0015 4   HIS A CA  
30  C C   . HIS A 4   ? 0.4071 0.2846 0.3944 -0.0371 -0.1061 0.0077  4   HIS A C   
31  O O   . HIS A 4   ? 0.3605 0.2173 0.3301 -0.0463 -0.1155 0.0133  4   HIS A O   
32  C CB  . HIS A 4   ? 0.4413 0.3110 0.4252 -0.0057 -0.1121 -0.0093 4   HIS A CB  
33  C CG  . HIS A 4   ? 0.5370 0.4082 0.5231 0.0112  -0.1136 -0.0194 4   HIS A CG  
34  N ND1 . HIS A 4   ? 0.6748 0.5193 0.6390 0.0201  -0.1283 -0.0238 4   HIS A ND1 
35  C CD2 . HIS A 4   ? 0.5099 0.4067 0.5178 0.0208  -0.1023 -0.0261 4   HIS A CD2 
36  C CE1 . HIS A 4   ? 0.6380 0.4924 0.6108 0.0348  -0.1259 -0.0329 4   HIS A CE1 
37  N NE2 . HIS A 4   ? 0.5930 0.4791 0.5923 0.0352  -0.1102 -0.0345 4   HIS A NE2 
38  N N   . HIS A 5   ? 0.3162 0.2242 0.3283 -0.0403 -0.0908 0.0088  5   HIS A N   
39  C CA  . HIS A 5   ? 0.3491 0.2702 0.3705 -0.0534 -0.0832 0.0163  5   HIS A CA  
40  C C   . HIS A 5   ? 0.3924 0.3043 0.4071 -0.0513 -0.0871 0.0163  5   HIS A C   
41  O O   . HIS A 5   ? 0.4156 0.3299 0.4341 -0.0375 -0.0859 0.0092  5   HIS A O   
42  C CB  . HIS A 5   ? 0.4499 0.4055 0.4993 -0.0526 -0.0657 0.0153  5   HIS A CB  
43  C CG  . HIS A 5   ? 0.6262 0.5983 0.6875 -0.0638 -0.0567 0.0218  5   HIS A CG  
44  N ND1 . HIS A 5   ? 0.7439 0.7163 0.8029 -0.0804 -0.0565 0.0307  5   HIS A ND1 
45  C CD2 . HIS A 5   ? 0.6752 0.6645 0.7510 -0.0602 -0.0470 0.0204  5   HIS A CD2 
46  C CE1 . HIS A 5   ? 0.7976 0.7873 0.8694 -0.0865 -0.0476 0.0345  5   HIS A CE1 
47  N NE2 . HIS A 5   ? 0.7625 0.7622 0.8443 -0.0744 -0.0418 0.0284  5   HIS A NE2 
48  N N   . HIS A 6   ? 0.4405 0.3422 0.4455 -0.0648 -0.0919 0.0239  6   HIS A N   
49  C CA  . HIS A 6   ? 0.5006 0.3961 0.5010 -0.0647 -0.0948 0.0247  6   HIS A CA  
50  C C   . HIS A 6   ? 0.4908 0.4149 0.5137 -0.0684 -0.0802 0.0269  6   HIS A C   
51  O O   . HIS A 6   ? 0.5094 0.4501 0.5438 -0.0799 -0.0723 0.0326  6   HIS A O   
52  C CB  . HIS A 6   ? 0.5437 0.4147 0.5228 -0.0780 -0.1070 0.0318  6   HIS A CB  
53  C CG  . HIS A 6   ? 0.5833 0.4227 0.5370 -0.0754 -0.1224 0.0303  6   HIS A CG  
54  N ND1 . HIS A 6   ? 0.6106 0.4283 0.5450 -0.0891 -0.1325 0.0371  6   HIS A ND1 
55  C CD2 . HIS A 6   ? 0.5873 0.4122 0.5308 -0.0604 -0.1296 0.0227  6   HIS A CD2 
56  C CE1 . HIS A 6   ? 0.5799 0.3704 0.4927 -0.0827 -0.1454 0.0339  6   HIS A CE1 
57  N NE2 . HIS A 6   ? 0.5976 0.3919 0.5155 -0.0650 -0.1440 0.0251  6   HIS A NE2 
58  N N   . HIS A 7   ? 0.5082 0.4378 0.5368 -0.0590 -0.0768 0.0227  7   HIS A N   
59  C CA  . HIS A 7   ? 0.4019 0.3555 0.4490 -0.0633 -0.0644 0.0254  7   HIS A CA  
60  C C   . HIS A 7   ? 0.4247 0.3685 0.4621 -0.0772 -0.0705 0.0331  7   HIS A C   
61  O O   . HIS A 7   ? 0.5212 0.4445 0.5426 -0.0751 -0.0809 0.0325  7   HIS A O   
62  C CB  . HIS A 7   ? 0.4453 0.4078 0.5014 -0.0484 -0.0583 0.0183  7   HIS A CB  
63  C CG  . HIS A 7   ? 0.5226 0.4954 0.5889 -0.0348 -0.0521 0.0103  7   HIS A CG  
64  N ND1 . HIS A 7   ? 0.5177 0.5175 0.6053 -0.0347 -0.0378 0.0094  7   HIS A ND1 
65  C CD2 . HIS A 7   ? 0.4948 0.4547 0.5525 -0.0208 -0.0585 0.0026  7   HIS A CD2 
66  C CE1 . HIS A 7   ? 0.5316 0.5351 0.6240 -0.0216 -0.0356 0.0015  7   HIS A CE1 
67  N NE2 . HIS A 7   ? 0.5549 0.5350 0.6297 -0.0128 -0.0479 -0.0029 7   HIS A NE2 
68  N N   . LEU A 8   ? 0.3588 0.3173 0.4055 -0.0913 -0.0642 0.0400  8   LEU A N   
69  C CA  . LEU A 8   ? 0.4094 0.3615 0.4487 -0.1053 -0.0692 0.0473  8   LEU A CA  
70  C C   . LEU A 8   ? 0.4261 0.3936 0.4776 -0.1019 -0.0614 0.0464  8   LEU A C   
71  O O   . LEU A 8   ? 0.4615 0.4544 0.5331 -0.0980 -0.0479 0.0448  8   LEU A O   
72  C CB  . LEU A 8   ? 0.4584 0.4208 0.5030 -0.1218 -0.0654 0.0549  8   LEU A CB  
73  C CG  . LEU A 8   ? 0.5388 0.4868 0.5717 -0.1245 -0.0719 0.0556  8   LEU A CG  
74  C CD1 . LEU A 8   ? 0.5677 0.5233 0.6018 -0.1395 -0.0686 0.0629  8   LEU A CD1 
75  C CD2 . LEU A 8   ? 0.5321 0.4454 0.5386 -0.1214 -0.0886 0.0538  8   LEU A CD2 
76  N N   . VAL A 9   ? 0.3393 0.2908 0.3782 -0.1029 -0.0702 0.0472  9   VAL A N   
77  C CA  . VAL A 9   ? 0.4349 0.4001 0.4842 -0.0997 -0.0635 0.0465  9   VAL A CA  
78  C C   . VAL A 9   ? 0.4001 0.3552 0.4395 -0.1115 -0.0713 0.0522  9   VAL A C   
79  O O   . VAL A 9   ? 0.4566 0.3868 0.4761 -0.1176 -0.0848 0.0546  9   VAL A O   
80  C CB  . VAL A 9   ? 0.3998 0.3589 0.4471 -0.0817 -0.0639 0.0383  9   VAL A CB  
81  C CG1 . VAL A 9   ? 0.4482 0.4218 0.5089 -0.0698 -0.0542 0.0321  9   VAL A CG1 
82  C CG2 . VAL A 9   ? 0.4658 0.3929 0.4890 -0.0778 -0.0800 0.0362  9   VAL A CG2 
83  N N   . PRO A 10  ? 0.4028 0.3769 0.4556 -0.1148 -0.0632 0.0544  10  PRO A N   
84  C CA  . PRO A 10  ? 0.4048 0.3714 0.4495 -0.1261 -0.0702 0.0596  10  PRO A CA  
85  C C   . PRO A 10  ? 0.4243 0.3645 0.4498 -0.1194 -0.0830 0.0564  10  PRO A C   
86  O O   . PRO A 10  ? 0.4329 0.3713 0.4592 -0.1042 -0.0811 0.0499  10  PRO A O   
87  C CB  . PRO A 10  ? 0.4480 0.4420 0.5125 -0.1263 -0.0576 0.0605  10  PRO A CB  
88  C CG  . PRO A 10  ? 0.3995 0.4167 0.4827 -0.1210 -0.0435 0.0584  10  PRO A CG  
89  C CD  . PRO A 10  ? 0.4013 0.4049 0.4770 -0.1094 -0.0469 0.0526  10  PRO A CD  
90  N N   . ARG A 11  ? 0.3180 0.2377 0.3262 -0.1306 -0.0956 0.0608  11  ARG A N   
91  C CA  . ARG A 11  ? 0.4496 0.3446 0.4395 -0.1251 -0.1077 0.0582  11  ARG A CA  
92  C C   . ARG A 11  ? 0.4352 0.3428 0.4349 -0.1187 -0.1019 0.0561  11  ARG A C   
93  O O   . ARG A 11  ? 0.4944 0.4223 0.5078 -0.1268 -0.0945 0.0600  11  ARG A O   
94  N N   . GLY A 12  ? 0.4098 0.3054 0.4023 -0.1036 -0.1052 0.0498  12  GLY A N   
95  C CA  . GLY A 12  ? 0.3896 0.2958 0.3904 -0.0958 -0.0995 0.0472  12  GLY A CA  
96  C C   . GLY A 12  ? 0.4036 0.3303 0.4218 -0.0816 -0.0853 0.0416  12  GLY A C   
97  O O   . GLY A 12  ? 0.3923 0.3244 0.4151 -0.0718 -0.0807 0.0380  12  GLY A O   
98  N N   . SER A 13  ? 0.3455 0.2835 0.3733 -0.0808 -0.0782 0.0408  13  SER A N   
99  C CA  . SER A 13  ? 0.2892 0.2466 0.3337 -0.0680 -0.0646 0.0353  13  SER A CA  
100 C C   . SER A 13  ? 0.3526 0.2933 0.3866 -0.0514 -0.0695 0.0276  13  SER A C   
101 O O   . SER A 13  ? 0.4039 0.3187 0.4183 -0.0506 -0.0832 0.0268  13  SER A O   
102 C CB  . SER A 13  ? 0.3561 0.3293 0.4128 -0.0725 -0.0566 0.0368  13  SER A CB  
103 O OG  . SER A 13  ? 0.5119 0.4662 0.5551 -0.0723 -0.0661 0.0359  13  SER A OG  
104 N N   . PRO A 14  ? 0.2946 0.2497 0.3411 -0.0381 -0.0584 0.0217  14  PRO A N   
105 C CA  . PRO A 14  ? 0.3223 0.2621 0.3589 -0.0221 -0.0630 0.0142  14  PRO A CA  
106 C C   . PRO A 14  ? 0.3374 0.2668 0.3676 -0.0163 -0.0677 0.0103  14  PRO A C   
107 O O   . PRO A 14  ? 0.3416 0.2804 0.3790 -0.0228 -0.0642 0.0126  14  PRO A O   
108 C CB  . PRO A 14  ? 0.3058 0.2670 0.3595 -0.0111 -0.0481 0.0095  14  PRO A CB  
109 C CG  . PRO A 14  ? 0.3045 0.2873 0.3729 -0.0218 -0.0385 0.0153  14  PRO A CG  
110 C CD  . PRO A 14  ? 0.2651 0.2494 0.3338 -0.0367 -0.0419 0.0216  14  PRO A CD  
111 N N   . SER A 15  ? 0.3669 0.2767 0.3830 -0.0039 -0.0759 0.0044  15  SER A N   
112 C CA  . SER A 15  ? 0.3302 0.2320 0.3416 0.0059  -0.0791 -0.0014 15  SER A CA  
113 C C   . SER A 15  ? 0.3428 0.2701 0.3753 0.0147  -0.0636 -0.0064 15  SER A C   
114 O O   . SER A 15  ? 0.2929 0.2403 0.3407 0.0147  -0.0515 -0.0059 15  SER A O   
115 C CB  . SER A 15  ? 0.4796 0.3565 0.4721 0.0183  -0.0905 -0.0068 15  SER A CB  
116 O OG  . SER A 15  ? 0.5854 0.4363 0.5567 0.0100  -0.1060 -0.0025 15  SER A OG  
117 N N   . PRO A 16  ? 0.3427 0.2691 0.3757 0.0222  -0.0640 -0.0114 16  PRO A N   
118 C CA  . PRO A 16  ? 0.2547 0.2055 0.3079 0.0310  -0.0491 -0.0168 16  PRO A CA  
119 C C   . PRO A 16  ? 0.3177 0.2714 0.3737 0.0448  -0.0436 -0.0231 16  PRO A C   
120 O O   . PRO A 16  ? 0.3168 0.2503 0.3568 0.0502  -0.0535 -0.0247 16  PRO A O   
121 C CB  . PRO A 16  ? 0.2616 0.2063 0.3111 0.0374  -0.0535 -0.0216 16  PRO A CB  
122 C CG  . PRO A 16  ? 0.3878 0.3109 0.4194 0.0270  -0.0679 -0.0161 16  PRO A CG  
123 C CD  . PRO A 16  ? 0.3832 0.2888 0.4001 0.0224  -0.0768 -0.0122 16  PRO A CD  
124 N N   . PRO A 17  ? 0.2930 0.2709 0.3685 0.0502  -0.0280 -0.0265 17  PRO A N   
125 C CA  . PRO A 17  ? 0.2625 0.2434 0.3407 0.0640  -0.0220 -0.0331 17  PRO A CA  
126 C C   . PRO A 17  ? 0.2972 0.2629 0.3645 0.0775  -0.0300 -0.0409 17  PRO A C   
127 O O   . PRO A 17  ? 0.3307 0.2937 0.3965 0.0778  -0.0342 -0.0425 17  PRO A O   
128 C CB  . PRO A 17  ? 0.3205 0.3305 0.4217 0.0658  -0.0040 -0.0353 17  PRO A CB  
129 C CG  . PRO A 17  ? 0.3048 0.3272 0.4151 0.0506  -0.0003 -0.0277 17  PRO A CG  
130 C CD  . PRO A 17  ? 0.3300 0.3331 0.4253 0.0440  -0.0150 -0.0246 17  PRO A CD  
131 N N   . GLY A 18  ? 0.2730 0.2292 0.3327 0.0889  -0.0320 -0.0457 18  GLY A N   
132 C CA  . GLY A 18  ? 0.3566 0.2972 0.4044 0.1023  -0.0405 -0.0532 18  GLY A CA  
133 C C   . GLY A 18  ? 0.2795 0.2378 0.3419 0.1154  -0.0281 -0.0617 18  GLY A C   
134 O O   . GLY A 18  ? 0.3456 0.3233 0.4231 0.1159  -0.0139 -0.0620 18  GLY A O   
135 N N   . ASN A 19  ? 0.2611 0.2134 0.3193 0.1255  -0.0330 -0.0685 19  ASN A N   
136 C CA  . ASN A 19  ? 0.3163 0.2866 0.3810 0.1258  -0.0193 -0.0695 19  ASN A CA  
137 C C   . ASN A 19  ? 0.3188 0.3152 0.4027 0.1178  -0.0017 -0.0658 19  ASN A C   
138 O O   . ASN A 19  ? 0.2827 0.2894 0.3704 0.1149  0.0114  -0.0624 19  ASN A O   
139 C CB  . ASN A 19  ? 0.2576 0.2234 0.3144 0.1288  -0.0163 -0.0692 19  ASN A CB  
140 C CG  . ASN A 19  ? 0.3183 0.2601 0.3545 0.1362  -0.0321 -0.0725 19  ASN A CG  
141 O OD1 . ASN A 19  ? 0.3583 0.2892 0.3861 0.1392  -0.0427 -0.0752 19  ASN A OD1 
142 N ND2 . ASN A 19  ? 0.3829 0.3158 0.4098 0.1387  -0.0337 -0.0720 19  ASN A ND2 
143 N N   . LEU A 20  ? 0.2389 0.2435 0.3334 0.1134  -0.0020 -0.0651 20  LEU A N   
144 C CA  . LEU A 20  ? 0.2030 0.2307 0.3117 0.1046  0.0142  -0.0600 20  LEU A CA  
145 C C   . LEU A 20  ? 0.2449 0.2773 0.3515 0.1050  0.0205  -0.0593 20  LEU A C   
146 O O   . LEU A 20  ? 0.2637 0.2900 0.3669 0.1094  0.0122  -0.0643 20  LEU A O   
147 C CB  . LEU A 20  ? 0.2522 0.2889 0.3742 0.0988  0.0124  -0.0597 20  LEU A CB  
148 C CG  . LEU A 20  ? 0.2381 0.2964 0.3691 0.0886  0.0272  -0.0526 20  LEU A CG  
149 C CD1 . LEU A 20  ? 0.1479 0.2143 0.2755 0.0838  0.0377  -0.0450 20  LEU A CD1 
150 C CD2 . LEU A 20  ? 0.1791 0.2457 0.3255 0.0816  0.0247  -0.0530 20  LEU A CD2 
151 N N   . ARG A 21  ? 0.2510 0.1784 0.2758 0.0667  -0.0095 -0.0269 21  ARG A N   
152 C CA  . ARG A 21  ? 0.3013 0.2312 0.3343 0.0692  -0.0080 -0.0279 21  ARG A CA  
153 C C   . ARG A 21  ? 0.3180 0.2539 0.3533 0.0689  -0.0049 -0.0273 21  ARG A C   
154 O O   . ARG A 21  ? 0.2657 0.2033 0.2963 0.0677  -0.0025 -0.0270 21  ARG A O   
155 C CB  . ARG A 21  ? 0.2977 0.2252 0.3330 0.0724  -0.0056 -0.0308 21  ARG A CB  
156 C CG  . ARG A 21  ? 0.3984 0.3270 0.4296 0.0729  -0.0010 -0.0322 21  ARG A CG  
157 C CD  . ARG A 21  ? 0.5085 0.4323 0.5377 0.0758  0.0002  -0.0350 21  ARG A CD  
158 N NE  . ARG A 21  ? 0.4710 0.3960 0.4963 0.0765  0.0047  -0.0364 21  ARG A NE  
159 C CZ  . ARG A 21  ? 0.5243 0.4469 0.5414 0.0744  0.0047  -0.0364 21  ARG A CZ  
160 N NH1 . ARG A 21  ? 0.4725 0.3916 0.4846 0.0715  0.0005  -0.0348 21  ARG A NH1 
161 N NH2 . ARG A 21  ? 0.5533 0.4774 0.5673 0.0753  0.0090  -0.0377 21  ARG A NH2 
162 N N   . VAL A 22  ? 0.2696 0.2084 0.3122 0.0699  -0.0053 -0.0269 22  VAL A N   
163 C CA  . VAL A 22  ? 0.2376 0.1815 0.2835 0.0700  -0.0026 -0.0265 22  VAL A CA  
164 C C   . VAL A 22  ? 0.2411 0.1869 0.2910 0.0724  0.0020  -0.0281 22  VAL A C   
165 O O   . VAL A 22  ? 0.2536 0.1990 0.3093 0.0748  0.0021  -0.0289 22  VAL A O   
166 C CB  . VAL A 22  ? 0.3549 0.3008 0.4069 0.0700  -0.0052 -0.0251 22  VAL A CB  
167 C CG1 . VAL A 22  ? 0.2969 0.2475 0.3519 0.0697  -0.0029 -0.0245 22  VAL A CG1 
168 C CG2 . VAL A 22  ? 0.3431 0.2873 0.3910 0.0681  -0.0096 -0.0235 22  VAL A CG2 
169 N N   . THR A 23  ? 0.2592 0.2073 0.3060 0.0719  0.0056  -0.0283 23  THR A N   
170 C CA  . THR A 23  ? 0.2529 0.2035 0.3028 0.0743  0.0101  -0.0296 23  THR A CA  
171 C C   . THR A 23  ? 0.3041 0.2605 0.3605 0.0744  0.0124  -0.0283 23  THR A C   
172 O O   . THR A 23  ? 0.2658 0.2256 0.3267 0.0765  0.0161  -0.0288 23  THR A O   
173 C CB  . THR A 23  ? 0.3036 0.2526 0.3456 0.0739  0.0129  -0.0308 23  THR A CB  
174 O OG1 . THR A 23  ? 0.2464 0.1966 0.2832 0.0710  0.0127  -0.0294 23  THR A OG1 
175 C CG2 . THR A 23  ? 0.3633 0.3055 0.3995 0.0743  0.0105  -0.0322 23  THR A CG2 
176 N N   . ASP A 24  ? 0.2327 0.1908 0.2899 0.0723  0.0101  -0.0266 24  ASP A N   
177 C CA  . ASP A 24  ? 0.2364 0.1994 0.3005 0.0722  0.0111  -0.0251 24  ASP A CA  
178 C C   . ASP A 24  ? 0.2381 0.2007 0.3030 0.0704  0.0067  -0.0237 24  ASP A C   
179 O O   . ASP A 24  ? 0.2697 0.2299 0.3274 0.0688  0.0047  -0.0235 24  ASP A O   
180 C CB  . ASP A 24  ? 0.2881 0.2543 0.3496 0.0714  0.0149  -0.0248 24  ASP A CB  
181 C CG  . ASP A 24  ? 0.4372 0.4087 0.5068 0.0714  0.0161  -0.0231 24  ASP A CG  
182 O OD1 . ASP A 24  ? 0.4074 0.3794 0.4781 0.0697  0.0135  -0.0218 24  ASP A OD1 
183 O OD2 . ASP A 24  ? 0.4267 0.4016 0.5016 0.0732  0.0194  -0.0231 24  ASP A OD2 
184 N N   . VAL A 25  ? 0.2345 0.1995 0.3078 0.0709  0.0053  -0.0226 25  VAL A N   
185 C CA  . VAL A 25  ? 0.2320 0.1962 0.3060 0.0695  0.0010  -0.0213 25  VAL A CA  
186 C C   . VAL A 25  ? 0.2317 0.1998 0.3130 0.0692  0.0012  -0.0198 25  VAL A C   
187 O O   . VAL A 25  ? 0.2596 0.2305 0.3492 0.0704  0.0024  -0.0193 25  VAL A O   
188 C CB  . VAL A 25  ? 0.2074 0.1692 0.2845 0.0699  -0.0032 -0.0212 25  VAL A CB  
189 C CG1 . VAL A 25  ? 0.2063 0.1670 0.2821 0.0685  -0.0077 -0.0200 25  VAL A CG1 
190 C CG2 . VAL A 25  ? 0.3801 0.3382 0.4517 0.0703  -0.0040 -0.0223 25  VAL A CG2 
191 N N   . THR A 26  ? 0.2771 0.2452 0.3555 0.0675  -0.0002 -0.0190 26  THR A N   
192 C CA  . THR A 26  ? 0.3018 0.2725 0.3871 0.0670  -0.0013 -0.0173 26  THR A CA  
193 C C   . THR A 26  ? 0.3539 0.3216 0.4380 0.0661  -0.0067 -0.0168 26  THR A C   
194 O O   . THR A 26  ? 0.3015 0.2660 0.3800 0.0662  -0.0091 -0.0176 26  THR A O   
195 C CB  . THR A 26  ? 0.2951 0.2684 0.3786 0.0660  0.0018  -0.0168 26  THR A CB  
196 O OG1 . THR A 26  ? 0.2633 0.2339 0.3375 0.0649  0.0006  -0.0174 26  THR A OG1 
197 C CG2 . THR A 26  ? 0.2989 0.2751 0.3823 0.0670  0.0073  -0.0174 26  THR A CG2 
198 N N   . SER A 27  ? 0.2819 0.2506 0.3708 0.0653  -0.0090 -0.0154 27  SER A N   
199 C CA  . SER A 27  ? 0.3113 0.2764 0.3983 0.0648  -0.0146 -0.0152 27  SER A CA  
200 C C   . SER A 27  ? 0.3124 0.2747 0.3887 0.0643  -0.0155 -0.0161 27  SER A C   
201 O O   . SER A 27  ? 0.3898 0.3488 0.4624 0.0644  -0.0198 -0.0162 27  SER A O   
202 C CB  . SER A 27  ? 0.3584 0.3244 0.4534 0.0640  -0.0174 -0.0135 27  SER A CB  
203 O OG  . SER A 27  ? 0.4200 0.3880 0.5147 0.0631  -0.0153 -0.0128 27  SER A OG  
204 N N   . THR A 28  ? 0.2888 0.2523 0.3597 0.0641  -0.0115 -0.0166 28  THR A N   
205 C CA  . THR A 28  ? 0.3007 0.2622 0.3615 0.0639  -0.0122 -0.0172 28  THR A CA  
206 C C   . THR A 28  ? 0.2995 0.2616 0.3536 0.0639  -0.0083 -0.0179 28  THR A C   
207 O O   . THR A 28  ? 0.2666 0.2282 0.3130 0.0636  -0.0077 -0.0179 28  THR A O   
208 C CB  . THR A 28  ? 0.3956 0.3575 0.4554 0.0631  -0.0121 -0.0166 28  THR A CB  
209 O OG1 . THR A 28  ? 0.4054 0.3709 0.4677 0.0626  -0.0072 -0.0163 28  THR A OG1 
210 C CG2 . THR A 28  ? 0.3938 0.3547 0.4600 0.0628  -0.0162 -0.0157 28  THR A CG2 
211 N N   . SER A 29  ? 0.2744 0.2376 0.3312 0.0642  -0.0058 -0.0184 29  SER A N   
212 C CA  . SER A 29  ? 0.2875 0.2508 0.3381 0.0640  -0.0026 -0.0189 29  SER A CA  
213 C C   . SER A 29  ? 0.2743 0.2363 0.3262 0.0648  -0.0024 -0.0197 29  SER A C   
214 O O   . SER A 29  ? 0.3017 0.2642 0.3611 0.0657  -0.0028 -0.0198 29  SER A O   
215 C CB  . SER A 29  ? 0.2589 0.2251 0.3102 0.0637  0.0021  -0.0190 29  SER A CB  
216 O OG  . SER A 29  ? 0.2651 0.2337 0.3242 0.0645  0.0043  -0.0191 29  SER A OG  
217 N N   . VAL A 30  ? 0.2422 0.2026 0.2870 0.0644  -0.0020 -0.0200 30  VAL A N   
218 C CA  . VAL A 30  ? 0.2493 0.2078 0.2939 0.0649  -0.0019 -0.0208 30  VAL A CA  
219 C C   . VAL A 30  ? 0.2957 0.2539 0.3341 0.0643  0.0013  -0.0213 30  VAL A C   
220 O O   . VAL A 30  ? 0.2914 0.2493 0.3228 0.0631  0.0012  -0.0206 30  VAL A O   
221 C CB  . VAL A 30  ? 0.2572 0.2131 0.2991 0.0647  -0.0062 -0.0201 30  VAL A CB  
222 C CG1 . VAL A 30  ? 0.2258 0.1791 0.2659 0.0648  -0.0065 -0.0207 30  VAL A CG1 
223 C CG2 . VAL A 30  ? 0.2595 0.2152 0.3079 0.0653  -0.0095 -0.0198 30  VAL A CG2 
224 N N   . THR A 31  ? 0.2207 0.1784 0.2616 0.0654  0.0039  -0.0226 31  THR A N   
225 C CA  . THR A 31  ? 0.2218 0.1783 0.2567 0.0650  0.0064  -0.0234 31  THR A CA  
226 C C   . THR A 31  ? 0.2895 0.2419 0.3221 0.0653  0.0042  -0.0240 31  THR A C   
227 O O   . THR A 31  ? 0.2696 0.2207 0.3076 0.0669  0.0032  -0.0249 31  THR A O   
228 C CB  . THR A 31  ? 0.2450 0.2038 0.2830 0.0663  0.0110  -0.0246 31  THR A CB  
229 O OG1 . THR A 31  ? 0.2830 0.2457 0.3241 0.0659  0.0128  -0.0237 31  THR A OG1 
230 C CG2 . THR A 31  ? 0.2498 0.2067 0.2804 0.0659  0.0134  -0.0255 31  THR A CG2 
231 N N   . LEU A 32  ? 0.2189 0.1691 0.2440 0.0637  0.0032  -0.0234 32  LEU A N   
232 C CA  . LEU A 32  ? 0.2188 0.1647 0.2410 0.0635  0.0008  -0.0236 32  LEU A CA  
233 C C   . LEU A 32  ? 0.2969 0.2407 0.3146 0.0636  0.0034  -0.0250 32  LEU A C   
234 O O   . LEU A 32  ? 0.3133 0.2590 0.3273 0.0627  0.0061  -0.0247 32  LEU A O   
235 C CB  . LEU A 32  ? 0.2182 0.1636 0.2352 0.0615  -0.0028 -0.0213 32  LEU A CB  
236 C CG  . LEU A 32  ? 0.2536 0.2007 0.2737 0.0617  -0.0056 -0.0200 32  LEU A CG  
237 C CD1 . LEU A 32  ? 0.3426 0.2899 0.3566 0.0599  -0.0086 -0.0174 32  LEU A CD1 
238 C CD2 . LEU A 32  ? 0.3003 0.2453 0.3267 0.0630  -0.0079 -0.0209 32  LEU A CD2 
239 N N   . SER A 33  ? 0.3061 0.2455 0.3237 0.0646  0.0021  -0.0264 33  SER A N   
240 C CA  . SER A 33  ? 0.3153 0.2513 0.3271 0.0645  0.0035  -0.0277 33  SER A CA  
241 C C   . SER A 33  ? 0.3001 0.2304 0.3085 0.0637  -0.0007 -0.0274 33  SER A C   
242 O O   . SER A 33  ? 0.2828 0.2113 0.2950 0.0644  -0.0038 -0.0273 33  SER A O   
243 C CB  . SER A 33  ? 0.3534 0.2891 0.3681 0.0675  0.0073  -0.0304 33  SER A CB  
244 O OG  . SER A 33  ? 0.3751 0.3167 0.3935 0.0680  0.0112  -0.0302 33  SER A OG  
245 N N   . TRP A 34  ? 0.2900 0.2171 0.2912 0.0621  -0.0012 -0.0272 34  TRP A N   
246 C CA  . TRP A 34  ? 0.3013 0.2228 0.2988 0.0607  -0.0057 -0.0265 34  TRP A CA  
247 C C   . TRP A 34  ? 0.3362 0.2531 0.3265 0.0599  -0.0054 -0.0275 34  TRP A C   
248 O O   . TRP A 34  ? 0.4058 0.3242 0.3937 0.0604  -0.0015 -0.0286 34  TRP A O   
249 C CB  . TRP A 34  ? 0.2418 0.1652 0.2378 0.0579  -0.0093 -0.0227 34  TRP A CB  
250 C CG  . TRP A 34  ? 0.2554 0.1827 0.2464 0.0555  -0.0077 -0.0204 34  TRP A CG  
251 C CD1 . TRP A 34  ? 0.2629 0.1884 0.2471 0.0530  -0.0087 -0.0188 34  TRP A CD1 
252 C CD2 . TRP A 34  ? 0.2764 0.2098 0.2689 0.0555  -0.0048 -0.0197 34  TRP A CD2 
253 N NE1 . TRP A 34  ? 0.2895 0.2201 0.2712 0.0516  -0.0064 -0.0170 34  TRP A NE1 
254 C CE2 . TRP A 34  ? 0.2671 0.2024 0.2535 0.0532  -0.0040 -0.0176 34  TRP A CE2 
255 C CE3 . TRP A 34  ? 0.3079 0.2452 0.3064 0.0573  -0.0032 -0.0204 34  TRP A CE3 
256 C CZ2 . TRP A 34  ? 0.2608 0.2013 0.2468 0.0529  -0.0015 -0.0164 34  TRP A CZ2 
257 C CZ3 . TRP A 34  ? 0.3267 0.2687 0.3245 0.0568  -0.0011 -0.0192 34  TRP A CZ3 
258 C CH2 . TRP A 34  ? 0.3412 0.2849 0.3328 0.0547  -0.0002 -0.0174 34  TRP A CH2 
259 N N   . GLU A 35  ? 0.3357 0.2467 0.3224 0.0586  -0.0098 -0.0268 35  GLU A N   
260 C CA  . GLU A 35  ? 0.4141 0.3200 0.3933 0.0572  -0.0106 -0.0272 35  GLU A CA  
261 C C   . GLU A 35  ? 0.3746 0.2800 0.3495 0.0531  -0.0148 -0.0232 35  GLU A C   
262 O O   . GLU A 35  ? 0.4253 0.3314 0.4026 0.0519  -0.0184 -0.0206 35  GLU A O   
263 C CB  . GLU A 35  ? 0.5187 0.4167 0.4970 0.0596  -0.0125 -0.0304 35  GLU A CB  
264 C CG  . GLU A 35  ? 0.5523 0.4507 0.5333 0.0639  -0.0079 -0.0343 35  GLU A CG  
265 C CD  . GLU A 35  ? 0.5794 0.4698 0.5592 0.0667  -0.0098 -0.0374 35  GLU A CD  
266 O OE1 . GLU A 35  ? 0.5905 0.4740 0.5636 0.0653  -0.0132 -0.0376 35  GLU A OE1 
267 O OE2 . GLU A 35  ? 0.6394 0.5306 0.6252 0.0703  -0.0082 -0.0394 35  GLU A OE2 
268 N N   . PRO A 36  ? 0.4014 0.3059 0.3698 0.0509  -0.0144 -0.0222 36  PRO A N   
269 C CA  . PRO A 36  ? 0.4002 0.3051 0.3646 0.0468  -0.0183 -0.0177 36  PRO A CA  
270 C C   . PRO A 36  ? 0.4018 0.2998 0.3651 0.0454  -0.0245 -0.0165 36  PRO A C   
271 O O   . PRO A 36  ? 0.4091 0.2996 0.3702 0.0468  -0.0259 -0.0195 36  PRO A O   
272 C CB  . PRO A 36  ? 0.4130 0.3173 0.3709 0.0452  -0.0164 -0.0176 36  PRO A CB  
273 C CG  . PRO A 36  ? 0.4762 0.3762 0.4333 0.0486  -0.0133 -0.0227 36  PRO A CG  
274 C CD  . PRO A 36  ? 0.3913 0.2951 0.3559 0.0520  -0.0103 -0.0248 36  PRO A CD  
275 N N   . PRO A 37  ? 0.3680 0.2686 0.3325 0.0429  -0.0283 -0.0120 37  PRO A N   
276 C CA  . PRO A 37  ? 0.4055 0.2995 0.3681 0.0408  -0.0346 -0.0102 37  PRO A CA  
277 C C   . PRO A 37  ? 0.4741 0.3642 0.4295 0.0378  -0.0365 -0.0087 37  PRO A C   
278 O O   . PRO A 37  ? 0.5152 0.4091 0.4676 0.0370  -0.0329 -0.0083 37  PRO A O   
279 C CB  . PRO A 37  ? 0.3787 0.2781 0.3443 0.0388  -0.0375 -0.0052 37  PRO A CB  
280 C CG  . PRO A 37  ? 0.3791 0.2874 0.3446 0.0385  -0.0332 -0.0034 37  PRO A CG  
281 C CD  . PRO A 37  ? 0.3414 0.2503 0.3080 0.0417  -0.0275 -0.0083 37  PRO A CD  
282 N N   . PRO A 38  ? 0.5088 0.3913 0.4617 0.0359  -0.0423 -0.0076 38  PRO A N   
283 C CA  . PRO A 38  ? 0.5682 0.4458 0.5142 0.0329  -0.0450 -0.0062 38  PRO A CA  
284 C C   . PRO A 38  ? 0.5525 0.4374 0.4969 0.0287  -0.0457 -0.0001 38  PRO A C   
285 O O   . PRO A 38  ? 0.4876 0.3797 0.4358 0.0278  -0.0459 0.0038  38  PRO A O   
286 C CB  . PRO A 38  ? 0.5323 0.4004 0.4775 0.0319  -0.0520 -0.0060 38  PRO A CB  
287 C CG  . PRO A 38  ? 0.5498 0.4205 0.5018 0.0331  -0.0533 -0.0051 38  PRO A CG  
288 C CD  . PRO A 38  ? 0.4953 0.3725 0.4517 0.0369  -0.0468 -0.0082 38  PRO A CD  
289 N N   . GLY A 39  ? 0.5423 0.4251 0.4808 0.0264  -0.0459 0.0008  39  GLY A N   
290 C CA  . GLY A 39  ? 0.5191 0.4079 0.4558 0.0222  -0.0472 0.0072  39  GLY A CA  
291 C C   . GLY A 39  ? 0.5145 0.4124 0.4515 0.0230  -0.0410 0.0075  39  GLY A C   
292 O O   . GLY A 39  ? 0.4599 0.3587 0.3980 0.0265  -0.0357 0.0027  39  GLY A O   
293 N N   . PRO A 40  ? 0.5448 0.4497 0.4808 0.0199  -0.0415 0.0134  40  PRO A N   
294 C CA  . PRO A 40  ? 0.5277 0.4409 0.4634 0.0207  -0.0358 0.0139  40  PRO A CA  
295 C C   . PRO A 40  ? 0.3681 0.2882 0.3092 0.0238  -0.0324 0.0131  40  PRO A C   
296 O O   . PRO A 40  ? 0.4358 0.3578 0.3804 0.0237  -0.0351 0.0155  40  PRO A O   
297 C CB  . PRO A 40  ? 0.5563 0.4747 0.4897 0.0165  -0.0382 0.0210  40  PRO A CB  
298 C CG  . PRO A 40  ? 0.5983 0.5146 0.5334 0.0142  -0.0445 0.0251  40  PRO A CG  
299 C CD  . PRO A 40  ? 0.6374 0.5431 0.5727 0.0156  -0.0474 0.0201  40  PRO A CD  
300 N N   . ILE A 41  ? 0.4111 0.3341 0.3530 0.0265  -0.0266 0.0095  41  ILE A N   
301 C CA  . ILE A 41  ? 0.3205 0.2497 0.2671 0.0294  -0.0234 0.0085  41  ILE A CA  
302 C C   . ILE A 41  ? 0.3486 0.2852 0.2936 0.0293  -0.0192 0.0102  41  ILE A C   
303 O O   . ILE A 41  ? 0.4053 0.3409 0.3475 0.0291  -0.0162 0.0083  41  ILE A O   
304 C CB  . ILE A 41  ? 0.3899 0.3155 0.3400 0.0331  -0.0205 0.0023  41  ILE A CB  
305 C CG1 . ILE A 41  ? 0.4101 0.3272 0.3609 0.0335  -0.0244 0.0000  41  ILE A CG1 
306 C CG2 . ILE A 41  ? 0.3268 0.2581 0.2822 0.0357  -0.0184 0.0018  41  ILE A CG2 
307 C CD1 . ILE A 41  ? 0.4589 0.3762 0.4126 0.0327  -0.0290 0.0029  41  ILE A CD1 
308 N N   . THR A 42  ? 0.3309 0.2748 0.2773 0.0294  -0.0189 0.0138  42  THR A N   
309 C CA  . THR A 42  ? 0.3135 0.2639 0.2582 0.0298  -0.0149 0.0152  42  THR A CA  
310 C C   . THR A 42  ? 0.3322 0.2860 0.2805 0.0334  -0.0110 0.0121  42  THR A C   
311 O O   . THR A 42  ? 0.2707 0.2296 0.2181 0.0341  -0.0077 0.0125  42  THR A O   
312 C CB  . THR A 42  ? 0.2515 0.2085 0.1944 0.0278  -0.0168 0.0218  42  THR A CB  
313 O OG1 . THR A 42  ? 0.2871 0.2468 0.2330 0.0290  -0.0189 0.0236  42  THR A OG1 
314 C CG2 . THR A 42  ? 0.2852 0.2394 0.2248 0.0238  -0.0208 0.0256  42  THR A CG2 
315 N N   . GLY A 43  ? 0.2789 0.2300 0.2315 0.0354  -0.0119 0.0091  43  GLY A N   
316 C CA  . GLY A 43  ? 0.2825 0.2362 0.2389 0.0385  -0.0091 0.0064  43  GLY A CA  
317 C C   . GLY A 43  ? 0.2872 0.2382 0.2482 0.0401  -0.0116 0.0048  43  GLY A C   
318 O O   . GLY A 43  ? 0.2440 0.1912 0.2050 0.0388  -0.0155 0.0059  43  GLY A O   
319 N N   . TYR A 44  ? 0.2321 0.1846 0.1970 0.0428  -0.0096 0.0021  44  TYR A N   
320 C CA  . TYR A 44  ? 0.2229 0.1738 0.1925 0.0444  -0.0118 0.0009  44  TYR A CA  
321 C C   . TYR A 44  ? 0.3069 0.2627 0.2781 0.0463  -0.0113 0.0016  44  TYR A C   
322 O O   . TYR A 44  ? 0.2779 0.2362 0.2490 0.0475  -0.0080 0.0003  44  TYR A O   
323 C CB  . TYR A 44  ? 0.2244 0.1708 0.1982 0.0463  -0.0103 -0.0040 44  TYR A CB  
324 C CG  . TYR A 44  ? 0.2409 0.1815 0.2132 0.0454  -0.0109 -0.0056 44  TYR A CG  
325 C CD1 . TYR A 44  ? 0.3088 0.2485 0.2783 0.0451  -0.0077 -0.0074 44  TYR A CD1 
326 C CD2 . TYR A 44  ? 0.2733 0.2090 0.2468 0.0450  -0.0148 -0.0057 44  TYR A CD2 
327 C CE1 . TYR A 44  ? 0.3614 0.2951 0.3287 0.0446  -0.0084 -0.0093 44  TYR A CE1 
328 C CE2 . TYR A 44  ? 0.2495 0.1791 0.2211 0.0445  -0.0156 -0.0077 44  TYR A CE2 
329 C CZ  . TYR A 44  ? 0.3011 0.2295 0.2692 0.0445  -0.0124 -0.0096 44  TYR A CZ  
330 O OH  . TYR A 44  ? 0.3421 0.2638 0.3075 0.0443  -0.0133 -0.0117 44  TYR A OH  
331 N N   . ARG A 45  ? 0.2190 0.1756 0.1915 0.0466  -0.0146 0.0036  45  ARG A N   
332 C CA  . ARG A 45  ? 0.3203 0.2806 0.2941 0.0487  -0.0146 0.0038  45  ARG A CA  
333 C C   . ARG A 45  ? 0.3686 0.3258 0.3483 0.0506  -0.0147 0.0000  45  ARG A C   
334 O O   . ARG A 45  ? 0.3242 0.2776 0.3068 0.0504  -0.0170 -0.0008 45  ARG A O   
335 C CB  . ARG A 45  ? 0.4424 0.4057 0.4143 0.0483  -0.0180 0.0081  45  ARG A CB  
336 C CG  . ARG A 45  ? 0.4886 0.4556 0.4551 0.0463  -0.0182 0.0125  45  ARG A CG  
337 C CD  . ARG A 45  ? 0.4835 0.4567 0.4471 0.0477  -0.0184 0.0159  45  ARG A CD  
338 N NE  . ARG A 45  ? 0.4310 0.4078 0.3907 0.0454  -0.0196 0.0213  45  ARG A NE  
339 C CZ  . ARG A 45  ? 0.4609 0.4395 0.4174 0.0440  -0.0175 0.0226  45  ARG A CZ  
340 N NH1 . ARG A 45  ? 0.3741 0.3511 0.3304 0.0446  -0.0139 0.0191  45  ARG A NH1 
341 N NH2 . ARG A 45  ? 0.4026 0.3848 0.3560 0.0417  -0.0191 0.0280  45  ARG A NH2 
342 N N   . VAL A 46  ? 0.3100 0.2686 0.2917 0.0525  -0.0122 -0.0023 46  VAL A N   
343 C CA  . VAL A 46  ? 0.3544 0.3109 0.3422 0.0543  -0.0124 -0.0053 46  VAL A CA  
344 C C   . VAL A 46  ? 0.4001 0.3591 0.3879 0.0558  -0.0142 -0.0042 46  VAL A C   
345 O O   . VAL A 46  ? 0.3178 0.2798 0.3025 0.0566  -0.0130 -0.0035 46  VAL A O   
346 C CB  . VAL A 46  ? 0.2758 0.2318 0.2663 0.0551  -0.0086 -0.0085 46  VAL A CB  
347 C CG1 . VAL A 46  ? 0.3291 0.2838 0.3266 0.0570  -0.0089 -0.0110 46  VAL A CG1 
348 C CG2 . VAL A 46  ? 0.2531 0.2067 0.2427 0.0539  -0.0066 -0.0096 46  VAL A CG2 
349 N N   . GLU A 47  ? 0.3167 0.2743 0.3073 0.0563  -0.0176 -0.0039 47  GLU A N   
350 C CA  . GLU A 47  ? 0.3125 0.2721 0.3024 0.0577  -0.0201 -0.0027 47  GLU A CA  
351 C C   . GLU A 47  ? 0.3634 0.3206 0.3598 0.0591  -0.0214 -0.0053 47  GLU A C   
352 O O   . GLU A 47  ? 0.3103 0.2646 0.3116 0.0588  -0.0217 -0.0068 47  GLU A O   
353 C CB  . GLU A 47  ? 0.3908 0.3515 0.3781 0.0568  -0.0236 0.0009  47  GLU A CB  
354 C CG  . GLU A 47  ? 0.5546 0.5179 0.5364 0.0549  -0.0229 0.0043  47  GLU A CG  
355 C CD  . GLU A 47  ? 0.6668 0.6312 0.6471 0.0536  -0.0267 0.0083  47  GLU A CD  
356 O OE1 . GLU A 47  ? 0.7827 0.7447 0.7666 0.0538  -0.0295 0.0079  47  GLU A OE1 
357 O OE2 . GLU A 47  ? 0.7397 0.7075 0.7154 0.0523  -0.0267 0.0121  47  GLU A OE2 
358 N N   . TYR A 48  ? 0.2794 0.2378 0.2760 0.0609  -0.0219 -0.0058 48  TYR A N   
359 C CA  . TYR A 48  ? 0.3057 0.2619 0.3086 0.0620  -0.0235 -0.0080 48  TYR A CA  
360 C C   . TYR A 48  ? 0.3114 0.2685 0.3124 0.0638  -0.0260 -0.0075 48  TYR A C   
361 O O   . TYR A 48  ? 0.2556 0.2150 0.2505 0.0645  -0.0257 -0.0063 48  TYR A O   
362 C CB  . TYR A 48  ? 0.2371 0.1923 0.2446 0.0622  -0.0203 -0.0108 48  TYR A CB  
363 C CG  . TYR A 48  ? 0.2725 0.2297 0.2766 0.0628  -0.0180 -0.0110 48  TYR A CG  
364 C CD1 . TYR A 48  ? 0.3030 0.2619 0.3022 0.0618  -0.0152 -0.0101 48  TYR A CD1 
365 C CD2 . TYR A 48  ? 0.2315 0.1885 0.2375 0.0641  -0.0189 -0.0121 48  TYR A CD2 
366 C CE1 . TYR A 48  ? 0.3110 0.2718 0.3071 0.0622  -0.0131 -0.0102 48  TYR A CE1 
367 C CE2 . TYR A 48  ? 0.2872 0.2455 0.2899 0.0646  -0.0171 -0.0123 48  TYR A CE2 
368 C CZ  . TYR A 48  ? 0.3433 0.3035 0.3412 0.0637  -0.0141 -0.0114 48  TYR A CZ  
369 O OH  . TYR A 48  ? 0.3189 0.2803 0.3139 0.0643  -0.0123 -0.0116 48  TYR A OH  
370 N N   . ARG A 49  ? 0.2516 0.2068 0.2576 0.0644  -0.0289 -0.0084 49  ARG A N   
371 C CA  . ARG A 49  ? 0.3088 0.2639 0.3135 0.0661  -0.0320 -0.0082 49  ARG A CA  
372 C C   . ARG A 49  ? 0.3590 0.3115 0.3712 0.0666  -0.0342 -0.0100 49  ARG A C   
373 O O   . ARG A 49  ? 0.2849 0.2361 0.3029 0.0657  -0.0341 -0.0105 49  ARG A O   
374 C CB  . ARG A 49  ? 0.2624 0.2188 0.2624 0.0663  -0.0349 -0.0054 49  ARG A CB  
375 C CG  . ARG A 49  ? 0.3206 0.2755 0.3253 0.0654  -0.0376 -0.0048 49  ARG A CG  
376 C CD  . ARG A 49  ? 0.4406 0.3967 0.4419 0.0662  -0.0415 -0.0024 49  ARG A CD  
377 N NE  . ARG A 49  ? 0.5207 0.4754 0.5266 0.0651  -0.0441 -0.0015 49  ARG A NE  
378 C CZ  . ARG A 49  ? 0.5530 0.5086 0.5572 0.0653  -0.0476 0.0010  49  ARG A CZ  
379 N NH1 . ARG A 49  ? 0.3639 0.3223 0.3615 0.0668  -0.0489 0.0028  49  ARG A NH1 
380 N NH2 . ARG A 49  ? 0.5369 0.4908 0.5460 0.0640  -0.0499 0.0017  49  ARG A NH2 
381 N N   . GLU A 50  ? 0.3830 0.3345 0.3948 0.0679  -0.0360 -0.0108 50  GLU A N   
382 C CA  . GLU A 50  ? 0.5049 0.4542 0.5235 0.0683  -0.0392 -0.0117 50  GLU A CA  
383 C C   . GLU A 50  ? 0.5056 0.4549 0.5231 0.0681  -0.0422 -0.0100 50  GLU A C   
384 O O   . GLU A 50  ? 0.4459 0.3969 0.4563 0.0688  -0.0434 -0.0082 50  GLU A O   
385 C CB  . GLU A 50  ? 0.4968 0.4445 0.5142 0.0697  -0.0419 -0.0126 50  GLU A CB  
386 C CG  . GLU A 50  ? 0.6498 0.5975 0.6665 0.0699  -0.0393 -0.0138 50  GLU A CG  
387 C CD  . GLU A 50  ? 0.7413 0.6864 0.7570 0.0713  -0.0428 -0.0148 50  GLU A CD  
388 O OE1 . GLU A 50  ? 0.7757 0.7189 0.7938 0.0718  -0.0469 -0.0148 50  GLU A OE1 
389 O OE2 . GLU A 50  ? 0.8434 0.7881 0.8557 0.0720  -0.0417 -0.0155 50  GLU A OE2 
390 N N   . ALA A 51  ? 0.6939 0.6502 0.7543 0.1485  -0.0705 0.0571  51  ALA A N   
391 C CA  . ALA A 51  ? 0.6634 0.6008 0.7133 0.1541  -0.0750 0.0645  51  ALA A CA  
392 C C   . ALA A 51  ? 0.6161 0.5518 0.6505 0.1523  -0.0814 0.0706  51  ALA A C   
393 O O   . ALA A 51  ? 0.5974 0.5474 0.6357 0.1506  -0.0849 0.0712  51  ALA A O   
394 C CB  . ALA A 51  ? 0.6630 0.6002 0.7270 0.1606  -0.0761 0.0676  51  ALA A CB  
395 N N   . GLY A 52  ? 0.5357 0.4537 0.5513 0.1518  -0.0824 0.0749  52  GLY A N   
396 C CA  . GLY A 52  ? 0.5618 0.4759 0.5614 0.1501  -0.0879 0.0816  52  GLY A CA  
397 C C   . GLY A 52  ? 0.6045 0.5229 0.5914 0.1431  -0.0863 0.0801  52  GLY A C   
398 O O   . GLY A 52  ? 0.5962 0.5068 0.5659 0.1408  -0.0893 0.0859  52  GLY A O   
399 N N   . GLY A 53  ? 0.5817 0.5126 0.5769 0.1394  -0.0809 0.0727  53  GLY A N   
400 C CA  . GLY A 53  ? 0.5379 0.4754 0.5238 0.1330  -0.0785 0.0713  53  GLY A CA  
401 C C   . GLY A 53  ? 0.5031 0.4315 0.4788 0.1296  -0.0724 0.0709  53  GLY A C   
402 O O   . GLY A 53  ? 0.4776 0.3864 0.4419 0.1308  -0.0715 0.0752  53  GLY A O   
403 N N   . GLU A 54  ? 0.5519 0.4945 0.5316 0.1247  -0.0678 0.0662  54  GLU A N   
404 C CA  . GLU A 54  ? 0.4982 0.4353 0.4683 0.1205  -0.0614 0.0671  54  GLU A CA  
405 C C   . GLU A 54  ? 0.5011 0.4433 0.4851 0.1210  -0.0559 0.0606  54  GLU A C   
406 O O   . GLU A 54  ? 0.5444 0.5049 0.5481 0.1209  -0.0549 0.0532  54  GLU A O   
407 C CB  . GLU A 54  ? 0.5334 0.4827 0.4979 0.1145  -0.0585 0.0674  54  GLU A CB  
408 C CG  . GLU A 54  ? 0.5921 0.5642 0.5730 0.1135  -0.0597 0.0606  54  GLU A CG  
409 N N   . TRP A 55  ? 0.3855 0.3113 0.3581 0.1200  -0.0517 0.0639  55  TRP A N   
410 C CA  . TRP A 55  ? 0.3231 0.2472 0.3047 0.1211  -0.0467 0.0590  55  TRP A CA  
411 C C   . TRP A 55  ? 0.3942 0.3358 0.3832 0.1162  -0.0396 0.0556  55  TRP A C   
412 O O   . TRP A 55  ? 0.3592 0.3013 0.3365 0.1104  -0.0353 0.0615  55  TRP A O   
413 C CB  . TRP A 55  ? 0.4916 0.3867 0.4552 0.1214  -0.0449 0.0650  55  TRP A CB  
414 C CG  . TRP A 55  ? 0.5350 0.4142 0.4974 0.1272  -0.0503 0.0668  55  TRP A CG  
415 C CD1 . TRP A 55  ? 0.6158 0.4854 0.5672 0.1284  -0.0559 0.0734  55  TRP A CD1 
416 C CD2 . TRP A 55  ? 0.5375 0.4098 0.5111 0.1326  -0.0499 0.0623  55  TRP A CD2 
417 N NE1 . TRP A 55  ? 0.5722 0.4304 0.5281 0.1345  -0.0589 0.0739  55  TRP A NE1 
418 C CE2 . TRP A 55  ? 0.6184 0.4777 0.5879 0.1372  -0.0550 0.0672  55  TRP A CE2 
419 C CE3 . TRP A 55  ? 0.3439 0.2200 0.3309 0.1336  -0.0449 0.0548  55  TRP A CE3 
420 C CZ2 . TRP A 55  ? 0.5884 0.4387 0.5676 0.1430  -0.0550 0.0651  55  TRP A CZ2 
421 C CZ3 . TRP A 55  ? 0.3979 0.2643 0.3935 0.1387  -0.0447 0.0520  55  TRP A CZ3 
422 C CH2 . TRP A 55  ? 0.4805 0.3339 0.4723 0.1436  -0.0495 0.0575  55  TRP A CH2 
423 N N   . LYS A 56  ? 0.2800 0.2377 0.2898 0.1166  -0.0376 0.0468  56  LYS A N   
424 C CA  . LYS A 56  ? 0.2900 0.2666 0.3102 0.1114  -0.0304 0.0430  56  LYS A CA  
425 C C   . LYS A 56  ? 0.2286 0.1940 0.2484 0.1069  -0.0241 0.0411  56  LYS A C   
426 O O   . LYS A 56  ? 0.2987 0.2439 0.3138 0.1122  -0.0263 0.0411  56  LYS A O   
427 C CB  . LYS A 56  ? 0.3555 0.3573 0.3992 0.1077  -0.0309 0.0330  56  LYS A CB  
428 C CG  . LYS A 56  ? 0.4336 0.4420 0.4784 0.1072  -0.0366 0.0333  56  LYS A CG  
429 C CD  . LYS A 56  ? 0.5124 0.5276 0.5470 0.1032  -0.0351 0.0373  56  LYS A CD  
430 N N   . GLU A 57  ? 0.2338 0.2120 0.2593 0.0950  -0.0160 0.0392  57  GLU A N   
431 C CA  . GLU A 57  ? 0.2211 0.1875 0.2430 0.0863  -0.0096 0.0380  57  GLU A CA  
432 C C   . GLU A 57  ? 0.2452 0.2335 0.2829 0.0766  -0.0024 0.0323  57  GLU A C   
433 O O   . GLU A 57  ? 0.1988 0.2071 0.2427 0.0710  0.0004  0.0336  57  GLU A O   
434 C CB  . GLU A 57  ? 0.2932 0.2404 0.2932 0.0771  -0.0068 0.0471  57  GLU A CB  
435 C CG  . GLU A 57  ? 0.4088 0.3445 0.4035 0.0659  0.0002  0.0469  57  GLU A CG  
436 C CD  . GLU A 57  ? 0.6879 0.6084 0.6622 0.0552  0.0036  0.0563  57  GLU A CD  
437 O OE1 . GLU A 57  ? 0.6314 0.5325 0.5895 0.0598  -0.0005 0.0625  57  GLU A OE1 
438 O OE2 . GLU A 57  ? 0.8272 0.7557 0.8025 0.0419  0.0105  0.0579  57  GLU A OE2 
439 N N   . VAL A 58  ? 0.2380 0.2209 0.2812 0.0745  0.0009  0.0265  58  VAL A N   
440 C CA  . VAL A 58  ? 0.2417 0.2430 0.2968 0.0629  0.0082  0.0223  58  VAL A CA  
441 C C   . VAL A 58  ? 0.3074 0.2884 0.3525 0.0543  0.0131  0.0217  58  VAL A C   
442 O O   . VAL A 58  ? 0.2757 0.2350 0.3146 0.0613  0.0110  0.0195  58  VAL A O   
443 C CB  . VAL A 58  ? 0.2055 0.2302 0.2844 0.0697  0.0071  0.0127  58  VAL A CB  
444 C CG1 . VAL A 58  ? 0.1817 0.1920 0.2643 0.0821  0.0030  0.0066  58  VAL A CG1 
445 C CG2 . VAL A 58  ? 0.1995 0.2430 0.2906 0.0571  0.0145  0.0087  58  VAL A CG2 
446 N N   . THR A 59  ? 0.1816 0.1686 0.2244 0.0387  0.0199  0.0243  59  THR A N   
447 C CA  . THR A 59  ? 0.1987 0.1673 0.2310 0.0284  0.0249  0.0239  59  THR A CA  
448 C C   . THR A 59  ? 0.2331 0.2181 0.2820 0.0232  0.0293  0.0151  59  THR A C   
449 O O   . THR A 59  ? 0.2207 0.2337 0.2857 0.0194  0.0309  0.0134  59  THR A O   
450 C CB  . THR A 59  ? 0.2133 0.1756 0.2302 0.0135  0.0293  0.0335  59  THR A CB  
451 O OG1 . THR A 59  ? 0.2355 0.1833 0.2373 0.0193  0.0251  0.0415  59  THR A OG1 
452 C CG2 . THR A 59  ? 0.2305 0.1709 0.2342 0.0025  0.0340  0.0333  59  THR A CG2 
453 N N   . VAL A 60  ? 0.2162 0.1834 0.2613 0.0230  0.0313  0.0094  60  VAL A N   
454 C CA  . VAL A 60  ? 0.2215 0.2007 0.2809 0.0194  0.0352  0.0001  60  VAL A CA  
455 C C   . VAL A 60  ? 0.2510 0.2139 0.2972 0.0036  0.0418  0.0004  60  VAL A C   
456 O O   . VAL A 60  ? 0.2281 0.1681 0.2547 -0.0015 0.0425  0.0068  60  VAL A O   
457 C CB  . VAL A 60  ? 0.2300 0.2040 0.2998 0.0357  0.0318  -0.0085 60  VAL A CB  
458 C CG1 . VAL A 60  ? 0.2959 0.2816 0.3746 0.0508  0.0243  -0.0071 60  VAL A CG1 
459 C CG2 . VAL A 60  ? 0.2609 0.2010 0.3154 0.0396  0.0325  -0.0093 60  VAL A CG2 
460 N N   . PRO A 61  ? 0.2706 0.2454 0.3271 -0.0047 0.0465  -0.0065 61  PRO A N   
461 C CA  . PRO A 61  ? 0.2357 0.1982 0.2793 -0.0223 0.0526  -0.0054 61  PRO A CA  
462 C C   . PRO A 61  ? 0.3107 0.2370 0.3356 -0.0211 0.0544  -0.0073 61  PRO A C   
463 O O   . PRO A 61  ? 0.2974 0.2101 0.3243 -0.0072 0.0525  -0.0132 61  PRO A O   
464 C CB  . PRO A 61  ? 0.2974 0.2814 0.3578 -0.0291 0.0565  -0.0136 61  PRO A CB  
465 C CG  . PRO A 61  ? 0.2333 0.2484 0.3153 -0.0200 0.0528  -0.0149 61  PRO A CG  
466 C CD  . PRO A 61  ? 0.2436 0.2477 0.3238 -0.0012 0.0464  -0.0139 61  PRO A CD  
467 N N   . GLY A 62  ? 0.2544 0.2680 0.2222 0.0819  -0.0045 0.0214  62  GLY A N   
468 C CA  . GLY A 62  ? 0.2518 0.2701 0.2216 0.0783  -0.0046 0.0219  62  GLY A CA  
469 C C   . GLY A 62  ? 0.3184 0.3303 0.2879 0.0749  -0.0018 0.0226  62  GLY A C   
470 O O   . GLY A 62  ? 0.3654 0.3794 0.3379 0.0715  -0.0016 0.0224  62  GLY A O   
471 N N   . SER A 63  ? 0.2869 0.2908 0.2524 0.0762  0.0003  0.0235  63  SER A N   
472 C CA  . SER A 63  ? 0.3549 0.3526 0.3197 0.0732  0.0032  0.0241  63  SER A CA  
473 C C   . SER A 63  ? 0.4006 0.3911 0.3696 0.0708  0.0053  0.0223  63  SER A C   
474 O O   . SER A 63  ? 0.4145 0.3996 0.3835 0.0681  0.0079  0.0224  63  SER A O   
475 C CB  . SER A 63  ? 0.4024 0.3949 0.3601 0.0755  0.0045  0.0263  63  SER A CB  
476 O OG  . SER A 63  ? 0.3805 0.3676 0.3361 0.0788  0.0047  0.0260  63  SER A OG  
477 N N   . GLU A 64  ? 0.4125 0.4035 0.3851 0.0720  0.0044  0.0203  64  GLU A N   
478 C CA  . GLU A 64  ? 0.3947 0.3793 0.3715 0.0701  0.0064  0.0179  64  GLU A CA  
479 C C   . GLU A 64  ? 0.3328 0.3202 0.3155 0.0661  0.0066  0.0163  64  GLU A C   
480 O O   . GLU A 64  ? 0.3214 0.3166 0.3062 0.0655  0.0043  0.0162  64  GLU A O   
481 C CB  . GLU A 64  ? 0.3717 0.3565 0.3505 0.0729  0.0052  0.0162  64  GLU A CB  
482 C CG  . GLU A 64  ? 0.4589 0.4366 0.4413 0.0716  0.0073  0.0137  64  GLU A CG  
483 C CD  . GLU A 64  ? 0.5495 0.5178 0.5275 0.0731  0.0096  0.0147  64  GLU A CD  
484 O OE1 . GLU A 64  ? 0.5118 0.4751 0.4862 0.0717  0.0118  0.0165  64  GLU A OE1 
485 O OE2 . GLU A 64  ? 0.5750 0.5410 0.5534 0.0758  0.0091  0.0134  64  GLU A OE2 
486 N N   . THR A 65  ? 0.3225 0.3036 0.3078 0.0632  0.0092  0.0149  65  THR A N   
487 C CA  . THR A 65  ? 0.3064 0.2899 0.2976 0.0597  0.0093  0.0128  65  THR A CA  
488 C C   . THR A 65  ? 0.3112 0.2897 0.3070 0.0586  0.0110  0.0098  65  THR A C   
489 O O   . THR A 65  ? 0.3253 0.3053 0.3263 0.0560  0.0111  0.0076  65  THR A O   
490 C CB  . THR A 65  ? 0.3487 0.3315 0.3391 0.0565  0.0108  0.0139  65  THR A CB  
491 O OG1 . THR A 65  ? 0.3968 0.3715 0.3839 0.0559  0.0138  0.0147  65  THR A OG1 
492 C CG2 . THR A 65  ? 0.3787 0.3677 0.3658 0.0573  0.0088  0.0164  65  THR A CG2 
493 N N   . SER A 66  ? 0.2765 0.2490 0.2707 0.0604  0.0123  0.0094  66  SER A N   
494 C CA  . SER A 66  ? 0.3109 0.2792 0.3097 0.0597  0.0136  0.0062  66  SER A CA  
495 C C   . SER A 66  ? 0.3351 0.3012 0.3323 0.0634  0.0130  0.0058  66  SER A C   
496 O O   . SER A 66  ? 0.3379 0.3020 0.3293 0.0660  0.0128  0.0084  66  SER A O   
497 C CB  . SER A 66  ? 0.2779 0.2381 0.2772 0.0566  0.0174  0.0053  66  SER A CB  
498 O OG  . SER A 66  ? 0.3702 0.3321 0.3716 0.0531  0.0182  0.0051  66  SER A OG  
499 N N   . TYR A 67  ? 0.2445 0.2112 0.2469 0.0637  0.0126  0.0027  67  TYR A N   
500 C CA  . TYR A 67  ? 0.2753 0.2400 0.2767 0.0672  0.0119  0.0020  67  TYR A CA  
501 C C   . TYR A 67  ? 0.2586 0.2207 0.2661 0.0663  0.0129  -0.0020 67  TYR A C   
502 O O   . TYR A 67  ? 0.2533 0.2198 0.2664 0.0644  0.0123  -0.0045 67  TYR A O   
503 C CB  . TYR A 67  ? 0.2772 0.2505 0.2778 0.0706  0.0081  0.0027  67  TYR A CB  
504 C CG  . TYR A 67  ? 0.2945 0.2665 0.2949 0.0744  0.0070  0.0015  67  TYR A CG  
505 C CD1 . TYR A 67  ? 0.3132 0.2791 0.3080 0.0769  0.0078  0.0032  67  TYR A CD1 
506 C CD2 . TYR A 67  ? 0.2306 0.2076 0.2364 0.0754  0.0053  -0.0016 67  TYR A CD2 
507 C CE1 . TYR A 67  ? 0.3332 0.2979 0.3279 0.0805  0.0068  0.0019  67  TYR A CE1 
508 C CE2 . TYR A 67  ? 0.2939 0.2701 0.2997 0.0789  0.0042  -0.0030 67  TYR A CE2 
509 C CZ  . TYR A 67  ? 0.3284 0.2984 0.3289 0.0814  0.0050  -0.0013 67  TYR A CZ  
510 O OH  . TYR A 67  ? 0.3934 0.3624 0.3939 0.0848  0.0038  -0.0029 67  TYR A OH  
511 N N   . THR A 68  ? 0.2421 0.1968 0.2483 0.0676  0.0145  -0.0028 68  THR A N   
512 C CA  . THR A 68  ? 0.2783 0.2302 0.2902 0.0667  0.0157  -0.0068 68  THR A CA  
513 C C   . THR A 68  ? 0.2914 0.2456 0.3046 0.0706  0.0134  -0.0085 68  THR A C   
514 O O   . THR A 68  ? 0.3044 0.2545 0.3128 0.0736  0.0133  -0.0068 68  THR A O   
515 C CB  . THR A 68  ? 0.3163 0.2572 0.3270 0.0645  0.0198  -0.0071 68  THR A CB  
516 O OG1 . THR A 68  ? 0.3298 0.2689 0.3400 0.0607  0.0220  -0.0061 68  THR A OG1 
517 C CG2 . THR A 68  ? 0.3518 0.2900 0.3687 0.0636  0.0211  -0.0117 68  THR A CG2 
518 N N   . VAL A 69  ? 0.2911 0.2515 0.3102 0.0708  0.0117  -0.0118 69  VAL A N   
519 C CA  . VAL A 69  ? 0.2679 0.2305 0.2890 0.0743  0.0098  -0.0140 69  VAL A CA  
520 C C   . VAL A 69  ? 0.3404 0.2955 0.3653 0.0730  0.0125  -0.0174 69  VAL A C   
521 O O   . VAL A 69  ? 0.3027 0.2573 0.3327 0.0698  0.0141  -0.0202 69  VAL A O   
522 C CB  . VAL A 69  ? 0.3434 0.3169 0.3696 0.0751  0.0065  -0.0159 69  VAL A CB  
523 C CG1 . VAL A 69  ? 0.3343 0.3101 0.3631 0.0786  0.0048  -0.0187 69  VAL A CG1 
524 C CG2 . VAL A 69  ? 0.3700 0.3511 0.3927 0.0762  0.0039  -0.0126 69  VAL A CG2 
525 N N   . THR A 70  ? 0.3375 0.2867 0.3598 0.0756  0.0130  -0.0173 70  THR A N   
526 C CA  . THR A 70  ? 0.3917 0.3334 0.4173 0.0746  0.0155  -0.0206 70  THR A CA  
527 C C   . THR A 70  ? 0.3847 0.3303 0.4140 0.0779  0.0132  -0.0239 70  THR A C   
528 O O   . THR A 70  ? 0.3746 0.3286 0.4035 0.0810  0.0096  -0.0233 70  THR A O   
529 C CB  . THR A 70  ? 0.4009 0.3311 0.4206 0.0746  0.0184  -0.0183 70  THR A CB  
530 O OG1 . THR A 70  ? 0.4290 0.3594 0.4435 0.0793  0.0161  -0.0160 70  THR A OG1 
531 C CG2 . THR A 70  ? 0.3664 0.2932 0.3821 0.0715  0.0206  -0.0148 70  THR A CG2 
532 N N   . GLY A 71  ? 0.3929 0.3323 0.4260 0.0771  0.0152  -0.0274 71  GLY A N   
533 C CA  . GLY A 71  ? 0.4065 0.3485 0.4435 0.0801  0.0134  -0.0311 71  GLY A CA  
534 C C   . GLY A 71  ? 0.4094 0.3620 0.4535 0.0802  0.0110  -0.0347 71  GLY A C   
535 O O   . GLY A 71  ? 0.4035 0.3615 0.4497 0.0836  0.0083  -0.0367 71  GLY A O   
536 N N   . LEU A 72  ? 0.2780 0.2333 0.3255 0.0766  0.0120  -0.0356 72  LEU A N   
537 C CA  . LEU A 72  ? 0.2983 0.2633 0.3522 0.0766  0.0099  -0.0390 72  LEU A CA  
538 C C   . LEU A 72  ? 0.3949 0.3580 0.4560 0.0755  0.0113  -0.0448 72  LEU A C   
539 O O   . LEU A 72  ? 0.3440 0.2979 0.4054 0.0732  0.0147  -0.0459 72  LEU A O   
540 C CB  . LEU A 72  ? 0.2284 0.1970 0.2828 0.0733  0.0102  -0.0376 72  LEU A CB  
541 C CG  . LEU A 72  ? 0.2937 0.2644 0.3416 0.0739  0.0088  -0.0323 72  LEU A CG  
542 C CD1 . LEU A 72  ? 0.2435 0.2172 0.2926 0.0705  0.0094  -0.0315 72  LEU A CD1 
543 C CD2 . LEU A 72  ? 0.3001 0.2796 0.3465 0.0780  0.0048  -0.0311 72  LEU A CD2 
544 N N   . LYS A 73  ? 0.4067 0.3786 0.4734 0.0769  0.0089  -0.0483 73  LYS A N   
545 C CA  . LYS A 73  ? 0.3192 0.2911 0.3935 0.0760  0.0099  -0.0542 73  LYS A CA  
546 C C   . LYS A 73  ? 0.3663 0.3382 0.4447 0.0717  0.0121  -0.0563 73  LYS A C   
547 O O   . LYS A 73  ? 0.3915 0.3699 0.4702 0.0710  0.0105  -0.0552 73  LYS A O   
548 C CB  . LYS A 73  ? 0.3516 0.3339 0.4304 0.0794  0.0063  -0.0574 73  LYS A CB  
549 C CG  . LYS A 73  ? 0.4665 0.4503 0.5429 0.0840  0.0039  -0.0567 73  LYS A CG  
550 N N   . PRO A 74  ? 0.3135 0.2778 0.3949 0.0686  0.0157  -0.0594 74  PRO A N   
551 C CA  . PRO A 74  ? 0.2803 0.2447 0.3665 0.0646  0.0179  -0.0624 74  PRO A CA  
552 C C   . PRO A 74  ? 0.3193 0.2945 0.4118 0.0655  0.0152  -0.0661 74  PRO A C   
553 O O   . PRO A 74  ? 0.4027 0.3837 0.4976 0.0689  0.0126  -0.0683 74  PRO A O   
554 C CB  . PRO A 74  ? 0.3496 0.3058 0.4393 0.0625  0.0215  -0.0664 74  PRO A CB  
555 C CG  . PRO A 74  ? 0.3802 0.3285 0.4639 0.0641  0.0222  -0.0629 74  PRO A CG  
556 C CD  . PRO A 74  ? 0.4190 0.3740 0.4993 0.0689  0.0180  -0.0601 74  PRO A CD  
557 N N   . GLY A 75  ? 0.2397 0.2170 0.3341 0.0625  0.0160  -0.0667 75  GLY A N   
558 C CA  . GLY A 75  ? 0.2883 0.2746 0.3885 0.0629  0.0139  -0.0704 75  GLY A CA  
559 C C   . GLY A 75  ? 0.3399 0.3357 0.4389 0.0667  0.0096  -0.0686 75  GLY A C   
560 O O   . GLY A 75  ? 0.2977 0.3010 0.4017 0.0685  0.0075  -0.0723 75  GLY A O   
561 N N   . THR A 76  ? 0.3015 0.2975 0.3940 0.0680  0.0082  -0.0630 76  THR A N   
562 C CA  . THR A 76  ? 0.2151 0.2197 0.3058 0.0717  0.0042  -0.0610 76  THR A CA  
563 C C   . THR A 76  ? 0.2013 0.2101 0.2887 0.0709  0.0026  -0.0569 76  THR A C   
564 O O   . THR A 76  ? 0.2221 0.2256 0.3052 0.0685  0.0044  -0.0535 76  THR A O   
565 C CB  . THR A 76  ? 0.2656 0.2680 0.3514 0.0747  0.0032  -0.0581 76  THR A CB  
566 O OG1 . THR A 76  ? 0.3335 0.3327 0.4228 0.0759  0.0042  -0.0622 76  THR A OG1 
567 C CG2 . THR A 76  ? 0.2712 0.2830 0.3550 0.0782  -0.0008 -0.0558 76  THR A CG2 
568 N N   . GLU A 77  ? 0.2031 0.2210 0.2921 0.0729  -0.0006 -0.0573 77  GLU A N   
569 C CA  . GLU A 77  ? 0.2050 0.2270 0.2909 0.0722  -0.0022 -0.0535 77  GLU A CA  
570 C C   . GLU A 77  ? 0.2724 0.2959 0.3520 0.0743  -0.0039 -0.0483 77  GLU A C   
571 O O   . GLU A 77  ? 0.2081 0.2365 0.2872 0.0777  -0.0063 -0.0484 77  GLU A O   
572 C CB  . GLU A 77  ? 0.2673 0.2983 0.3571 0.0735  -0.0049 -0.0557 77  GLU A CB  
573 C CG  . GLU A 77  ? 0.2335 0.2645 0.3296 0.0716  -0.0036 -0.0608 77  GLU A CG  
574 C CD  . GLU A 77  ? 0.3020 0.3320 0.3976 0.0685  -0.0028 -0.0594 77  GLU A CD  
575 O OE1 . GLU A 77  ? 0.2520 0.2816 0.3424 0.0680  -0.0035 -0.0546 77  GLU A OE1 
576 O OE2 . GLU A 77  ? 0.3878 0.4174 0.4880 0.0668  -0.0016 -0.0635 77  GLU A OE2 
577 N N   . TYR A 78  ? 0.2098 0.2292 0.2844 0.0723  -0.0028 -0.0441 78  TYR A N   
578 C CA  . TYR A 78  ? 0.2001 0.2207 0.2684 0.0740  -0.0043 -0.0393 78  TYR A CA  
579 C C   . TYR A 78  ? 0.2308 0.2558 0.2965 0.0728  -0.0057 -0.0359 78  TYR A C   
580 O O   . TYR A 78  ? 0.1986 0.2230 0.2662 0.0702  -0.0049 -0.0364 78  TYR A O   
581 C CB  . TYR A 78  ? 0.2003 0.2118 0.2642 0.0730  -0.0015 -0.0370 78  TYR A CB  
582 C CG  . TYR A 78  ? 0.2440 0.2512 0.3084 0.0749  -0.0007 -0.0391 78  TYR A CG  
583 C CD1 . TYR A 78  ? 0.2612 0.2712 0.3229 0.0786  -0.0027 -0.0378 78  TYR A CD1 
584 C CD2 . TYR A 78  ? 0.2200 0.2197 0.2876 0.0729  0.0025  -0.0423 78  TYR A CD2 
585 C CE1 . TYR A 78  ? 0.3001 0.3059 0.3622 0.0804  -0.0020 -0.0397 78  TYR A CE1 
586 C CE2 . TYR A 78  ? 0.2149 0.2099 0.2828 0.0746  0.0034  -0.0441 78  TYR A CE2 
587 C CZ  . TYR A 78  ? 0.2890 0.2871 0.3542 0.0785  0.0011  -0.0428 78  TYR A CZ  
588 O OH  . TYR A 78  ? 0.3419 0.3353 0.4070 0.0806  0.0016  -0.0444 78  TYR A OH  
589 N N   . GLU A 79  ? 0.2101 0.2395 0.2716 0.0749  -0.0078 -0.0323 79  GLU A N   
590 C CA  . GLU A 79  ? 0.1945 0.2275 0.2527 0.0739  -0.0092 -0.0286 79  GLU A CA  
591 C C   . GLU A 79  ? 0.2242 0.2538 0.2761 0.0741  -0.0086 -0.0244 79  GLU A C   
592 O O   . GLU A 79  ? 0.1817 0.2109 0.2317 0.0767  -0.0090 -0.0242 79  GLU A O   
593 C CB  . GLU A 79  ? 0.3046 0.3472 0.3637 0.0764  -0.0126 -0.0286 79  GLU A CB  
594 C CG  . GLU A 79  ? 0.3764 0.4236 0.4328 0.0755  -0.0142 -0.0251 79  GLU A CG  
595 C CD  . GLU A 79  ? 0.3225 0.3792 0.3798 0.0780  -0.0173 -0.0252 79  GLU A CD  
596 O OE1 . GLU A 79  ? 0.3204 0.3805 0.3795 0.0810  -0.0185 -0.0275 79  GLU A OE1 
597 O OE2 . GLU A 79  ? 0.3222 0.3826 0.3782 0.0770  -0.0186 -0.0229 79  GLU A OE2 
598 N N   . PHE A 80  ? 0.1434 0.1706 0.1919 0.0715  -0.0076 -0.0214 80  PHE A N   
599 C CA  . PHE A 80  ? 0.1755 0.2000 0.2180 0.0719  -0.0071 -0.0174 80  PHE A CA  
600 C C   . PHE A 80  ? 0.2759 0.3059 0.3155 0.0711  -0.0088 -0.0140 80  PHE A C   
601 O O   . PHE A 80  ? 0.2160 0.2480 0.2580 0.0690  -0.0092 -0.0143 80  PHE A O   
602 C CB  . PHE A 80  ? 0.1585 0.1739 0.1993 0.0693  -0.0037 -0.0168 80  PHE A CB  
603 C CG  . PHE A 80  ? 0.2351 0.2439 0.2772 0.0700  -0.0017 -0.0193 80  PHE A CG  
604 C CD1 . PHE A 80  ? 0.2798 0.2874 0.3277 0.0692  -0.0008 -0.0237 80  PHE A CD1 
605 C CD2 . PHE A 80  ? 0.2134 0.2170 0.2508 0.0715  -0.0007 -0.0174 80  PHE A CD2 
606 C CE1 . PHE A 80  ? 0.2833 0.2845 0.3326 0.0696  0.0013  -0.0261 80  PHE A CE1 
607 C CE2 . PHE A 80  ? 0.2513 0.2481 0.2896 0.0721  0.0013  -0.0196 80  PHE A CE2 
608 C CZ  . PHE A 80  ? 0.3102 0.3059 0.3547 0.0710  0.0022  -0.0240 80  PHE A CZ  
609 N N   . ARG A 81  ? 0.2108 0.2436 0.2458 0.0728  -0.0101 -0.0109 81  ARG A N   
610 C CA  . ARG A 81  ? 0.1928 0.2295 0.2248 0.0715  -0.0112 -0.0076 81  ARG A CA  
611 C C   . ARG A 81  ? 0.2760 0.3108 0.3021 0.0721  -0.0106 -0.0044 81  ARG A C   
612 O O   . ARG A 81  ? 0.3043 0.3376 0.3283 0.0747  -0.0107 -0.0044 81  ARG A O   
613 C CB  . ARG A 81  ? 0.2729 0.3190 0.3061 0.0728  -0.0141 -0.0073 81  ARG A CB  
614 C CG  . ARG A 81  ? 0.3626 0.4142 0.3934 0.0760  -0.0162 -0.0064 81  ARG A CG  
615 C CD  . ARG A 81  ? 0.4157 0.4761 0.4483 0.0766  -0.0188 -0.0064 81  ARG A CD  
616 N N   . VAL A 82  ? 0.1701 0.2042 0.1937 0.0697  -0.0101 -0.0019 82  VAL A N   
617 C CA  . VAL A 82  ? 0.2039 0.2364 0.2220 0.0701  -0.0096 0.0011  82  VAL A CA  
618 C C   . VAL A 82  ? 0.2844 0.3243 0.3002 0.0696  -0.0116 0.0039  82  VAL A C   
619 O O   . VAL A 82  ? 0.2149 0.2569 0.2326 0.0672  -0.0120 0.0041  82  VAL A O   
620 C CB  . VAL A 82  ? 0.2647 0.2893 0.2814 0.0675  -0.0067 0.0018  82  VAL A CB  
621 C CG1 . VAL A 82  ? 0.2695 0.2925 0.2802 0.0685  -0.0063 0.0047  82  VAL A CG1 
622 C CG2 . VAL A 82  ? 0.2343 0.2516 0.2537 0.0674  -0.0044 -0.0011 82  VAL A CG2 
623 N N   . ARG A 83  ? 0.2312 0.2746 0.2430 0.0721  -0.0128 0.0056  83  ARG A N   
624 C CA  . ARG A 83  ? 0.2440 0.2945 0.2531 0.0719  -0.0147 0.0082  83  ARG A CA  
625 C C   . ARG A 83  ? 0.2582 0.3065 0.2619 0.0722  -0.0137 0.0105  83  ARG A C   
626 O O   . ARG A 83  ? 0.2433 0.2882 0.2444 0.0747  -0.0132 0.0105  83  ARG A O   
627 C CB  . ARG A 83  ? 0.2685 0.3271 0.2778 0.0747  -0.0172 0.0078  83  ARG A CB  
628 C CG  . ARG A 83  ? 0.2949 0.3561 0.3092 0.0751  -0.0183 0.0053  83  ARG A CG  
629 C CD  . ARG A 83  ? 0.4491 0.5185 0.4633 0.0781  -0.0208 0.0049  83  ARG A CD  
630 N NE  . ARG A 83  ? 0.6091 0.6860 0.6220 0.0769  -0.0223 0.0071  83  ARG A NE  
631 C CZ  . ARG A 83  ? 0.6421 0.7259 0.6569 0.0773  -0.0242 0.0068  83  ARG A CZ  
632 N NH1 . ARG A 83  ? 0.6212 0.7060 0.6396 0.0790  -0.0249 0.0041  83  ARG A NH1 
633 N NH2 . ARG A 83  ? 0.6602 0.7500 0.6735 0.0758  -0.0254 0.0090  83  ARG A NH2 
634 N N   . ALA A 84  ? 0.1848 0.2352 0.1869 0.0699  -0.0138 0.0126  84  ALA A N   
635 C CA  . ALA A 84  ? 0.2238 0.2737 0.2209 0.0703  -0.0132 0.0148  84  ALA A CA  
636 C C   . ALA A 84  ? 0.2568 0.3149 0.2512 0.0729  -0.0155 0.0159  84  ALA A C   
637 O O   . ALA A 84  ? 0.2715 0.3363 0.2678 0.0727  -0.0174 0.0156  84  ALA A O   
638 C CB  . ALA A 84  ? 0.2583 0.3071 0.2548 0.0668  -0.0122 0.0162  84  ALA A CB  
639 N N   . VAL A 85  ? 0.2365 0.2937 0.2262 0.0753  -0.0155 0.0169  85  VAL A N   
640 C CA  . VAL A 85  ? 0.2633 0.3285 0.2502 0.0779  -0.0176 0.0177  85  VAL A CA  
641 C C   . VAL A 85  ? 0.2553 0.3220 0.2377 0.0773  -0.0173 0.0199  85  VAL A C   
642 O O   . VAL A 85  ? 0.3048 0.3653 0.2854 0.0764  -0.0153 0.0207  85  VAL A O   
643 C CB  . VAL A 85  ? 0.3279 0.3917 0.3133 0.0822  -0.0181 0.0165  85  VAL A CB  
644 C CG1 . VAL A 85  ? 0.3642 0.4363 0.3465 0.0852  -0.0204 0.0171  85  VAL A CG1 
645 C CG2 . VAL A 85  ? 0.3033 0.3661 0.2936 0.0828  -0.0185 0.0141  85  VAL A CG2 
646 N N   . ASN A 86  ? 0.3156 0.3703 0.3439 0.0388  -0.0181 0.0631  86  ASN A N   
647 C CA  . ASN A 86  ? 0.3005 0.3569 0.3237 0.0401  -0.0148 0.0644  86  ASN A CA  
648 C C   . ASN A 86  ? 0.3173 0.3802 0.3278 0.0460  -0.0170 0.0734  86  ASN A C   
649 O O   . ASN A 86  ? 0.3062 0.3658 0.3076 0.0461  -0.0185 0.0725  86  ASN A O   
650 C CB  . ASN A 86  ? 0.2856 0.3482 0.3318 0.0356  -0.0158 0.0626  86  ASN A CB  
651 C CG  . ASN A 86  ? 0.2245 0.2991 0.2888 0.0358  -0.0234 0.0699  86  ASN A CG  
652 O OD1 . ASN A 86  ? 0.2764 0.3535 0.3322 0.0382  -0.0262 0.0747  86  ASN A OD1 
653 N ND2 . ASN A 86  ? 0.2787 0.3573 0.3655 0.0312  -0.0251 0.0670  86  ASN A ND2 
654 N N   . GLY A 87  ? 0.3540 0.4189 0.3632 0.0455  -0.0149 0.0733  87  GLY A N   
655 C CA  . GLY A 87  ? 0.2914 0.3550 0.2890 0.0451  -0.0138 0.0719  87  GLY A CA  
656 C C   . GLY A 87  ? 0.2936 0.3607 0.2981 0.0429  -0.0180 0.0727  87  GLY A C   
657 O O   . GLY A 87  ? 0.3374 0.4026 0.3326 0.0430  -0.0173 0.0713  87  GLY A O   
658 N N   . ALA A 88  ? 0.2921 0.3639 0.3135 0.0406  -0.0223 0.0743  88  ALA A N   
659 C CA  . ALA A 88  ? 0.2741 0.3481 0.3009 0.0384  -0.0262 0.0748  88  ALA A CA  
660 C C   . ALA A 88  ? 0.3439 0.4147 0.3668 0.0391  -0.0286 0.0744  88  ALA A C   
661 O O   . ALA A 88  ? 0.3366 0.4075 0.3581 0.0383  -0.0308 0.0746  88  ALA A O   
662 C CB  . ALA A 88  ? 0.2926 0.3723 0.3391 0.0351  -0.0293 0.0756  88  ALA A CB  
663 N N   . GLY A 89  ? 0.2688 0.3366 0.2897 0.0407  -0.0281 0.0742  89  GLY A N   
664 C CA  . GLY A 89  ? 0.2975 0.3616 0.3138 0.0414  -0.0303 0.0739  89  GLY A CA  
665 C C   . GLY A 89  ? 0.2776 0.3428 0.3063 0.0412  -0.0323 0.0744  89  GLY A C   
666 O O   . GLY A 89  ? 0.2600 0.3276 0.2991 0.0409  -0.0312 0.0746  89  GLY A O   
667 N N   . GLU A 90  ? 0.3062 0.3696 0.3359 0.0410  -0.0354 0.0744  90  GLU A N   
668 C CA  . GLU A 90  ? 0.3763 0.4408 0.4210 0.0400  -0.0377 0.0744  90  GLU A CA  
669 C C   . GLU A 90  ? 0.2607 0.3308 0.3289 0.0353  -0.0429 0.0736  90  GLU A C   
670 O O   . GLU A 90  ? 0.2961 0.3676 0.3636 0.0341  -0.0449 0.0740  90  GLU A O   
671 C CB  . GLU A 90  ? 0.4871 0.5454 0.5194 0.0421  -0.0377 0.0740  90  GLU A CB  
672 C CG  . GLU A 90  ? 0.5734 0.6309 0.6010 0.0416  -0.0410 0.0743  90  GLU A CG  
673 C CD  . GLU A 90  ? 0.6726 0.7232 0.6854 0.0441  -0.0403 0.0739  90  GLU A CD  
674 O OE1 . GLU A 90  ? 0.6491 0.6931 0.6421 0.0468  -0.0354 0.0725  90  GLU A OE1 
675 O OE2 . GLU A 90  ? 0.7741 0.8251 0.7949 0.0428  -0.0443 0.0743  90  GLU A OE2 
676 N N   . GLY A 91  ? 0.2091 0.2795 0.2966 0.0319  -0.0433 0.0699  91  GLY A N   
677 C CA  . GLY A 91  ? 0.1430 0.2182 0.2545 0.0273  -0.0481 0.0685  91  GLY A CA  
678 C C   . GLY A 91  ? 0.1887 0.2617 0.3073 0.0257  -0.0521 0.0670  91  GLY A C   
679 O O   . GLY A 91  ? 0.2335 0.3012 0.3368 0.0281  -0.0509 0.0671  91  GLY A O   
680 N N   . PRO A 92  ? 0.2112 0.2858 0.3478 0.0209  -0.0550 0.0636  92  PRO A N   
681 C CA  . PRO A 92  ? 0.2422 0.3146 0.3864 0.0189  -0.0587 0.0617  92  PRO A CA  
682 C C   . PRO A 92  ? 0.2182 0.2837 0.3663 0.0170  -0.0560 0.0540  92  PRO A C   
683 O O   . PRO A 92  ? 0.2084 0.2700 0.3575 0.0148  -0.0506 0.0473  92  PRO A O   
684 C CB  . PRO A 92  ? 0.2686 0.3420 0.4278 0.0140  -0.0608 0.0592  92  PRO A CB  
685 C CG  . PRO A 92  ? 0.2859 0.3621 0.4449 0.0135  -0.0583 0.0600  92  PRO A CG  
686 C CD  . PRO A 92  ? 0.2148 0.2919 0.3644 0.0171  -0.0547 0.0611  92  PRO A CD  
687 N N   . PRO A 93  ? 0.2097 0.2709 0.3541 0.0168  -0.0576 0.0526  93  PRO A N   
688 C CA  . PRO A 93  ? 0.2342 0.2850 0.3735 0.0141  -0.0523 0.0431  93  PRO A CA  
689 C C   . PRO A 93  ? 0.2487 0.2994 0.4121 0.0084  -0.0538 0.0354  93  PRO A C   
690 O O   . PRO A 93  ? 0.2456 0.3036 0.4289 0.0068  -0.0603 0.0382  93  PRO A O   
691 C CB  . PRO A 93  ? 0.2792 0.3269 0.4057 0.0167  -0.0544 0.0460  93  PRO A CB  
692 C CG  . PRO A 93  ? 0.3228 0.3796 0.4605 0.0178  -0.0628 0.0546  93  PRO A CG  
693 C CD  . PRO A 93  ? 0.3006 0.3660 0.4464 0.0186  -0.0647 0.0597  93  PRO A CD  
694 N N   . SER A 94  ? 0.1969 0.2392 0.3575 0.0052  -0.0480 0.0257  94  SER A N   
695 C CA  . SER A 94  ? 0.2155 0.2559 0.3944 0.0001  -0.0489 0.0176  94  SER A CA  
696 C C   . SER A 94  ? 0.1876 0.2189 0.3524 0.0000  -0.0462 0.0136  94  SER A C   
697 O O   . SER A 94  ? 0.1741 0.1988 0.3171 0.0022  -0.0410 0.0130  94  SER A O   
698 C CB  . SER A 94  ? 0.2821 0.3207 0.4712 -0.0043 -0.0437 0.0088  94  SER A CB  
699 O OG  . SER A 94  ? 0.3433 0.3804 0.5502 -0.0093 -0.0446 0.0007  94  SER A OG  
700 N N   . SER A 95  ? 0.1801 0.2112 0.3577 -0.0024 -0.0504 0.0113  95  SER A N   
701 C CA  . SER A 95  ? 0.1752 0.1989 0.3401 -0.0020 -0.0495 0.0091  95  SER A CA  
702 C C   . SER A 95  ? 0.2619 0.2808 0.4399 -0.0075 -0.0480 -0.0014 95  SER A C   
703 O O   . SER A 95  ? 0.2561 0.2797 0.4571 -0.0111 -0.0507 -0.0048 95  SER A O   
704 C CB  . SER A 95  ? 0.2351 0.2632 0.3990 0.0012  -0.0567 0.0180  95  SER A CB  
705 O OG  . SER A 95  ? 0.3128 0.3462 0.4662 0.0060  -0.0586 0.0276  95  SER A OG  
706 N N   . VAL A 96  ? 0.1757 0.1853 0.3386 -0.0080 -0.0437 -0.0063 96  VAL A N   
707 C CA  . VAL A 96  ? 0.2001 0.2049 0.3732 -0.0130 -0.0422 -0.0161 96  VAL A CA  
708 C C   . VAL A 96  ? 0.2067 0.2048 0.3650 -0.0115 -0.0426 -0.0154 96  VAL A C   
709 O O   . VAL A 96  ? 0.2256 0.2207 0.3616 -0.0069 -0.0416 -0.0095 96  VAL A O   
710 C CB  . VAL A 96  ? 0.2190 0.2174 0.3890 -0.0169 -0.0338 -0.0263 96  VAL A CB  
711 C CG1 . VAL A 96  ? 0.2510 0.2559 0.4380 -0.0191 -0.0335 -0.0279 96  VAL A CG1 
712 C CG2 . VAL A 96  ? 0.2534 0.2434 0.3935 -0.0141 -0.0272 -0.0255 96  VAL A CG2 
713 N N   . SER A 97  ? 0.1512 0.1474 0.3224 -0.0153 -0.0443 -0.0215 97  SER A N   
714 C CA  . SER A 97  ? 0.1603 0.1496 0.3191 -0.0147 -0.0444 -0.0223 97  SER A CA  
715 C C   . SER A 97  ? 0.1968 0.1765 0.3489 -0.0189 -0.0370 -0.0334 97  SER A C   
716 O O   . SER A 97  ? 0.2141 0.1943 0.3808 -0.0236 -0.0344 -0.0415 97  SER A O   
717 C CB  . SER A 97  ? 0.1752 0.1691 0.3529 -0.0160 -0.0522 -0.0207 97  SER A CB  
718 O OG  . SER A 97  ? 0.1498 0.1526 0.3344 -0.0127 -0.0594 -0.0105 97  SER A OG  
719 N N   . VAL A 98  ? 0.2379 0.2090 0.3678 -0.0172 -0.0339 -0.0337 98  VAL A N   
720 C CA  . VAL A 98  ? 0.1931 0.1545 0.3138 -0.0209 -0.0270 -0.0434 98  VAL A CA  
721 C C   . VAL A 98  ? 0.2797 0.2347 0.3878 -0.0199 -0.0281 -0.0431 98  VAL A C   
722 O O   . VAL A 98  ? 0.3948 0.3511 0.4925 -0.0151 -0.0320 -0.0345 98  VAL A O   
723 C CB  . VAL A 98  ? 0.3991 0.3542 0.4980 -0.0198 -0.0196 -0.0448 98  VAL A CB  
724 C CG1 . VAL A 98  ? 0.4534 0.3975 0.5397 -0.0234 -0.0129 -0.0540 98  VAL A CG1 
725 C CG2 . VAL A 98  ? 0.3338 0.2940 0.4446 -0.0216 -0.0178 -0.0466 98  VAL A CG2 
726 N N   . THR A 99  ? 0.2632 0.2116 0.3725 -0.0244 -0.0246 -0.0523 99  THR A N   
727 C CA  . THR A 99  ? 0.2003 0.1402 0.2915 -0.0234 -0.0235 -0.0527 99  THR A CA  
728 C C   . THR A 99  ? 0.3566 0.2862 0.4317 -0.0263 -0.0152 -0.0610 99  THR A C   
729 O O   . THR A 99  ? 0.3019 0.2308 0.3866 -0.0313 -0.0110 -0.0693 99  THR A O   
730 C CB  . THR A 99  ? 0.3670 0.3080 0.4735 -0.0260 -0.0284 -0.0553 99  THR A CB  
731 O OG1 . THR A 99  ? 0.3624 0.2955 0.4496 -0.0242 -0.0276 -0.0543 99  THR A OG1 
732 C CG2 . THR A 99  ? 0.4157 0.3555 0.5390 -0.0327 -0.0256 -0.0666 99  THR A CG2 
733 N N   . THR A 100 ? 0.2792 0.2007 0.3285 -0.0231 -0.0126 -0.0585 100 THR A N   
734 C CA  . THR A 100 ? 0.3125 0.2228 0.3446 -0.0259 -0.0054 -0.0661 100 THR A CA  
735 C C   . THR A 100 ? 0.3883 0.2936 0.4233 -0.0295 -0.0058 -0.0721 100 THR A C   
736 O O   . THR A 100 ? 0.4094 0.3205 0.4644 -0.0310 -0.0109 -0.0723 100 THR A O   
737 C CB  . THR A 100 ? 0.2981 0.2014 0.3008 -0.0208 -0.0026 -0.0609 100 THR A CB  
738 O OG1 . THR A 100 ? 0.3096 0.2146 0.3056 -0.0157 -0.0080 -0.0528 100 THR A OG1 
739 C CG2 . THR A 100 ? 0.2922 0.1992 0.2905 -0.0179 -0.0011 -0.0566 100 THR A CG2 
740 O OXT . THR A 100 ? 0.4378 0.3330 0.4555 -0.0310 -0.0011 -0.0767 100 THR A OXT 
# 
loop_
_pdbx_poly_seq_scheme.asym_id 
_pdbx_poly_seq_scheme.entity_id 
_pdbx_poly_seq_scheme.seq_id 
_pdbx_poly_seq_scheme.mon_id 
_pdbx_poly_seq_scheme.ndb_seq_num 
_pdbx_poly_seq_scheme.pdb_seq_num 
_pdbx_poly_seq_scheme.auth_seq_num 
_pdbx_poly_seq_scheme.pdb_mon_id 
_pdbx_poly_seq_scheme.auth_mon_id 
_pdbx_poly_seq_scheme.pdb_strand_id 
_pdbx_poly_seq_scheme.pdb_ins_code 
_pdbx_poly_seq_scheme.hetero 
A 1 1   MET 1   1   1   MET MET A . n 
A 1 2   HIS 2   2   2   HIS HIS A . n 
A 1 3   HIS 3   3   3   HIS HIS A . n 
A 1 4   HIS 4   4   4   HIS HIS A . n 
A 1 5   HIS 5   5   5   HIS HIS A . n 
A 1 6   HIS 6   6   6   HIS HIS A . n 
A 1 7   HIS 7   7   7   HIS HIS A . n 
A 1 8   LEU 8   8   8   LEU LEU A . n 
A 1 9   VAL 9   9   9   VAL VAL A . n 
A 1 10  PRO 10  10  10  PRO PRO A . n 
A 1 11  ARG 11  11  11  ARG ARG A . n 
A 1 12  GLY 12  12  12  GLY GLY A . n 
A 1 13  SER 13  13  13  SER SER A . n 
A 1 14  PRO 14  14  14  PRO PRO A . n 
A 1 15  SER 15  15  15  SER SER A . n 
A 1 16  PRO 16  16  16  PRO PRO A . n 
A 1 17  PRO 17  17  17  PRO PRO A . n 
A 1 18  GLY 18  18  18  GLY GLY A . n 
A 1 19  ASN 19  19  19  ASN ASN A . n 
A 1 20  LEU 20  20  20  LEU LEU A . n 
A 1 21  ARG 21  21  21  ARG ARG A . n 
A 1 22  VAL 22  22  22  VAL VAL A . n 
A 1 23  THR 23  23  23  THR THR A . n 
A 1 24  ASP 24  24  24  ASP ASP A . n 
A 1 25  VAL 25  25  25  VAL VAL A . n 
A 1 26  THR 26  26  26  THR THR A . n 
A 1 27  SER 27  27  27  SER SER A . n 
A 1 28  THR 28  28  28  THR THR A . n 
A 1 29  SER 29  29  29  SER SER A . n 
A 1 30  VAL 30  30  30  VAL VAL A . n 
A 1 31  THR 31  31  31  THR THR A . n 
A 1 32  LEU 32  32  32  LEU LEU A . n 
A 1 33  SER 33  33  33  SER SER A . n 
A 1 34  TRP 34  34  34  TRP TRP A . n 
A 1 35  GLU 35  35  35  GLU GLU A . n 
A 1 36  PRO 36  36  36  PRO PRO A . n 
A 1 37  PRO 37  37  37  PRO PRO A . n 
A 1 38  PRO 38  38  38  PRO PRO A . n 
A 1 39  GLY 39  39  39  GLY GLY A . n 
A 1 40  PRO 40  40  40  PRO PRO A . n 
A 1 41  ILE 41  41  41  ILE ILE A . n 
A 1 42  THR 42  42  42  THR THR A . n 
A 1 43  GLY 43  43  43  GLY GLY A . n 
A 1 44  TYR 44  44  44  TYR TYR A . n 
A 1 45  ARG 45  45  45  ARG ARG A . n 
A 1 46  VAL 46  46  46  VAL VAL A . n 
A 1 47  GLU 47  47  47  GLU GLU A . n 
A 1 48  TYR 48  48  48  TYR TYR A . n 
A 1 49  ARG 49  49  49  ARG ARG A . n 
A 1 50  GLU 50  50  50  GLU GLU A . n 
A 1 51  ALA 51  51  51  ALA ALA A . n 
A 1 52  GLY 52  52  52  GLY GLY A . n 
A 1 53  GLY 53  53  53  GLY GLY A . n 
A 1 54  GLU 54  54  54  GLU GLU A . n 
A 1 55  TRP 55  55  55  TRP TRP A . n 
A 1 56  LYS 56  56  56  LYS LYS A . n 
A 1 57  GLU 57  57  57  GLU GLU A . n 
A 1 58  VAL 58  58  58  VAL VAL A . n 
A 1 59  THR 59  59  59  THR THR A . n 
A 1 60  VAL 60  60  60  VAL VAL A . n 
A 1 61  PRO 61  61  61  PRO PRO A . n 
A 1 62  GLY 62  62  62  GLY GLY A . n 
A 1 63  SER 63  63  63  SER SER A . n 
A 1 64  GLU 64  64  64  GLU GLU A . n 
A 1 65  THR 65  65  65  THR THR A . n 
A 1 66  SER 66  66  66  SER SER A . n 
A 1 67  TYR 67  67  67  TYR TYR A . n 
A 1 68  THR 68  68  68  THR THR A . n 
A 1 69  VAL 69  69  69  VAL VAL A . n 
A 1 70  THR 70  70  70  THR THR A . n 
A 1 71  GLY 71  71  71  GLY GLY A . n 
A 1 72  LEU 72  72  72  LEU LEU A . n 
A 1 73  LYS 73  73  73  LYS LYS A . n 
A 1 74  PRO 74  74  74  PRO PRO A . n 
A 1 75  GLY 75  75  75  GLY GLY A . n 
A 1 76  THR 76  76  76  THR THR A . n 
A 1 77  GLU 77  77  77  GLU GLU A . n 
A 1 78  TYR 78  78  78  TYR TYR A . n 
A 1 79  GLU 79  79  79  GLU GLU A . n 
A 1 80  PHE 80  80  80  PHE PHE A . n 
A 1 81  ARG 81  81  81  ARG ARG A . n 
A 1 82  VAL 82  82  82  VAL VAL A . n 
A 1 83  ARG 83  83  83  ARG ARG A . n 
A 1 84  ALA 84  84  84  ALA ALA A . n 
A 1 85  VAL 85  85  85  VAL VAL A . n 
A 1 86  ASN 86  86  86  ASN ASN A . n 
A 1 87  GLY 87  87  87  GLY GLY A . n 
A 1 88  ALA 88  88  88  ALA ALA A . n 
A 1 89  GLY 89  89  89  GLY GLY A . n 
A 1 90  GLU 90  90  90  GLU GLU A . n 
A 1 91  GLY 91  91  91  GLY GLY A . n 
A 1 92  PRO 92  92  92  PRO PRO A . n 
A 1 93  PRO 93  93  93  PRO PRO A . n 
A 1 94  SER 94  94  94  SER SER A . n 
A 1 95  SER 95  95  95  SER SER A . n 
A 1 96  VAL 96  96  96  VAL VAL A . n 
A 1 97  SER 97  97  97  SER SER A . n 
A 1 98  VAL 98  98  98  VAL VAL A . n 
A 1 99  THR 99  99  99  THR THR A . n 
A 1 100 THR 100 100 100 THR THR A . n 
# 
loop_
_pdbx_nonpoly_scheme.asym_id 
_pdbx_nonpoly_scheme.entity_id 
_pdbx_nonpoly_scheme.mon_id 
_pdbx_nonpoly_scheme.ndb_seq_num 
_pdbx_nonpoly_scheme.pdb_seq_num 
_pdbx_nonpoly_scheme.auth_seq_num 
_pdbx_nonpoly_scheme.pdb_mon_id 
_pdbx_nonpoly_scheme.auth_mon_id 
_pdbx_nonpoly_scheme.pdb_strand_id 
_pdbx_nonpoly_scheme.pdb_ins_code 
B 2 HOH 1  201 5  HOH HOH A . 
B 2 HOH 2  202 16 HOH HOH A . 
B 2 HOH 3  203 1  HOH HOH A . 
B 2 HOH 4  204 4  HOH HOH A . 
B 2 HOH 5  205 26 HOH HOH A . 
B 2 HOH 6  206 17 HOH HOH A . 
B 2 HOH 7  207 3  HOH HOH A . 
B 2 HOH 8  208 13 HOH HOH A . 
B 2 HOH 9  209 34 HOH HOH A . 
B 2 HOH 10 210 58 HOH HOH A . 
B 2 HOH 11 211 42 HOH HOH A . 
B 2 HOH 12 212 32 HOH HOH A . 
B 2 HOH 13 213 48 HOH HOH A . 
B 2 HOH 14 214 50 HOH HOH A . 
B 2 HOH 15 215 35 HOH HOH A . 
B 2 HOH 16 216 25 HOH HOH A . 
B 2 HOH 17 217 37 HOH HOH A . 
B 2 HOH 18 218 9  HOH HOH A . 
B 2 HOH 19 219 31 HOH HOH A . 
B 2 HOH 20 220 41 HOH HOH A . 
B 2 HOH 21 221 40 HOH HOH A . 
B 2 HOH 22 222 36 HOH HOH A . 
B 2 HOH 23 223 51 HOH HOH A . 
B 2 HOH 24 224 27 HOH HOH A . 
B 2 HOH 25 225 46 HOH HOH A . 
B 2 HOH 26 226 60 HOH HOH A . 
B 2 HOH 27 227 52 HOH HOH A . 
B 2 HOH 28 228 45 HOH HOH A . 
B 2 HOH 29 229 33 HOH HOH A . 
B 2 HOH 30 230 55 HOH HOH A . 
B 2 HOH 31 231 21 HOH HOH A . 
B 2 HOH 32 232 28 HOH HOH A . 
B 2 HOH 33 233 30 HOH HOH A . 
B 2 HOH 34 234 29 HOH HOH A . 
B 2 HOH 35 235 53 HOH HOH A . 
B 2 HOH 36 236 38 HOH HOH A . 
B 2 HOH 37 237 39 HOH HOH A . 
B 2 HOH 38 238 56 HOH HOH A . 
B 2 HOH 39 239 2  HOH HOH A . 
B 2 HOH 40 240 6  HOH HOH A . 
B 2 HOH 41 241 7  HOH HOH A . 
B 2 HOH 42 242 8  HOH HOH A . 
B 2 HOH 43 243 10 HOH HOH A . 
B 2 HOH 44 244 11 HOH HOH A . 
B 2 HOH 45 245 12 HOH HOH A . 
B 2 HOH 46 246 14 HOH HOH A . 
B 2 HOH 47 247 15 HOH HOH A . 
B 2 HOH 48 248 18 HOH HOH A . 
B 2 HOH 49 249 19 HOH HOH A . 
B 2 HOH 50 250 20 HOH HOH A . 
B 2 HOH 51 251 22 HOH HOH A . 
B 2 HOH 52 252 23 HOH HOH A . 
B 2 HOH 53 253 24 HOH HOH A . 
B 2 HOH 54 254 43 HOH HOH A . 
B 2 HOH 55 255 44 HOH HOH A . 
B 2 HOH 56 256 47 HOH HOH A . 
B 2 HOH 57 257 49 HOH HOH A . 
B 2 HOH 58 258 54 HOH HOH A . 
B 2 HOH 59 259 57 HOH HOH A . 
B 2 HOH 60 260 59 HOH HOH A . 
B 2 HOH 61 261 61 HOH HOH A . 
# 
_pdbx_struct_assembly.id                   1 
_pdbx_struct_assembly.details              author_and_software_defined_assembly 
_pdbx_struct_assembly.method_details       PISA 
_pdbx_struct_assembly.oligomeric_details   monomeric 
_pdbx_struct_assembly.oligomeric_count     1 
# 
_pdbx_struct_assembly_gen.assembly_id       1 
_pdbx_struct_assembly_gen.oper_expression   1 
_pdbx_struct_assembly_gen.asym_id_list      A,B 
# 
loop_
_pdbx_struct_assembly_prop.biol_id 
_pdbx_struct_assembly_prop.type 
_pdbx_struct_assembly_prop.value 
_pdbx_struct_assembly_prop.details 
1 'ABSA (A^2)' 0    ? 
1 MORE         0    ? 
1 'SSA (A^2)'  5720 ? 
# 
_pdbx_struct_oper_list.id                   1 
_pdbx_struct_oper_list.type                 'identity operation' 
_pdbx_struct_oper_list.name                 1_555 
_pdbx_struct_oper_list.symmetry_operation   x,y,z 
_pdbx_struct_oper_list.matrix[1][1]         1.0000000000 
_pdbx_struct_oper_list.matrix[1][2]         0.0000000000 
_pdbx_struct_oper_list.matrix[1][3]         0.0000000000 
_pdbx_struct_oper_list.vector[1]            0.0000000000 
_pdbx_struct_oper_list.matrix[2][1]         0.0000000000 
_pdbx_struct_oper_list.matrix[2][2]         1.0000000000 
_pdbx_struct_oper_list.matrix[2][3]         0.0000000000 
_pdbx_struct_oper_list.vector[2]            0.0000000000 
_pdbx_struct_oper_list.matrix[3][1]         0.0000000000 
_pdbx_struct_oper_list.matrix[3][2]         0.0000000000 
_pdbx_struct_oper_list.matrix[3][3]         1.0000000000 
_pdbx_struct_oper_list.vector[3]            0.0000000000 
# 
loop_
_pdbx_audit_revision_history.ordinal 
_pdbx_audit_revision_history.data_content_type 
_pdbx_audit_revision_history.major_revision 
_pdbx_audit_revision_history.minor_revision 
_pdbx_audit_revision_history.revision_date 
1 'Structure model' 1 0 2015-02-11 
2 'Structure model' 1 1 2015-03-04 
3 'Structure model' 1 2 2023-09-27 
# 
_pdbx_audit_revision_details.ordinal             1 
_pdbx_audit_revision_details.revision_ordinal    1 
_pdbx_audit_revision_details.data_content_type   'Structure model' 
_pdbx_audit_revision_details.provider            repository 
_pdbx_audit_revision_details.type                'Initial release' 
_pdbx_audit_revision_details.description         ? 
_pdbx_audit_revision_details.details             ? 
# 
loop_
_pdbx_audit_revision_group.ordinal 
_pdbx_audit_revision_group.revision_ordinal 
_pdbx_audit_revision_group.data_content_type 
_pdbx_audit_revision_group.group 
1 2 'Structure model' 'Database references'    
2 3 'Structure model' Advisory                 
3 3 'Structure model' 'Data collection'        
4 3 'Structure model' 'Database references'    
5 3 'Structure model' 'Derived calculations'   
6 3 'Structure model' Other                    
7 3 'Structure model' 'Refinement description' 
8 3 'Structure model' 'Source and taxonomy'    
9 3 'Structure model' 'Structure summary'      
# 
loop_
_pdbx_audit_revision_category.ordinal 
_pdbx_audit_revision_category.revision_ordinal 
_pdbx_audit_revision_category.data_content_type 
_pdbx_audit_revision_category.category 
1  3 'Structure model' chem_comp_atom                
2  3 'Structure model' chem_comp_bond                
3  3 'Structure model' database_2                    
4  3 'Structure model' diffrn_source                 
5  3 'Structure model' pdbx_database_status          
6  3 'Structure model' pdbx_entity_src_syn           
7  3 'Structure model' pdbx_initial_refinement_model 
8  3 'Structure model' pdbx_struct_assembly          
9  3 'Structure model' pdbx_struct_assembly_prop     
10 3 'Structure model' pdbx_struct_oper_list         
11 3 'Structure model' pdbx_validate_symm_contact    
12 3 'Structure model' refine_hist                   
13 3 'Structure model' struct_keywords               
# 
loop_
_pdbx_audit_revision_item.ordinal 
_pdbx_audit_revision_item.revision_ordinal 
_pdbx_audit_revision_item.data_content_type 
_pdbx_audit_revision_item.item 
1  3 'Structure model' '_database_2.pdbx_DOI'                        
2  3 'Structure model' '_database_2.pdbx_database_accession'         
3  3 'Structure model' '_diffrn_source.pdbx_synchrotron_site'        
4  3 'Structure model' '_pdbx_database_status.pdb_format_compatible' 
5  3 'Structure model' '_pdbx_entity_src_syn.pdbx_alt_source_flag'   
6  3 'Structure model' '_pdbx_struct_assembly.oligomeric_details'    
7  3 'Structure model' '_pdbx_struct_assembly_prop.type'             
8  3 'Structure model' '_pdbx_struct_assembly_prop.value'            
9  3 'Structure model' '_pdbx_struct_oper_list.symmetry_operation'   
10 3 'Structure model' '_pdbx_validate_symm_contact.auth_atom_id_1'  
11 3 'Structure model' '_pdbx_validate_symm_contact.auth_atom_id_2'  
12 3 'Structure model' '_pdbx_validate_symm_contact.auth_comp_id_1'  
13 3 'Structure model' '_pdbx_validate_symm_contact.auth_comp_id_2'  
14 3 'Structure model' '_pdbx_validate_symm_contact.auth_seq_id_1'   
15 3 'Structure model' '_pdbx_validate_symm_contact.auth_seq_id_2'   
16 3 'Structure model' '_pdbx_validate_symm_contact.dist'            
17 3 'Structure model' '_pdbx_validate_symm_contact.site_symmetry_2' 
18 3 'Structure model' '_struct_keywords.text'                       
# 
loop_
_pdbx_refine_tls.id 
_pdbx_refine_tls.pdbx_refine_id 
_pdbx_refine_tls.details 
_pdbx_refine_tls.method 
_pdbx_refine_tls.origin_x 
_pdbx_refine_tls.origin_y 
_pdbx_refine_tls.origin_z 
_pdbx_refine_tls.T[1][1] 
_pdbx_refine_tls.T[1][1]_esd 
_pdbx_refine_tls.T[1][2] 
_pdbx_refine_tls.T[1][2]_esd 
_pdbx_refine_tls.T[1][3] 
_pdbx_refine_tls.T[1][3]_esd 
_pdbx_refine_tls.T[2][2] 
_pdbx_refine_tls.T[2][2]_esd 
_pdbx_refine_tls.T[2][3] 
_pdbx_refine_tls.T[2][3]_esd 
_pdbx_refine_tls.T[3][3] 
_pdbx_refine_tls.T[3][3]_esd 
_pdbx_refine_tls.L[1][1] 
_pdbx_refine_tls.L[1][1]_esd 
_pdbx_refine_tls.L[1][2] 
_pdbx_refine_tls.L[1][2]_esd 
_pdbx_refine_tls.L[1][3] 
_pdbx_refine_tls.L[1][3]_esd 
_pdbx_refine_tls.L[2][2] 
_pdbx_refine_tls.L[2][2]_esd 
_pdbx_refine_tls.L[2][3] 
_pdbx_refine_tls.L[2][3]_esd 
_pdbx_refine_tls.L[3][3] 
_pdbx_refine_tls.L[3][3]_esd 
_pdbx_refine_tls.S[1][1] 
_pdbx_refine_tls.S[1][1]_esd 
_pdbx_refine_tls.S[1][2] 
_pdbx_refine_tls.S[1][2]_esd 
_pdbx_refine_tls.S[1][3] 
_pdbx_refine_tls.S[1][3]_esd 
_pdbx_refine_tls.S[2][1] 
_pdbx_refine_tls.S[2][1]_esd 
_pdbx_refine_tls.S[2][2] 
_pdbx_refine_tls.S[2][2]_esd 
_pdbx_refine_tls.S[2][3] 
_pdbx_refine_tls.S[2][3]_esd 
_pdbx_refine_tls.S[3][1] 
_pdbx_refine_tls.S[3][1]_esd 
_pdbx_refine_tls.S[3][2] 
_pdbx_refine_tls.S[3][2]_esd 
_pdbx_refine_tls.S[3][3] 
_pdbx_refine_tls.S[3][3]_esd 
1 'X-RAY DIFFRACTION' ? refined -3.5502 -10.6176 6.1765  0.2900 ? -0.0233 ? -0.0784 ? 0.2112 ? 0.0056  ? 0.3164 ? 0.0323 ? -0.0946 ? 0.0538  ? 0.3381 ? 0.1772  ? 0.6253 ? 0.0486  ? 0.1301  ? -0.1967 ? 0.1467  ? -0.0714 ? 0.0140  ? 0.5603  ? 0.0263  ? -0.3590 ? 
2 'X-RAY DIFFRACTION' ? refined 1.9297  1.8115   -3.7727 0.2189 ? 0.0577  ? -0.0066 ? 0.1638 ? -0.0169 ? 0.2238 ? 0.2796 ? -0.0995 ? 0.2239  ? 0.2488 ? -0.2471 ? 0.3223 ? -0.0057 ? 0.0266  ? -0.0834 ? -0.0030 ? 0.0180  ? -0.1357 ? 0.0737  ? -0.0091 ? -0.0666 ? 
3 'X-RAY DIFFRACTION' ? refined -2.2454 5.9547   4.0021  0.2523 ? 0.1082  ? -0.0216 ? 0.1889 ? 0.0381  ? 0.2683 ? 0.3356 ? 0.3580  ? -0.2798 ? 0.5508 ? -0.4187 ? 0.3307 ? 0.1483  ? -0.2228 ? -0.2551 ? 0.1502  ? 0.1932  ? -0.2830 ? 0.6316  ? 0.0229  ? -0.0510 ? 
4 'X-RAY DIFFRACTION' ? refined 3.1349  5.2560   -0.7560 0.1688 ? 0.0722  ? 0.0010  ? 0.1650 ? -0.0126 ? 0.1973 ? 0.2275 ? -0.0606 ? 0.0024  ? 0.0774 ? 0.1559  ? 0.2661 ? -0.0930 ? -0.0077 ? 0.0818  ? -0.0418 ? 0.0432  ? -0.0885 ? -0.1361 ? -0.0668 ? -0.0620 ? 
5 'X-RAY DIFFRACTION' ? refined -0.5200 -2.0011  1.4361  0.1449 ? 0.0120  ? -0.0363 ? 0.1657 ? 0.0238  ? 0.2423 ? 0.1368 ? 0.1422  ? 0.1375  ? 0.1226 ? 0.1003  ? 0.1589 ? -0.0055 ? -0.0701 ? -0.2950 ? 0.0277  ? 0.1322  ? -0.2502 ? -0.2025 ? -0.0772 ? -0.1715 ? 
# 
loop_
_pdbx_refine_tls_group.id 
_pdbx_refine_tls_group.pdbx_refine_id 
_pdbx_refine_tls_group.refine_tls_id 
_pdbx_refine_tls_group.beg_label_asym_id 
_pdbx_refine_tls_group.beg_label_seq_id 
_pdbx_refine_tls_group.beg_auth_asym_id 
_pdbx_refine_tls_group.beg_auth_seq_id 
_pdbx_refine_tls_group.end_label_asym_id 
_pdbx_refine_tls_group.end_label_seq_id 
_pdbx_refine_tls_group.end_auth_asym_id 
_pdbx_refine_tls_group.end_auth_seq_id 
_pdbx_refine_tls_group.selection 
_pdbx_refine_tls_group.selection_details 
1 'X-RAY DIFFRACTION' 1 ? ? ? ? ? ? ? ? ? 
;chain 'A' and (resid 1 through 20 )
;
2 'X-RAY DIFFRACTION' 2 ? ? ? ? ? ? ? ? ? 
;chain 'A' and (resid 21 through 50 )
;
3 'X-RAY DIFFRACTION' 3 ? ? ? ? ? ? ? ? ? 
;chain 'A' and (resid 51 through 61 )
;
4 'X-RAY DIFFRACTION' 4 ? ? ? ? ? ? ? ? ? 
;chain 'A' and (resid 62 through 85 )
;
5 'X-RAY DIFFRACTION' 5 ? ? ? ? ? ? ? ? ? 
;chain 'A' and (resid 86 through 100 )
;
# 
_software.citation_id            ? 
_software.classification         refinement 
_software.compiler_name          ? 
_software.compiler_version       ? 
_software.contact_author         ? 
_software.contact_author_email   ? 
_software.date                   ? 
_software.description            ? 
_software.dependencies           ? 
_software.hardware               ? 
_software.language               ? 
_software.location               ? 
_software.mods                   ? 
_software.name                   PHENIX 
_software.os                     ? 
_software.os_version             ? 
_software.type                   ? 
_software.version                '(phenix.refine: 1.9_1692)' 
_software.pdbx_ordinal           1 
# 
loop_
_pdbx_validate_close_contact.id 
_pdbx_validate_close_contact.PDB_model_num 
_pdbx_validate_close_contact.auth_atom_id_1 
_pdbx_validate_close_contact.auth_asym_id_1 
_pdbx_validate_close_contact.auth_comp_id_1 
_pdbx_validate_close_contact.auth_seq_id_1 
_pdbx_validate_close_contact.PDB_ins_code_1 
_pdbx_validate_close_contact.label_alt_id_1 
_pdbx_validate_close_contact.auth_atom_id_2 
_pdbx_validate_close_contact.auth_asym_id_2 
_pdbx_validate_close_contact.auth_comp_id_2 
_pdbx_validate_close_contact.auth_seq_id_2 
_pdbx_validate_close_contact.PDB_ins_code_2 
_pdbx_validate_close_contact.label_alt_id_2 
_pdbx_validate_close_contact.dist 
1 1 O A HOH 216 ? ? O A HOH 226 ? ? 1.67 
2 1 O A HOH 221 ? ? O A HOH 223 ? ? 1.97 
# 
loop_
_pdbx_validate_symm_contact.id 
_pdbx_validate_symm_contact.PDB_model_num 
_pdbx_validate_symm_contact.auth_atom_id_1 
_pdbx_validate_symm_contact.auth_asym_id_1 
_pdbx_validate_symm_contact.auth_comp_id_1 
_pdbx_validate_symm_contact.auth_seq_id_1 
_pdbx_validate_symm_contact.PDB_ins_code_1 
_pdbx_validate_symm_contact.label_alt_id_1 
_pdbx_validate_symm_contact.site_symmetry_1 
_pdbx_validate_symm_contact.auth_atom_id_2 
_pdbx_validate_symm_contact.auth_asym_id_2 
_pdbx_validate_symm_contact.auth_comp_id_2 
_pdbx_validate_symm_contact.auth_seq_id_2 
_pdbx_validate_symm_contact.PDB_ins_code_2 
_pdbx_validate_symm_contact.label_alt_id_2 
_pdbx_validate_symm_contact.site_symmetry_2 
_pdbx_validate_symm_contact.dist 
1 1 NH2 A ARG 49  ? ? 1_555 NH2 A ARG 49  ? ? 22_564 0.59 
2 1 O   A HOH 232 ? ? 1_555 O   A HOH 238 ? ? 15_564 1.87 
3 1 CZ  A ARG 49  ? ? 1_555 NH2 A ARG 49  ? ? 22_564 1.91 
4 1 O   A HOH 206 ? ? 1_555 O   A HOH 231 ? ? 9_555  2.17 
5 1 O   A HOH 212 ? ? 1_555 O   A HOH 224 ? ? 22_564 2.17 
# 
loop_
_pdbx_unobs_or_zero_occ_atoms.id 
_pdbx_unobs_or_zero_occ_atoms.PDB_model_num 
_pdbx_unobs_or_zero_occ_atoms.polymer_flag 
_pdbx_unobs_or_zero_occ_atoms.occupancy_flag 
_pdbx_unobs_or_zero_occ_atoms.auth_asym_id 
_pdbx_unobs_or_zero_occ_atoms.auth_comp_id 
_pdbx_unobs_or_zero_occ_atoms.auth_seq_id 
_pdbx_unobs_or_zero_occ_atoms.PDB_ins_code 
_pdbx_unobs_or_zero_occ_atoms.auth_atom_id 
_pdbx_unobs_or_zero_occ_atoms.label_alt_id 
_pdbx_unobs_or_zero_occ_atoms.label_asym_id 
_pdbx_unobs_or_zero_occ_atoms.label_comp_id 
_pdbx_unobs_or_zero_occ_atoms.label_seq_id 
_pdbx_unobs_or_zero_occ_atoms.label_atom_id 
1  1 Y 1 A MET 1  ? CE  ? A MET 1  CE  
2  1 Y 1 A ARG 11 ? CB  ? A ARG 11 CB  
3  1 Y 1 A ARG 11 ? CG  ? A ARG 11 CG  
4  1 Y 1 A ARG 11 ? CD  ? A ARG 11 CD  
5  1 Y 1 A ARG 11 ? NE  ? A ARG 11 NE  
6  1 Y 1 A ARG 11 ? CZ  ? A ARG 11 CZ  
7  1 Y 1 A ARG 11 ? NH1 ? A ARG 11 NH1 
8  1 Y 1 A ARG 11 ? NH2 ? A ARG 11 NH2 
9  1 Y 1 A GLU 54 ? CD  ? A GLU 54 CD  
10 1 Y 1 A GLU 54 ? OE1 ? A GLU 54 OE1 
11 1 Y 1 A GLU 54 ? OE2 ? A GLU 54 OE2 
12 1 Y 1 A LYS 56 ? CE  ? A LYS 56 CE  
13 1 Y 1 A LYS 56 ? NZ  ? A LYS 56 NZ  
14 1 Y 1 A LYS 73 ? CD  ? A LYS 73 CD  
15 1 Y 1 A LYS 73 ? CE  ? A LYS 73 CE  
16 1 Y 1 A LYS 73 ? NZ  ? A LYS 73 NZ  
17 1 Y 1 A ARG 81 ? NE  ? A ARG 81 NE  
18 1 Y 1 A ARG 81 ? CZ  ? A ARG 81 CZ  
19 1 Y 1 A ARG 81 ? NH1 ? A ARG 81 NH1 
20 1 Y 1 A ARG 81 ? NH2 ? A ARG 81 NH2 
# 
loop_
_chem_comp_atom.comp_id 
_chem_comp_atom.atom_id 
_chem_comp_atom.type_symbol 
_chem_comp_atom.pdbx_aromatic_flag 
_chem_comp_atom.pdbx_stereo_config 
_chem_comp_atom.pdbx_ordinal 
ALA N    N N N 1   
ALA CA   C N S 2   
ALA C    C N N 3   
ALA O    O N N 4   
ALA CB   C N N 5   
ALA OXT  O N N 6   
ALA H    H N N 7   
ALA H2   H N N 8   
ALA HA   H N N 9   
ALA HB1  H N N 10  
ALA HB2  H N N 11  
ALA HB3  H N N 12  
ALA HXT  H N N 13  
ARG N    N N N 14  
ARG CA   C N S 15  
ARG C    C N N 16  
ARG O    O N N 17  
ARG CB   C N N 18  
ARG CG   C N N 19  
ARG CD   C N N 20  
ARG NE   N N N 21  
ARG CZ   C N N 22  
ARG NH1  N N N 23  
ARG NH2  N N N 24  
ARG OXT  O N N 25  
ARG H    H N N 26  
ARG H2   H N N 27  
ARG HA   H N N 28  
ARG HB2  H N N 29  
ARG HB3  H N N 30  
ARG HG2  H N N 31  
ARG HG3  H N N 32  
ARG HD2  H N N 33  
ARG HD3  H N N 34  
ARG HE   H N N 35  
ARG HH11 H N N 36  
ARG HH12 H N N 37  
ARG HH21 H N N 38  
ARG HH22 H N N 39  
ARG HXT  H N N 40  
ASN N    N N N 41  
ASN CA   C N S 42  
ASN C    C N N 43  
ASN O    O N N 44  
ASN CB   C N N 45  
ASN CG   C N N 46  
ASN OD1  O N N 47  
ASN ND2  N N N 48  
ASN OXT  O N N 49  
ASN H    H N N 50  
ASN H2   H N N 51  
ASN HA   H N N 52  
ASN HB2  H N N 53  
ASN HB3  H N N 54  
ASN HD21 H N N 55  
ASN HD22 H N N 56  
ASN HXT  H N N 57  
ASP N    N N N 58  
ASP CA   C N S 59  
ASP C    C N N 60  
ASP O    O N N 61  
ASP CB   C N N 62  
ASP CG   C N N 63  
ASP OD1  O N N 64  
ASP OD2  O N N 65  
ASP OXT  O N N 66  
ASP H    H N N 67  
ASP H2   H N N 68  
ASP HA   H N N 69  
ASP HB2  H N N 70  
ASP HB3  H N N 71  
ASP HD2  H N N 72  
ASP HXT  H N N 73  
GLU N    N N N 74  
GLU CA   C N S 75  
GLU C    C N N 76  
GLU O    O N N 77  
GLU CB   C N N 78  
GLU CG   C N N 79  
GLU CD   C N N 80  
GLU OE1  O N N 81  
GLU OE2  O N N 82  
GLU OXT  O N N 83  
GLU H    H N N 84  
GLU H2   H N N 85  
GLU HA   H N N 86  
GLU HB2  H N N 87  
GLU HB3  H N N 88  
GLU HG2  H N N 89  
GLU HG3  H N N 90  
GLU HE2  H N N 91  
GLU HXT  H N N 92  
GLY N    N N N 93  
GLY CA   C N N 94  
GLY C    C N N 95  
GLY O    O N N 96  
GLY OXT  O N N 97  
GLY H    H N N 98  
GLY H2   H N N 99  
GLY HA2  H N N 100 
GLY HA3  H N N 101 
GLY HXT  H N N 102 
HIS N    N N N 103 
HIS CA   C N S 104 
HIS C    C N N 105 
HIS O    O N N 106 
HIS CB   C N N 107 
HIS CG   C Y N 108 
HIS ND1  N Y N 109 
HIS CD2  C Y N 110 
HIS CE1  C Y N 111 
HIS NE2  N Y N 112 
HIS OXT  O N N 113 
HIS H    H N N 114 
HIS H2   H N N 115 
HIS HA   H N N 116 
HIS HB2  H N N 117 
HIS HB3  H N N 118 
HIS HD1  H N N 119 
HIS HD2  H N N 120 
HIS HE1  H N N 121 
HIS HE2  H N N 122 
HIS HXT  H N N 123 
HOH O    O N N 124 
HOH H1   H N N 125 
HOH H2   H N N 126 
ILE N    N N N 127 
ILE CA   C N S 128 
ILE C    C N N 129 
ILE O    O N N 130 
ILE CB   C N S 131 
ILE CG1  C N N 132 
ILE CG2  C N N 133 
ILE CD1  C N N 134 
ILE OXT  O N N 135 
ILE H    H N N 136 
ILE H2   H N N 137 
ILE HA   H N N 138 
ILE HB   H N N 139 
ILE HG12 H N N 140 
ILE HG13 H N N 141 
ILE HG21 H N N 142 
ILE HG22 H N N 143 
ILE HG23 H N N 144 
ILE HD11 H N N 145 
ILE HD12 H N N 146 
ILE HD13 H N N 147 
ILE HXT  H N N 148 
LEU N    N N N 149 
LEU CA   C N S 150 
LEU C    C N N 151 
LEU O    O N N 152 
LEU CB   C N N 153 
LEU CG   C N N 154 
LEU CD1  C N N 155 
LEU CD2  C N N 156 
LEU OXT  O N N 157 
LEU H    H N N 158 
LEU H2   H N N 159 
LEU HA   H N N 160 
LEU HB2  H N N 161 
LEU HB3  H N N 162 
LEU HG   H N N 163 
LEU HD11 H N N 164 
LEU HD12 H N N 165 
LEU HD13 H N N 166 
LEU HD21 H N N 167 
LEU HD22 H N N 168 
LEU HD23 H N N 169 
LEU HXT  H N N 170 
LYS N    N N N 171 
LYS CA   C N S 172 
LYS C    C N N 173 
LYS O    O N N 174 
LYS CB   C N N 175 
LYS CG   C N N 176 
LYS CD   C N N 177 
LYS CE   C N N 178 
LYS NZ   N N N 179 
LYS OXT  O N N 180 
LYS H    H N N 181 
LYS H2   H N N 182 
LYS HA   H N N 183 
LYS HB2  H N N 184 
LYS HB3  H N N 185 
LYS HG2  H N N 186 
LYS HG3  H N N 187 
LYS HD2  H N N 188 
LYS HD3  H N N 189 
LYS HE2  H N N 190 
LYS HE3  H N N 191 
LYS HZ1  H N N 192 
LYS HZ2  H N N 193 
LYS HZ3  H N N 194 
LYS HXT  H N N 195 
MET N    N N N 196 
MET CA   C N S 197 
MET C    C N N 198 
MET O    O N N 199 
MET CB   C N N 200 
MET CG   C N N 201 
MET SD   S N N 202 
MET CE   C N N 203 
MET OXT  O N N 204 
MET H    H N N 205 
MET H2   H N N 206 
MET HA   H N N 207 
MET HB2  H N N 208 
MET HB3  H N N 209 
MET HG2  H N N 210 
MET HG3  H N N 211 
MET HE1  H N N 212 
MET HE2  H N N 213 
MET HE3  H N N 214 
MET HXT  H N N 215 
PHE N    N N N 216 
PHE CA   C N S 217 
PHE C    C N N 218 
PHE O    O N N 219 
PHE CB   C N N 220 
PHE CG   C Y N 221 
PHE CD1  C Y N 222 
PHE CD2  C Y N 223 
PHE CE1  C Y N 224 
PHE CE2  C Y N 225 
PHE CZ   C Y N 226 
PHE OXT  O N N 227 
PHE H    H N N 228 
PHE H2   H N N 229 
PHE HA   H N N 230 
PHE HB2  H N N 231 
PHE HB3  H N N 232 
PHE HD1  H N N 233 
PHE HD2  H N N 234 
PHE HE1  H N N 235 
PHE HE2  H N N 236 
PHE HZ   H N N 237 
PHE HXT  H N N 238 
PRO N    N N N 239 
PRO CA   C N S 240 
PRO C    C N N 241 
PRO O    O N N 242 
PRO CB   C N N 243 
PRO CG   C N N 244 
PRO CD   C N N 245 
PRO OXT  O N N 246 
PRO H    H N N 247 
PRO HA   H N N 248 
PRO HB2  H N N 249 
PRO HB3  H N N 250 
PRO HG2  H N N 251 
PRO HG3  H N N 252 
PRO HD2  H N N 253 
PRO HD3  H N N 254 
PRO HXT  H N N 255 
SER N    N N N 256 
SER CA   C N S 257 
SER C    C N N 258 
SER O    O N N 259 
SER CB   C N N 260 
SER OG   O N N 261 
SER OXT  O N N 262 
SER H    H N N 263 
SER H2   H N N 264 
SER HA   H N N 265 
SER HB2  H N N 266 
SER HB3  H N N 267 
SER HG   H N N 268 
SER HXT  H N N 269 
THR N    N N N 270 
THR CA   C N S 271 
THR C    C N N 272 
THR O    O N N 273 
THR CB   C N R 274 
THR OG1  O N N 275 
THR CG2  C N N 276 
THR OXT  O N N 277 
THR H    H N N 278 
THR H2   H N N 279 
THR HA   H N N 280 
THR HB   H N N 281 
THR HG1  H N N 282 
THR HG21 H N N 283 
THR HG22 H N N 284 
THR HG23 H N N 285 
THR HXT  H N N 286 
TRP N    N N N 287 
TRP CA   C N S 288 
TRP C    C N N 289 
TRP O    O N N 290 
TRP CB   C N N 291 
TRP CG   C Y N 292 
TRP CD1  C Y N 293 
TRP CD2  C Y N 294 
TRP NE1  N Y N 295 
TRP CE2  C Y N 296 
TRP CE3  C Y N 297 
TRP CZ2  C Y N 298 
TRP CZ3  C Y N 299 
TRP CH2  C Y N 300 
TRP OXT  O N N 301 
TRP H    H N N 302 
TRP H2   H N N 303 
TRP HA   H N N 304 
TRP HB2  H N N 305 
TRP HB3  H N N 306 
TRP HD1  H N N 307 
TRP HE1  H N N 308 
TRP HE3  H N N 309 
TRP HZ2  H N N 310 
TRP HZ3  H N N 311 
TRP HH2  H N N 312 
TRP HXT  H N N 313 
TYR N    N N N 314 
TYR CA   C N S 315 
TYR C    C N N 316 
TYR O    O N N 317 
TYR CB   C N N 318 
TYR CG   C Y N 319 
TYR CD1  C Y N 320 
TYR CD2  C Y N 321 
TYR CE1  C Y N 322 
TYR CE2  C Y N 323 
TYR CZ   C Y N 324 
TYR OH   O N N 325 
TYR OXT  O N N 326 
TYR H    H N N 327 
TYR H2   H N N 328 
TYR HA   H N N 329 
TYR HB2  H N N 330 
TYR HB3  H N N 331 
TYR HD1  H N N 332 
TYR HD2  H N N 333 
TYR HE1  H N N 334 
TYR HE2  H N N 335 
TYR HH   H N N 336 
TYR HXT  H N N 337 
VAL N    N N N 338 
VAL CA   C N S 339 
VAL C    C N N 340 
VAL O    O N N 341 
VAL CB   C N N 342 
VAL CG1  C N N 343 
VAL CG2  C N N 344 
VAL OXT  O N N 345 
VAL H    H N N 346 
VAL H2   H N N 347 
VAL HA   H N N 348 
VAL HB   H N N 349 
VAL HG11 H N N 350 
VAL HG12 H N N 351 
VAL HG13 H N N 352 
VAL HG21 H N N 353 
VAL HG22 H N N 354 
VAL HG23 H N N 355 
VAL HXT  H N N 356 
# 
loop_
_chem_comp_bond.comp_id 
_chem_comp_bond.atom_id_1 
_chem_comp_bond.atom_id_2 
_chem_comp_bond.value_order 
_chem_comp_bond.pdbx_aromatic_flag 
_chem_comp_bond.pdbx_stereo_config 
_chem_comp_bond.pdbx_ordinal 
ALA N   CA   sing N N 1   
ALA N   H    sing N N 2   
ALA N   H2   sing N N 3   
ALA CA  C    sing N N 4   
ALA CA  CB   sing N N 5   
ALA CA  HA   sing N N 6   
ALA C   O    doub N N 7   
ALA C   OXT  sing N N 8   
ALA CB  HB1  sing N N 9   
ALA CB  HB2  sing N N 10  
ALA CB  HB3  sing N N 11  
ALA OXT HXT  sing N N 12  
ARG N   CA   sing N N 13  
ARG N   H    sing N N 14  
ARG N   H2   sing N N 15  
ARG CA  C    sing N N 16  
ARG CA  CB   sing N N 17  
ARG CA  HA   sing N N 18  
ARG C   O    doub N N 19  
ARG C   OXT  sing N N 20  
ARG CB  CG   sing N N 21  
ARG CB  HB2  sing N N 22  
ARG CB  HB3  sing N N 23  
ARG CG  CD   sing N N 24  
ARG CG  HG2  sing N N 25  
ARG CG  HG3  sing N N 26  
ARG CD  NE   sing N N 27  
ARG CD  HD2  sing N N 28  
ARG CD  HD3  sing N N 29  
ARG NE  CZ   sing N N 30  
ARG NE  HE   sing N N 31  
ARG CZ  NH1  sing N N 32  
ARG CZ  NH2  doub N N 33  
ARG NH1 HH11 sing N N 34  
ARG NH1 HH12 sing N N 35  
ARG NH2 HH21 sing N N 36  
ARG NH2 HH22 sing N N 37  
ARG OXT HXT  sing N N 38  
ASN N   CA   sing N N 39  
ASN N   H    sing N N 40  
ASN N   H2   sing N N 41  
ASN CA  C    sing N N 42  
ASN CA  CB   sing N N 43  
ASN CA  HA   sing N N 44  
ASN C   O    doub N N 45  
ASN C   OXT  sing N N 46  
ASN CB  CG   sing N N 47  
ASN CB  HB2  sing N N 48  
ASN CB  HB3  sing N N 49  
ASN CG  OD1  doub N N 50  
ASN CG  ND2  sing N N 51  
ASN ND2 HD21 sing N N 52  
ASN ND2 HD22 sing N N 53  
ASN OXT HXT  sing N N 54  
ASP N   CA   sing N N 55  
ASP N   H    sing N N 56  
ASP N   H2   sing N N 57  
ASP CA  C    sing N N 58  
ASP CA  CB   sing N N 59  
ASP CA  HA   sing N N 60  
ASP C   O    doub N N 61  
ASP C   OXT  sing N N 62  
ASP CB  CG   sing N N 63  
ASP CB  HB2  sing N N 64  
ASP CB  HB3  sing N N 65  
ASP CG  OD1  doub N N 66  
ASP CG  OD2  sing N N 67  
ASP OD2 HD2  sing N N 68  
ASP OXT HXT  sing N N 69  
GLU N   CA   sing N N 70  
GLU N   H    sing N N 71  
GLU N   H2   sing N N 72  
GLU CA  C    sing N N 73  
GLU CA  CB   sing N N 74  
GLU CA  HA   sing N N 75  
GLU C   O    doub N N 76  
GLU C   OXT  sing N N 77  
GLU CB  CG   sing N N 78  
GLU CB  HB2  sing N N 79  
GLU CB  HB3  sing N N 80  
GLU CG  CD   sing N N 81  
GLU CG  HG2  sing N N 82  
GLU CG  HG3  sing N N 83  
GLU CD  OE1  doub N N 84  
GLU CD  OE2  sing N N 85  
GLU OE2 HE2  sing N N 86  
GLU OXT HXT  sing N N 87  
GLY N   CA   sing N N 88  
GLY N   H    sing N N 89  
GLY N   H2   sing N N 90  
GLY CA  C    sing N N 91  
GLY CA  HA2  sing N N 92  
GLY CA  HA3  sing N N 93  
GLY C   O    doub N N 94  
GLY C   OXT  sing N N 95  
GLY OXT HXT  sing N N 96  
HIS N   CA   sing N N 97  
HIS N   H    sing N N 98  
HIS N   H2   sing N N 99  
HIS CA  C    sing N N 100 
HIS CA  CB   sing N N 101 
HIS CA  HA   sing N N 102 
HIS C   O    doub N N 103 
HIS C   OXT  sing N N 104 
HIS CB  CG   sing N N 105 
HIS CB  HB2  sing N N 106 
HIS CB  HB3  sing N N 107 
HIS CG  ND1  sing Y N 108 
HIS CG  CD2  doub Y N 109 
HIS ND1 CE1  doub Y N 110 
HIS ND1 HD1  sing N N 111 
HIS CD2 NE2  sing Y N 112 
HIS CD2 HD2  sing N N 113 
HIS CE1 NE2  sing Y N 114 
HIS CE1 HE1  sing N N 115 
HIS NE2 HE2  sing N N 116 
HIS OXT HXT  sing N N 117 
HOH O   H1   sing N N 118 
HOH O   H2   sing N N 119 
ILE N   CA   sing N N 120 
ILE N   H    sing N N 121 
ILE N   H2   sing N N 122 
ILE CA  C    sing N N 123 
ILE CA  CB   sing N N 124 
ILE CA  HA   sing N N 125 
ILE C   O    doub N N 126 
ILE C   OXT  sing N N 127 
ILE CB  CG1  sing N N 128 
ILE CB  CG2  sing N N 129 
ILE CB  HB   sing N N 130 
ILE CG1 CD1  sing N N 131 
ILE CG1 HG12 sing N N 132 
ILE CG1 HG13 sing N N 133 
ILE CG2 HG21 sing N N 134 
ILE CG2 HG22 sing N N 135 
ILE CG2 HG23 sing N N 136 
ILE CD1 HD11 sing N N 137 
ILE CD1 HD12 sing N N 138 
ILE CD1 HD13 sing N N 139 
ILE OXT HXT  sing N N 140 
LEU N   CA   sing N N 141 
LEU N   H    sing N N 142 
LEU N   H2   sing N N 143 
LEU CA  C    sing N N 144 
LEU CA  CB   sing N N 145 
LEU CA  HA   sing N N 146 
LEU C   O    doub N N 147 
LEU C   OXT  sing N N 148 
LEU CB  CG   sing N N 149 
LEU CB  HB2  sing N N 150 
LEU CB  HB3  sing N N 151 
LEU CG  CD1  sing N N 152 
LEU CG  CD2  sing N N 153 
LEU CG  HG   sing N N 154 
LEU CD1 HD11 sing N N 155 
LEU CD1 HD12 sing N N 156 
LEU CD1 HD13 sing N N 157 
LEU CD2 HD21 sing N N 158 
LEU CD2 HD22 sing N N 159 
LEU CD2 HD23 sing N N 160 
LEU OXT HXT  sing N N 161 
LYS N   CA   sing N N 162 
LYS N   H    sing N N 163 
LYS N   H2   sing N N 164 
LYS CA  C    sing N N 165 
LYS CA  CB   sing N N 166 
LYS CA  HA   sing N N 167 
LYS C   O    doub N N 168 
LYS C   OXT  sing N N 169 
LYS CB  CG   sing N N 170 
LYS CB  HB2  sing N N 171 
LYS CB  HB3  sing N N 172 
LYS CG  CD   sing N N 173 
LYS CG  HG2  sing N N 174 
LYS CG  HG3  sing N N 175 
LYS CD  CE   sing N N 176 
LYS CD  HD2  sing N N 177 
LYS CD  HD3  sing N N 178 
LYS CE  NZ   sing N N 179 
LYS CE  HE2  sing N N 180 
LYS CE  HE3  sing N N 181 
LYS NZ  HZ1  sing N N 182 
LYS NZ  HZ2  sing N N 183 
LYS NZ  HZ3  sing N N 184 
LYS OXT HXT  sing N N 185 
MET N   CA   sing N N 186 
MET N   H    sing N N 187 
MET N   H2   sing N N 188 
MET CA  C    sing N N 189 
MET CA  CB   sing N N 190 
MET CA  HA   sing N N 191 
MET C   O    doub N N 192 
MET C   OXT  sing N N 193 
MET CB  CG   sing N N 194 
MET CB  HB2  sing N N 195 
MET CB  HB3  sing N N 196 
MET CG  SD   sing N N 197 
MET CG  HG2  sing N N 198 
MET CG  HG3  sing N N 199 
MET SD  CE   sing N N 200 
MET CE  HE1  sing N N 201 
MET CE  HE2  sing N N 202 
MET CE  HE3  sing N N 203 
MET OXT HXT  sing N N 204 
PHE N   CA   sing N N 205 
PHE N   H    sing N N 206 
PHE N   H2   sing N N 207 
PHE CA  C    sing N N 208 
PHE CA  CB   sing N N 209 
PHE CA  HA   sing N N 210 
PHE C   O    doub N N 211 
PHE C   OXT  sing N N 212 
PHE CB  CG   sing N N 213 
PHE CB  HB2  sing N N 214 
PHE CB  HB3  sing N N 215 
PHE CG  CD1  doub Y N 216 
PHE CG  CD2  sing Y N 217 
PHE CD1 CE1  sing Y N 218 
PHE CD1 HD1  sing N N 219 
PHE CD2 CE2  doub Y N 220 
PHE CD2 HD2  sing N N 221 
PHE CE1 CZ   doub Y N 222 
PHE CE1 HE1  sing N N 223 
PHE CE2 CZ   sing Y N 224 
PHE CE2 HE2  sing N N 225 
PHE CZ  HZ   sing N N 226 
PHE OXT HXT  sing N N 227 
PRO N   CA   sing N N 228 
PRO N   CD   sing N N 229 
PRO N   H    sing N N 230 
PRO CA  C    sing N N 231 
PRO CA  CB   sing N N 232 
PRO CA  HA   sing N N 233 
PRO C   O    doub N N 234 
PRO C   OXT  sing N N 235 
PRO CB  CG   sing N N 236 
PRO CB  HB2  sing N N 237 
PRO CB  HB3  sing N N 238 
PRO CG  CD   sing N N 239 
PRO CG  HG2  sing N N 240 
PRO CG  HG3  sing N N 241 
PRO CD  HD2  sing N N 242 
PRO CD  HD3  sing N N 243 
PRO OXT HXT  sing N N 244 
SER N   CA   sing N N 245 
SER N   H    sing N N 246 
SER N   H2   sing N N 247 
SER CA  C    sing N N 248 
SER CA  CB   sing N N 249 
SER CA  HA   sing N N 250 
SER C   O    doub N N 251 
SER C   OXT  sing N N 252 
SER CB  OG   sing N N 253 
SER CB  HB2  sing N N 254 
SER CB  HB3  sing N N 255 
SER OG  HG   sing N N 256 
SER OXT HXT  sing N N 257 
THR N   CA   sing N N 258 
THR N   H    sing N N 259 
THR N   H2   sing N N 260 
THR CA  C    sing N N 261 
THR CA  CB   sing N N 262 
THR CA  HA   sing N N 263 
THR C   O    doub N N 264 
THR C   OXT  sing N N 265 
THR CB  OG1  sing N N 266 
THR CB  CG2  sing N N 267 
THR CB  HB   sing N N 268 
THR OG1 HG1  sing N N 269 
THR CG2 HG21 sing N N 270 
THR CG2 HG22 sing N N 271 
THR CG2 HG23 sing N N 272 
THR OXT HXT  sing N N 273 
TRP N   CA   sing N N 274 
TRP N   H    sing N N 275 
TRP N   H2   sing N N 276 
TRP CA  C    sing N N 277 
TRP CA  CB   sing N N 278 
TRP CA  HA   sing N N 279 
TRP C   O    doub N N 280 
TRP C   OXT  sing N N 281 
TRP CB  CG   sing N N 282 
TRP CB  HB2  sing N N 283 
TRP CB  HB3  sing N N 284 
TRP CG  CD1  doub Y N 285 
TRP CG  CD2  sing Y N 286 
TRP CD1 NE1  sing Y N 287 
TRP CD1 HD1  sing N N 288 
TRP CD2 CE2  doub Y N 289 
TRP CD2 CE3  sing Y N 290 
TRP NE1 CE2  sing Y N 291 
TRP NE1 HE1  sing N N 292 
TRP CE2 CZ2  sing Y N 293 
TRP CE3 CZ3  doub Y N 294 
TRP CE3 HE3  sing N N 295 
TRP CZ2 CH2  doub Y N 296 
TRP CZ2 HZ2  sing N N 297 
TRP CZ3 CH2  sing Y N 298 
TRP CZ3 HZ3  sing N N 299 
TRP CH2 HH2  sing N N 300 
TRP OXT HXT  sing N N 301 
TYR N   CA   sing N N 302 
TYR N   H    sing N N 303 
TYR N   H2   sing N N 304 
TYR CA  C    sing N N 305 
TYR CA  CB   sing N N 306 
TYR CA  HA   sing N N 307 
TYR C   O    doub N N 308 
TYR C   OXT  sing N N 309 
TYR CB  CG   sing N N 310 
TYR CB  HB2  sing N N 311 
TYR CB  HB3  sing N N 312 
TYR CG  CD1  doub Y N 313 
TYR CG  CD2  sing Y N 314 
TYR CD1 CE1  sing Y N 315 
TYR CD1 HD1  sing N N 316 
TYR CD2 CE2  doub Y N 317 
TYR CD2 HD2  sing N N 318 
TYR CE1 CZ   doub Y N 319 
TYR CE1 HE1  sing N N 320 
TYR CE2 CZ   sing Y N 321 
TYR CE2 HE2  sing N N 322 
TYR CZ  OH   sing N N 323 
TYR OH  HH   sing N N 324 
TYR OXT HXT  sing N N 325 
VAL N   CA   sing N N 326 
VAL N   H    sing N N 327 
VAL N   H2   sing N N 328 
VAL CA  C    sing N N 329 
VAL CA  CB   sing N N 330 
VAL CA  HA   sing N N 331 
VAL C   O    doub N N 332 
VAL C   OXT  sing N N 333 
VAL CB  CG1  sing N N 334 
VAL CB  CG2  sing N N 335 
VAL CB  HB   sing N N 336 
VAL CG1 HG11 sing N N 337 
VAL CG1 HG12 sing N N 338 
VAL CG1 HG13 sing N N 339 
VAL CG2 HG21 sing N N 340 
VAL CG2 HG22 sing N N 341 
VAL CG2 HG23 sing N N 342 
VAL OXT HXT  sing N N 343 
# 
_pdbx_entity_nonpoly.entity_id   2 
_pdbx_entity_nonpoly.name        water 
_pdbx_entity_nonpoly.comp_id     HOH 
# 
_pdbx_initial_refinement_model.id               1 
_pdbx_initial_refinement_model.entity_id_list   ? 
_pdbx_initial_refinement_model.type             'experimental model' 
_pdbx_initial_refinement_model.source_name      PDB 
_pdbx_initial_refinement_model.accession_code   2CK2 
_pdbx_initial_refinement_model.details          ? 
# 
